data_2JSF
#
_entry.id   2JSF
#
_entity_poly.entity_id   1
_entity_poly.type   'polypeptide(L)'
_entity_poly.pdbx_seq_one_letter_code
;MDKLQLKGMSYSMCTGKFKVVKEIAETQHGTIVIRVQYEGDGSPCKIPFEIMDLEKRHVLGRLITVNPIVTEKDSPVNIE
AEPPFGDSYIIIGVEPGQLKLNWFKKGSSLEHHHHHH
;
_entity_poly.pdbx_strand_id   A
#
# COMPACT_ATOMS: atom_id res chain seq x y z
N MET A 1 -14.14 9.34 -17.05
CA MET A 1 -15.40 10.09 -17.30
C MET A 1 -15.63 11.14 -16.21
N ASP A 2 -15.56 10.73 -14.97
CA ASP A 2 -15.77 11.70 -13.85
C ASP A 2 -14.48 11.86 -13.04
N LYS A 3 -13.35 11.59 -13.64
CA LYS A 3 -12.06 11.73 -12.90
C LYS A 3 -11.19 12.80 -13.54
N LEU A 4 -10.36 13.44 -12.78
CA LEU A 4 -9.47 14.50 -13.35
C LEU A 4 -8.37 14.86 -12.34
N GLN A 5 -7.52 13.92 -12.01
CA GLN A 5 -6.43 14.21 -11.05
C GLN A 5 -5.25 13.26 -11.30
N LEU A 6 -5.52 11.99 -11.46
CA LEU A 6 -4.41 11.02 -11.70
C LEU A 6 -4.24 10.78 -13.21
N LYS A 7 -3.61 11.69 -13.89
CA LYS A 7 -3.40 11.52 -15.36
C LYS A 7 -2.14 10.69 -15.62
N GLY A 8 -2.30 9.43 -15.93
CA GLY A 8 -1.10 8.57 -16.20
C GLY A 8 -1.22 7.26 -15.42
N MET A 9 -1.01 6.16 -16.06
CA MET A 9 -1.11 4.85 -15.36
C MET A 9 -2.40 4.80 -14.54
N SER A 10 -3.52 5.05 -15.16
CA SER A 10 -4.81 5.01 -14.41
C SER A 10 -5.83 4.15 -15.16
N TYR A 11 -6.85 3.70 -14.48
CA TYR A 11 -7.88 2.86 -15.14
C TYR A 11 -9.24 3.10 -14.47
N SER A 12 -9.43 2.57 -13.29
CA SER A 12 -10.73 2.76 -12.58
C SER A 12 -10.45 2.91 -11.07
N MET A 13 -11.02 2.07 -10.26
CA MET A 13 -10.77 2.18 -8.79
C MET A 13 -11.48 1.06 -8.04
N CYS A 14 -10.77 0.01 -7.71
CA CYS A 14 -11.41 -1.12 -6.98
C CYS A 14 -11.88 -0.62 -5.61
N THR A 15 -13.14 -0.22 -5.52
CA THR A 15 -13.65 0.31 -4.23
C THR A 15 -14.22 -0.81 -3.34
N GLY A 16 -14.31 -2.02 -3.84
CA GLY A 16 -14.85 -3.12 -3.00
C GLY A 16 -13.96 -3.31 -1.78
N LYS A 17 -13.56 -4.52 -1.52
CA LYS A 17 -12.69 -4.78 -0.33
C LYS A 17 -11.41 -5.50 -0.76
N PHE A 18 -10.52 -5.77 0.15
CA PHE A 18 -9.26 -6.46 -0.26
C PHE A 18 -8.90 -7.58 0.72
N LYS A 19 -8.38 -8.66 0.21
CA LYS A 19 -7.98 -9.79 1.07
C LYS A 19 -6.46 -9.95 1.03
N VAL A 20 -5.79 -9.78 2.13
CA VAL A 20 -4.31 -9.91 2.09
C VAL A 20 -3.93 -11.32 1.60
N VAL A 21 -3.14 -11.37 0.57
CA VAL A 21 -2.71 -12.67 0.02
C VAL A 21 -1.33 -12.97 0.58
N LYS A 22 -0.58 -11.94 0.86
CA LYS A 22 0.76 -12.12 1.46
C LYS A 22 1.12 -10.91 2.32
N GLU A 23 1.68 -11.17 3.46
CA GLU A 23 2.06 -10.07 4.39
C GLU A 23 2.97 -9.07 3.69
N ILE A 24 2.96 -7.84 4.12
CA ILE A 24 3.83 -6.83 3.46
C ILE A 24 5.25 -7.36 3.33
N ALA A 25 5.81 -7.25 2.17
CA ALA A 25 7.20 -7.71 1.96
C ALA A 25 8.10 -6.49 1.79
N GLU A 26 9.39 -6.65 1.76
CA GLU A 26 10.27 -5.48 1.61
C GLU A 26 10.97 -5.51 0.25
N THR A 27 10.93 -4.42 -0.46
CA THR A 27 11.60 -4.38 -1.80
C THR A 27 13.12 -4.29 -1.63
N GLN A 28 13.59 -4.26 -0.41
CA GLN A 28 15.06 -4.17 -0.17
C GLN A 28 15.57 -2.78 -0.58
N HIS A 29 14.68 -1.86 -0.83
CA HIS A 29 15.12 -0.49 -1.23
C HIS A 29 14.43 0.56 -0.37
N GLY A 30 13.78 0.14 0.69
CA GLY A 30 13.09 1.12 1.58
C GLY A 30 11.58 0.95 1.44
N THR A 31 11.14 0.36 0.37
CA THR A 31 9.67 0.16 0.17
C THR A 31 9.24 -1.20 0.73
N ILE A 32 8.00 -1.54 0.52
CA ILE A 32 7.48 -2.85 0.99
C ILE A 32 6.42 -3.31 0.01
N VAL A 33 6.11 -4.56 0.00
CA VAL A 33 5.09 -5.04 -0.97
C VAL A 33 3.94 -5.76 -0.28
N ILE A 34 2.73 -5.40 -0.62
CA ILE A 34 1.55 -6.06 0.00
C ILE A 34 0.78 -6.83 -1.06
N ARG A 35 0.75 -8.12 -0.94
CA ARG A 35 -0.01 -8.92 -1.95
C ARG A 35 -1.40 -9.19 -1.42
N VAL A 36 -2.39 -8.84 -2.16
CA VAL A 36 -3.77 -9.05 -1.68
C VAL A 36 -4.66 -9.30 -2.87
N GLN A 37 -5.76 -9.88 -2.64
CA GLN A 37 -6.66 -10.17 -3.75
C GLN A 37 -7.81 -9.17 -3.69
N TYR A 38 -8.03 -8.46 -4.74
CA TYR A 38 -9.12 -7.45 -4.71
C TYR A 38 -10.47 -8.12 -4.44
N GLU A 39 -11.13 -7.70 -3.40
CA GLU A 39 -12.46 -8.28 -3.06
C GLU A 39 -13.54 -7.26 -3.39
N GLY A 40 -14.73 -7.70 -3.71
CA GLY A 40 -15.80 -6.74 -4.05
C GLY A 40 -16.04 -6.76 -5.55
N ASP A 41 -16.37 -5.63 -6.11
CA ASP A 41 -16.61 -5.57 -7.58
C ASP A 41 -15.81 -4.41 -8.19
N GLY A 42 -15.05 -4.66 -9.22
CA GLY A 42 -14.27 -3.56 -9.83
C GLY A 42 -13.62 -4.02 -11.15
N SER A 43 -13.30 -5.28 -11.28
CA SER A 43 -12.66 -5.73 -12.55
C SER A 43 -11.39 -4.88 -12.77
N PRO A 44 -10.96 -4.72 -14.00
CA PRO A 44 -9.75 -3.91 -14.25
C PRO A 44 -9.90 -2.54 -13.57
N CYS A 45 -9.49 -2.42 -12.33
CA CYS A 45 -9.59 -1.12 -11.61
C CYS A 45 -8.37 -0.89 -10.72
N LYS A 46 -8.29 0.26 -10.12
CA LYS A 46 -7.10 0.57 -9.27
C LYS A 46 -7.30 0.10 -7.82
N ILE A 47 -6.23 -0.01 -7.10
CA ILE A 47 -6.32 -0.49 -5.70
C ILE A 47 -6.14 0.65 -4.69
N PRO A 48 -7.13 0.78 -3.84
CA PRO A 48 -7.09 1.83 -2.79
C PRO A 48 -5.91 1.63 -1.85
N PHE A 49 -5.34 2.69 -1.37
CA PHE A 49 -4.18 2.58 -0.45
C PHE A 49 -4.13 3.83 0.42
N GLU A 50 -3.56 3.74 1.60
CA GLU A 50 -3.49 4.95 2.46
C GLU A 50 -2.35 4.81 3.48
N ILE A 51 -1.36 5.66 3.37
CA ILE A 51 -0.21 5.61 4.31
C ILE A 51 0.52 6.96 4.30
N MET A 52 -0.09 7.98 4.85
CA MET A 52 0.57 9.33 4.86
C MET A 52 0.59 9.91 6.27
N ASP A 53 -0.55 10.26 6.79
CA ASP A 53 -0.60 10.84 8.16
C ASP A 53 -2.02 11.33 8.50
N LEU A 54 -2.15 12.19 9.47
CA LEU A 54 -3.50 12.70 9.84
C LEU A 54 -4.42 11.54 10.23
N GLU A 55 -5.34 11.16 9.37
CA GLU A 55 -6.25 10.03 9.70
C GLU A 55 -5.61 8.72 9.25
N LYS A 56 -4.32 8.72 9.04
CA LYS A 56 -3.63 7.48 8.58
C LYS A 56 -2.95 6.80 9.77
N ARG A 57 -2.90 7.45 10.90
CA ARG A 57 -2.25 6.84 12.09
C ARG A 57 -0.75 6.66 11.85
N HIS A 58 -0.21 7.36 10.88
CA HIS A 58 1.24 7.23 10.59
C HIS A 58 1.92 8.61 10.62
N VAL A 59 2.83 8.86 9.71
CA VAL A 59 3.51 10.18 9.69
C VAL A 59 3.71 10.65 8.25
N LEU A 60 4.12 9.78 7.38
CA LEU A 60 4.34 10.18 5.95
C LEU A 60 4.88 9.02 5.13
N GLY A 61 4.03 8.13 4.68
CA GLY A 61 4.50 6.99 3.86
C GLY A 61 4.31 7.30 2.38
N ARG A 62 4.87 6.51 1.50
CA ARG A 62 4.70 6.78 0.05
C ARG A 62 4.30 5.51 -0.69
N LEU A 63 3.87 5.65 -1.90
CA LEU A 63 3.46 4.48 -2.69
C LEU A 63 4.31 4.40 -3.97
N ILE A 64 5.01 3.33 -4.16
CA ILE A 64 5.83 3.19 -5.39
C ILE A 64 4.92 2.62 -6.45
N THR A 65 3.95 1.88 -6.00
CA THR A 65 2.95 1.28 -6.90
C THR A 65 1.62 2.01 -6.65
N VAL A 66 1.68 3.30 -6.53
CA VAL A 66 0.45 4.11 -6.25
C VAL A 66 -0.78 3.47 -6.86
N ASN A 67 -1.83 3.38 -6.09
CA ASN A 67 -3.09 2.77 -6.57
C ASN A 67 -2.85 1.75 -7.67
N PRO A 68 -2.36 0.60 -7.27
CA PRO A 68 -2.09 -0.47 -8.25
C PRO A 68 -3.40 -0.86 -8.94
N ILE A 69 -3.41 -1.90 -9.72
CA ILE A 69 -4.69 -2.27 -10.40
C ILE A 69 -4.90 -3.78 -10.49
N VAL A 70 -6.12 -4.21 -10.38
CA VAL A 70 -6.42 -5.66 -10.54
C VAL A 70 -6.96 -5.85 -11.95
N THR A 71 -6.88 -7.02 -12.50
CA THR A 71 -7.40 -7.19 -13.88
C THR A 71 -8.65 -8.08 -13.90
N GLU A 72 -8.84 -8.88 -12.88
CA GLU A 72 -10.04 -9.76 -12.88
C GLU A 72 -10.79 -9.68 -11.55
N LYS A 73 -10.50 -8.68 -10.75
CA LYS A 73 -11.20 -8.56 -9.44
C LYS A 73 -10.71 -9.63 -8.45
N ASP A 74 -9.87 -10.52 -8.89
CA ASP A 74 -9.38 -11.57 -7.97
C ASP A 74 -7.88 -11.78 -8.16
N SER A 75 -7.27 -11.04 -9.06
CA SER A 75 -5.81 -11.20 -9.28
C SER A 75 -5.05 -10.58 -8.09
N PRO A 76 -4.41 -11.43 -7.33
CA PRO A 76 -3.66 -10.95 -6.15
C PRO A 76 -2.72 -9.82 -6.56
N VAL A 77 -2.98 -8.63 -6.09
CA VAL A 77 -2.10 -7.48 -6.48
C VAL A 77 -1.13 -7.11 -5.36
N ASN A 78 0.13 -6.97 -5.69
CA ASN A 78 1.14 -6.59 -4.65
C ASN A 78 1.30 -5.06 -4.65
N ILE A 79 1.34 -4.42 -3.51
CA ILE A 79 1.49 -2.93 -3.55
C ILE A 79 2.82 -2.48 -2.96
N GLU A 80 3.62 -1.88 -3.78
CA GLU A 80 4.95 -1.36 -3.33
C GLU A 80 4.80 0.06 -2.75
N ALA A 81 5.05 0.22 -1.47
CA ALA A 81 4.91 1.58 -0.86
C ALA A 81 6.13 1.89 0.02
N GLU A 82 6.46 3.15 0.19
CA GLU A 82 7.63 3.51 1.03
C GLU A 82 7.18 3.98 2.41
N PRO A 83 7.31 3.10 3.36
CA PRO A 83 6.91 3.41 4.76
C PRO A 83 7.89 4.41 5.37
N PRO A 84 7.35 5.31 6.16
CA PRO A 84 8.18 6.34 6.82
C PRO A 84 9.01 5.71 7.94
N PHE A 85 8.40 5.39 9.05
CA PHE A 85 9.15 4.77 10.18
C PHE A 85 8.21 4.49 11.35
N GLY A 86 8.67 3.75 12.32
CA GLY A 86 7.79 3.43 13.48
C GLY A 86 6.60 2.59 13.02
N ASP A 87 5.69 2.29 13.91
CA ASP A 87 4.50 1.48 13.51
C ASP A 87 3.92 2.01 12.21
N SER A 88 3.99 1.24 11.15
CA SER A 88 3.44 1.71 9.84
C SER A 88 2.28 0.82 9.40
N TYR A 89 1.07 1.19 9.73
CA TYR A 89 -0.10 0.36 9.29
C TYR A 89 -0.52 0.74 7.88
N ILE A 90 -0.15 -0.02 6.90
CA ILE A 90 -0.54 0.31 5.50
C ILE A 90 -2.03 0.00 5.30
N ILE A 91 -2.78 0.89 4.71
CA ILE A 91 -4.22 0.61 4.52
C ILE A 91 -4.52 0.29 3.05
N ILE A 92 -5.29 -0.73 2.81
CA ILE A 92 -5.62 -1.12 1.41
C ILE A 92 -7.14 -1.16 1.24
N GLY A 93 -7.63 -0.79 0.10
CA GLY A 93 -9.11 -0.82 -0.10
C GLY A 93 -9.71 0.45 0.49
N VAL A 94 -10.98 0.45 0.72
CA VAL A 94 -11.62 1.66 1.29
C VAL A 94 -12.27 1.33 2.63
N GLU A 95 -12.27 2.28 3.54
CA GLU A 95 -12.88 2.07 4.89
C GLU A 95 -13.81 0.86 4.93
N PRO A 96 -14.81 0.91 4.08
CA PRO A 96 -15.80 -0.20 3.99
C PRO A 96 -15.12 -1.56 3.76
N GLY A 97 -14.46 -2.08 4.77
CA GLY A 97 -13.80 -3.42 4.62
C GLY A 97 -12.33 -3.27 4.17
N GLN A 98 -11.86 -2.07 4.02
CA GLN A 98 -10.44 -1.88 3.58
C GLN A 98 -9.51 -2.73 4.47
N LEU A 99 -8.31 -3.00 4.01
CA LEU A 99 -7.38 -3.83 4.82
C LEU A 99 -6.38 -2.95 5.59
N LYS A 100 -5.55 -3.55 6.40
CA LYS A 100 -4.55 -2.77 7.19
C LYS A 100 -3.35 -3.67 7.54
N LEU A 101 -2.16 -3.16 7.42
CA LEU A 101 -0.96 -3.99 7.74
C LEU A 101 0.13 -3.15 8.41
N ASN A 102 0.59 -3.55 9.56
CA ASN A 102 1.64 -2.77 10.26
C ASN A 102 3.03 -3.26 9.85
N TRP A 103 3.92 -2.36 9.54
CA TRP A 103 5.29 -2.77 9.13
C TRP A 103 6.33 -1.75 9.61
N PHE A 104 7.59 -2.05 9.45
CA PHE A 104 8.65 -1.10 9.90
C PHE A 104 8.66 -0.99 11.43
N LYS A 105 7.71 -0.31 12.00
CA LYS A 105 7.68 -0.16 13.47
C LYS A 105 8.90 0.62 13.96
N LYS A 106 9.29 0.43 15.19
CA LYS A 106 10.48 1.17 15.71
C LYS A 106 11.76 0.55 15.17
N GLY A 107 12.31 -0.41 15.87
CA GLY A 107 13.58 -1.05 15.39
C GLY A 107 13.38 -2.57 15.35
N SER A 108 12.68 -3.12 16.30
CA SER A 108 12.46 -4.59 16.31
C SER A 108 11.54 -4.99 15.15
N SER A 109 11.49 -6.26 14.84
CA SER A 109 10.62 -6.72 13.72
C SER A 109 9.95 -8.04 14.08
N LEU A 110 8.69 -8.19 13.75
CA LEU A 110 7.98 -9.47 14.07
C LEU A 110 8.12 -9.79 15.57
N GLU A 111 7.31 -9.18 16.39
CA GLU A 111 7.40 -9.45 17.86
C GLU A 111 7.13 -10.93 18.14
N HIS A 112 8.11 -11.78 17.95
CA HIS A 112 7.90 -13.23 18.21
C HIS A 112 8.10 -13.53 19.69
N HIS A 113 7.05 -13.55 20.45
CA HIS A 113 7.17 -13.84 21.91
C HIS A 113 5.83 -14.33 22.46
N HIS A 114 5.85 -15.35 23.28
CA HIS A 114 4.57 -15.88 23.85
C HIS A 114 4.87 -16.86 24.99
N HIS A 115 4.20 -16.71 26.10
CA HIS A 115 4.45 -17.64 27.24
C HIS A 115 3.46 -18.82 27.18
N HIS A 116 3.77 -19.90 27.84
CA HIS A 116 2.87 -21.07 27.82
C HIS A 116 3.17 -22.00 29.01
N HIS A 117 4.41 -22.33 29.21
CA HIS A 117 4.76 -23.23 30.35
C HIS A 117 6.27 -23.17 30.61
N MET A 1 10.56 -1.54 -13.79
CA MET A 1 9.27 -1.44 -14.54
C MET A 1 9.05 0.00 -15.01
N ASP A 2 9.82 0.44 -15.97
CA ASP A 2 9.66 1.83 -16.48
C ASP A 2 8.41 1.93 -17.36
N LYS A 3 7.26 1.66 -16.80
CA LYS A 3 6.00 1.74 -17.60
C LYS A 3 5.05 2.77 -16.99
N LEU A 4 5.58 3.77 -16.36
CA LEU A 4 4.71 4.82 -15.74
C LEU A 4 3.70 5.34 -16.77
N GLN A 5 2.42 5.20 -16.51
CA GLN A 5 1.40 5.69 -17.48
C GLN A 5 0.01 5.22 -17.05
N LEU A 6 -0.65 5.98 -16.22
CA LEU A 6 -2.02 5.58 -15.77
C LEU A 6 -3.07 6.04 -16.79
N LYS A 7 -2.98 5.58 -18.01
CA LYS A 7 -3.97 6.00 -19.04
C LYS A 7 -3.93 7.51 -19.22
N GLY A 8 -4.61 8.24 -18.38
CA GLY A 8 -4.62 9.73 -18.50
C GLY A 8 -5.19 10.35 -17.22
N MET A 9 -6.21 9.76 -16.67
CA MET A 9 -6.81 10.32 -15.43
C MET A 9 -7.09 9.20 -14.43
N SER A 10 -8.04 8.35 -14.71
CA SER A 10 -8.35 7.24 -13.76
C SER A 10 -9.07 6.10 -14.49
N TYR A 11 -8.82 4.88 -14.11
CA TYR A 11 -9.48 3.74 -14.79
C TYR A 11 -10.82 3.44 -14.10
N SER A 12 -10.77 2.86 -12.93
CA SER A 12 -12.03 2.53 -12.20
C SER A 12 -11.85 2.69 -10.69
N MET A 13 -10.65 2.50 -10.21
CA MET A 13 -10.39 2.61 -8.74
C MET A 13 -11.23 1.57 -8.00
N CYS A 14 -10.68 0.41 -7.78
CA CYS A 14 -11.45 -0.63 -7.06
C CYS A 14 -12.03 0.01 -5.79
N THR A 15 -13.26 -0.28 -5.44
CA THR A 15 -13.84 0.37 -4.22
C THR A 15 -14.41 -0.66 -3.24
N GLY A 16 -14.63 -1.87 -3.67
CA GLY A 16 -15.19 -2.89 -2.73
C GLY A 16 -14.24 -3.08 -1.55
N LYS A 17 -13.70 -4.27 -1.39
CA LYS A 17 -12.77 -4.52 -0.24
C LYS A 17 -11.53 -5.29 -0.73
N PHE A 18 -10.61 -5.59 0.16
CA PHE A 18 -9.40 -6.34 -0.27
C PHE A 18 -9.04 -7.44 0.72
N LYS A 19 -8.45 -8.50 0.23
CA LYS A 19 -8.04 -9.62 1.11
C LYS A 19 -6.52 -9.77 1.09
N VAL A 20 -5.86 -9.62 2.20
CA VAL A 20 -4.38 -9.76 2.19
C VAL A 20 -4.03 -11.17 1.70
N VAL A 21 -3.14 -11.27 0.77
CA VAL A 21 -2.72 -12.59 0.25
C VAL A 21 -1.34 -12.90 0.82
N LYS A 22 -0.62 -11.86 1.14
CA LYS A 22 0.71 -12.01 1.75
C LYS A 22 1.06 -10.73 2.50
N GLU A 23 1.54 -10.87 3.71
CA GLU A 23 1.87 -9.68 4.54
C GLU A 23 2.80 -8.72 3.79
N ILE A 24 2.78 -7.48 4.16
CA ILE A 24 3.65 -6.49 3.48
C ILE A 24 5.10 -7.01 3.42
N ALA A 25 5.71 -6.92 2.28
CA ALA A 25 7.11 -7.39 2.15
C ALA A 25 8.01 -6.16 2.01
N GLU A 26 9.29 -6.34 2.05
CA GLU A 26 10.19 -5.15 1.92
C GLU A 26 11.04 -5.26 0.66
N THR A 27 11.12 -4.22 -0.11
CA THR A 27 11.93 -4.27 -1.36
C THR A 27 13.36 -3.81 -1.08
N GLN A 28 14.20 -3.81 -2.07
CA GLN A 28 15.61 -3.37 -1.85
C GLN A 28 15.76 -1.88 -2.14
N HIS A 29 14.72 -1.11 -1.95
CA HIS A 29 14.81 0.35 -2.24
C HIS A 29 14.22 1.15 -1.08
N GLY A 30 13.85 0.49 -0.01
CA GLY A 30 13.26 1.22 1.15
C GLY A 30 11.73 1.15 1.05
N THR A 31 11.23 0.41 0.10
CA THR A 31 9.75 0.29 -0.05
C THR A 31 9.26 -1.00 0.59
N ILE A 32 8.01 -1.31 0.41
CA ILE A 32 7.44 -2.56 0.98
C ILE A 32 6.42 -3.10 -0.01
N VAL A 33 6.10 -4.35 0.04
CA VAL A 33 5.12 -4.89 -0.94
C VAL A 33 3.94 -5.59 -0.28
N ILE A 34 2.75 -5.21 -0.66
CA ILE A 34 1.55 -5.86 -0.08
C ILE A 34 0.87 -6.72 -1.14
N ARG A 35 0.79 -7.99 -0.92
CA ARG A 35 0.14 -8.87 -1.91
C ARG A 35 -1.24 -9.23 -1.39
N VAL A 36 -2.26 -8.79 -2.05
CA VAL A 36 -3.62 -9.10 -1.59
C VAL A 36 -4.45 -9.56 -2.75
N GLN A 37 -5.70 -9.70 -2.53
CA GLN A 37 -6.58 -10.16 -3.60
C GLN A 37 -7.80 -9.26 -3.63
N TYR A 38 -8.11 -8.70 -4.75
CA TYR A 38 -9.27 -7.78 -4.79
C TYR A 38 -10.55 -8.52 -4.38
N GLU A 39 -11.22 -8.03 -3.38
CA GLU A 39 -12.48 -8.71 -2.93
C GLU A 39 -13.67 -7.92 -3.43
N GLY A 40 -13.47 -6.66 -3.73
CA GLY A 40 -14.58 -5.82 -4.22
C GLY A 40 -15.02 -6.29 -5.60
N ASP A 41 -15.77 -5.48 -6.30
CA ASP A 41 -16.24 -5.87 -7.66
C ASP A 41 -16.12 -4.68 -8.62
N GLY A 42 -15.03 -4.58 -9.33
CA GLY A 42 -14.87 -3.44 -10.27
C GLY A 42 -14.02 -3.85 -11.47
N SER A 43 -13.78 -5.12 -11.65
CA SER A 43 -12.98 -5.56 -12.82
C SER A 43 -11.71 -4.68 -12.92
N PRO A 44 -11.11 -4.61 -14.08
CA PRO A 44 -9.89 -3.79 -14.22
C PRO A 44 -10.06 -2.45 -13.50
N CYS A 45 -9.60 -2.38 -12.29
CA CYS A 45 -9.72 -1.13 -11.50
C CYS A 45 -8.46 -0.95 -10.64
N LYS A 46 -8.25 0.23 -10.14
CA LYS A 46 -7.03 0.47 -9.32
C LYS A 46 -7.26 0.12 -7.86
N ILE A 47 -6.20 -0.16 -7.16
CA ILE A 47 -6.33 -0.57 -5.74
C ILE A 47 -6.05 0.60 -4.79
N PRO A 48 -7.01 0.85 -3.93
CA PRO A 48 -6.88 1.94 -2.93
C PRO A 48 -5.69 1.69 -2.00
N PHE A 49 -5.07 2.73 -1.53
CA PHE A 49 -3.91 2.59 -0.62
C PHE A 49 -3.78 3.85 0.24
N GLU A 50 -3.24 3.72 1.43
CA GLU A 50 -3.11 4.93 2.30
C GLU A 50 -2.10 4.67 3.43
N ILE A 51 -0.99 5.36 3.40
CA ILE A 51 0.03 5.17 4.47
C ILE A 51 0.13 6.44 5.33
N MET A 52 0.03 6.32 6.62
CA MET A 52 0.11 7.53 7.49
C MET A 52 0.61 7.15 8.89
N ASP A 53 0.03 6.16 9.50
CA ASP A 53 0.48 5.76 10.86
C ASP A 53 0.66 7.00 11.74
N LEU A 54 -0.41 7.53 12.28
CA LEU A 54 -0.29 8.74 13.15
C LEU A 54 0.09 9.96 12.31
N GLU A 55 0.15 9.80 11.01
CA GLU A 55 0.50 10.94 10.13
C GLU A 55 -0.41 10.96 8.90
N LYS A 56 -1.70 10.92 9.12
CA LYS A 56 -2.64 10.94 7.97
C LYS A 56 -3.17 12.36 7.74
N ARG A 57 -2.41 13.35 8.12
CA ARG A 57 -2.86 14.76 7.91
C ARG A 57 -1.97 15.43 6.85
N HIS A 58 -0.89 14.79 6.48
CA HIS A 58 0.01 15.38 5.46
C HIS A 58 0.54 14.29 4.53
N VAL A 59 1.77 14.40 4.10
CA VAL A 59 2.34 13.36 3.20
C VAL A 59 3.59 12.74 3.83
N LEU A 60 3.62 11.44 3.98
CA LEU A 60 4.81 10.78 4.58
C LEU A 60 5.21 9.56 3.75
N GLY A 61 4.48 8.48 3.89
CA GLY A 61 4.82 7.25 3.11
C GLY A 61 4.57 7.51 1.62
N ARG A 62 5.10 6.68 0.77
CA ARG A 62 4.88 6.88 -0.69
C ARG A 62 4.44 5.59 -1.35
N LEU A 63 4.05 5.67 -2.59
CA LEU A 63 3.61 4.44 -3.30
C LEU A 63 4.43 4.28 -4.58
N ILE A 64 5.11 3.18 -4.72
CA ILE A 64 5.90 2.96 -5.97
C ILE A 64 4.96 2.36 -6.99
N THR A 65 3.94 1.74 -6.51
CA THR A 65 2.92 1.13 -7.39
C THR A 65 1.60 1.87 -7.17
N VAL A 66 1.69 3.16 -7.00
CA VAL A 66 0.49 4.00 -6.75
C VAL A 66 -0.78 3.36 -7.30
N ASN A 67 -1.81 3.34 -6.51
CA ASN A 67 -3.09 2.73 -6.94
C ASN A 67 -2.89 1.60 -7.96
N PRO A 68 -2.36 0.50 -7.47
CA PRO A 68 -2.13 -0.66 -8.34
C PRO A 68 -3.46 -1.03 -9.00
N ILE A 69 -3.53 -2.09 -9.75
CA ILE A 69 -4.84 -2.43 -10.39
C ILE A 69 -5.07 -3.94 -10.49
N VAL A 70 -6.29 -4.37 -10.35
CA VAL A 70 -6.60 -5.82 -10.52
C VAL A 70 -7.22 -5.99 -11.90
N THR A 71 -7.18 -7.17 -12.46
CA THR A 71 -7.76 -7.34 -13.82
C THR A 71 -8.98 -8.27 -13.80
N GLU A 72 -9.17 -9.02 -12.76
CA GLU A 72 -10.35 -9.93 -12.74
C GLU A 72 -11.06 -9.91 -11.39
N LYS A 73 -10.80 -8.92 -10.57
CA LYS A 73 -11.47 -8.85 -9.24
C LYS A 73 -10.92 -9.93 -8.30
N ASP A 74 -10.07 -10.79 -8.77
CA ASP A 74 -9.53 -11.85 -7.89
C ASP A 74 -8.02 -12.02 -8.14
N SER A 75 -7.47 -11.28 -9.06
CA SER A 75 -6.01 -11.40 -9.34
C SER A 75 -5.23 -10.78 -8.19
N PRO A 76 -4.54 -11.61 -7.46
CA PRO A 76 -3.75 -11.12 -6.30
C PRO A 76 -2.90 -9.93 -6.73
N VAL A 77 -3.00 -8.83 -6.03
CA VAL A 77 -2.20 -7.62 -6.43
C VAL A 77 -1.16 -7.27 -5.37
N ASN A 78 0.06 -7.02 -5.78
CA ASN A 78 1.14 -6.66 -4.82
C ASN A 78 1.32 -5.12 -4.84
N ILE A 79 1.36 -4.47 -3.70
CA ILE A 79 1.53 -2.99 -3.77
C ILE A 79 2.87 -2.54 -3.18
N GLU A 80 3.67 -1.92 -4.00
CA GLU A 80 5.00 -1.42 -3.54
C GLU A 80 4.89 0.03 -3.05
N ALA A 81 5.19 0.27 -1.81
CA ALA A 81 5.08 1.68 -1.30
C ALA A 81 6.30 2.04 -0.44
N GLU A 82 6.64 3.30 -0.39
CA GLU A 82 7.82 3.72 0.42
C GLU A 82 7.36 4.33 1.75
N PRO A 83 7.47 3.55 2.79
CA PRO A 83 7.07 4.01 4.14
C PRO A 83 8.06 5.04 4.68
N PRO A 84 7.55 5.91 5.52
CA PRO A 84 8.40 6.97 6.11
C PRO A 84 9.50 6.34 6.98
N PHE A 85 9.17 5.94 8.18
CA PHE A 85 10.19 5.31 9.06
C PHE A 85 9.54 4.76 10.33
N GLY A 86 10.11 3.75 10.92
CA GLY A 86 9.52 3.17 12.16
C GLY A 86 8.27 2.36 11.80
N ASP A 87 7.44 2.08 12.77
CA ASP A 87 6.20 1.29 12.49
C ASP A 87 5.38 1.99 11.40
N SER A 88 4.29 1.39 10.99
CA SER A 88 3.45 2.03 9.93
C SER A 88 2.33 1.08 9.51
N TYR A 89 1.12 1.57 9.46
CA TYR A 89 -0.01 0.69 9.05
C TYR A 89 -0.45 1.02 7.61
N ILE A 90 -0.02 0.24 6.66
CA ILE A 90 -0.43 0.51 5.25
C ILE A 90 -1.88 0.11 5.05
N ILE A 91 -2.70 1.02 4.59
CA ILE A 91 -4.13 0.68 4.38
C ILE A 91 -4.39 0.29 2.92
N ILE A 92 -5.27 -0.65 2.71
CA ILE A 92 -5.58 -1.10 1.33
C ILE A 92 -7.09 -1.09 1.11
N GLY A 93 -7.54 -0.63 -0.02
CA GLY A 93 -9.01 -0.61 -0.25
C GLY A 93 -9.59 0.68 0.32
N VAL A 94 -10.87 0.73 0.49
CA VAL A 94 -11.48 1.96 1.03
C VAL A 94 -12.16 1.69 2.37
N GLU A 95 -12.09 2.64 3.28
CA GLU A 95 -12.71 2.48 4.64
C GLU A 95 -13.69 1.31 4.68
N PRO A 96 -14.69 1.37 3.84
CA PRO A 96 -15.71 0.29 3.77
C PRO A 96 -15.06 -1.10 3.65
N GLY A 97 -14.52 -1.60 4.72
CA GLY A 97 -13.90 -2.97 4.67
C GLY A 97 -12.44 -2.89 4.22
N GLN A 98 -11.95 -1.72 3.91
CA GLN A 98 -10.53 -1.61 3.46
C GLN A 98 -9.62 -2.48 4.37
N LEU A 99 -8.43 -2.77 3.93
CA LEU A 99 -7.52 -3.61 4.77
C LEU A 99 -6.52 -2.74 5.53
N LYS A 100 -5.74 -3.35 6.38
CA LYS A 100 -4.72 -2.58 7.16
C LYS A 100 -3.54 -3.48 7.51
N LEU A 101 -2.35 -3.05 7.26
CA LEU A 101 -1.15 -3.89 7.58
C LEU A 101 -0.11 -3.07 8.34
N ASN A 102 0.29 -3.52 9.50
CA ASN A 102 1.30 -2.78 10.29
C ASN A 102 2.71 -3.20 9.87
N TRP A 103 3.56 -2.26 9.57
CA TRP A 103 4.95 -2.62 9.15
C TRP A 103 5.97 -1.69 9.84
N PHE A 104 7.22 -2.01 9.75
CA PHE A 104 8.26 -1.14 10.39
C PHE A 104 9.46 -0.98 9.46
N LYS A 105 10.13 0.14 9.54
CA LYS A 105 11.32 0.37 8.65
C LYS A 105 12.39 1.14 9.40
N LYS A 106 13.63 0.78 9.25
CA LYS A 106 14.72 1.50 9.95
C LYS A 106 16.06 1.27 9.23
N GLY A 107 16.97 2.19 9.34
CA GLY A 107 18.29 2.02 8.66
C GLY A 107 18.99 3.38 8.55
N SER A 108 19.75 3.58 7.51
CA SER A 108 20.45 4.89 7.36
C SER A 108 19.45 6.05 7.37
N SER A 109 19.75 7.08 8.11
CA SER A 109 18.81 8.24 8.17
C SER A 109 19.45 9.39 8.94
N LEU A 110 20.06 10.33 8.25
CA LEU A 110 20.70 11.47 8.94
C LEU A 110 19.64 12.35 9.61
N GLU A 111 18.80 12.99 8.84
CA GLU A 111 17.75 13.85 9.43
C GLU A 111 18.38 14.90 10.34
N HIS A 112 18.84 15.99 9.78
CA HIS A 112 19.47 17.05 10.61
C HIS A 112 18.96 18.43 10.18
N HIS A 113 18.91 18.68 8.90
CA HIS A 113 18.41 20.00 8.42
C HIS A 113 16.96 20.21 8.84
N HIS A 114 16.41 21.37 8.56
CA HIS A 114 14.99 21.63 8.94
C HIS A 114 14.06 21.41 7.75
N HIS A 115 13.56 20.22 7.58
CA HIS A 115 12.65 19.95 6.44
C HIS A 115 11.21 20.30 6.82
N HIS A 116 10.54 21.06 6.01
CA HIS A 116 9.13 21.44 6.32
C HIS A 116 8.23 21.19 5.11
N HIS A 117 8.43 20.09 4.44
CA HIS A 117 7.58 19.78 3.25
C HIS A 117 6.14 19.50 3.68
N MET A 1 3.13 19.59 -11.04
CA MET A 1 4.35 18.86 -11.52
C MET A 1 5.29 18.59 -10.34
N ASP A 2 4.78 17.98 -9.30
CA ASP A 2 5.65 17.69 -8.12
C ASP A 2 4.96 16.68 -7.20
N LYS A 3 5.65 16.19 -6.21
CA LYS A 3 5.04 15.20 -5.27
C LYS A 3 4.43 14.03 -6.06
N LEU A 4 3.20 14.16 -6.46
CA LEU A 4 2.56 13.06 -7.24
C LEU A 4 3.14 13.00 -8.65
N GLN A 5 2.37 12.53 -9.60
CA GLN A 5 2.88 12.44 -11.00
C GLN A 5 1.87 11.70 -11.87
N LEU A 6 1.92 10.39 -11.87
CA LEU A 6 0.96 9.61 -12.72
C LEU A 6 0.84 10.24 -14.10
N LYS A 7 -0.18 9.90 -14.84
CA LYS A 7 -0.37 10.47 -16.19
C LYS A 7 -1.60 9.87 -16.87
N GLY A 8 -2.64 9.64 -16.12
CA GLY A 8 -3.88 9.07 -16.70
C GLY A 8 -3.80 7.54 -16.65
N MET A 9 -3.49 6.99 -15.50
CA MET A 9 -3.41 5.51 -15.39
C MET A 9 -4.52 4.99 -14.47
N SER A 10 -5.54 5.77 -14.26
CA SER A 10 -6.65 5.31 -13.38
C SER A 10 -7.62 4.43 -14.16
N TYR A 11 -8.43 3.67 -13.48
CA TYR A 11 -9.39 2.79 -14.20
C TYR A 11 -10.77 2.84 -13.51
N SER A 12 -10.91 2.22 -12.38
CA SER A 12 -12.24 2.24 -11.69
C SER A 12 -12.08 2.48 -10.19
N MET A 13 -10.87 2.53 -9.70
CA MET A 13 -10.68 2.75 -8.23
C MET A 13 -11.42 1.66 -7.46
N CYS A 14 -10.80 0.53 -7.27
CA CYS A 14 -11.48 -0.58 -6.57
C CYS A 14 -11.91 -0.10 -5.17
N THR A 15 -13.16 0.28 -5.04
CA THR A 15 -13.64 0.78 -3.72
C THR A 15 -14.31 -0.31 -2.89
N GLY A 16 -14.43 -1.51 -3.39
CA GLY A 16 -15.07 -2.57 -2.57
C GLY A 16 -14.18 -2.89 -1.37
N LYS A 17 -13.57 -4.05 -1.33
CA LYS A 17 -12.69 -4.40 -0.19
C LYS A 17 -11.48 -5.21 -0.67
N PHE A 18 -10.54 -5.49 0.20
CA PHE A 18 -9.34 -6.27 -0.24
C PHE A 18 -9.02 -7.39 0.74
N LYS A 19 -8.42 -8.45 0.25
CA LYS A 19 -8.05 -9.58 1.13
C LYS A 19 -6.53 -9.76 1.11
N VAL A 20 -5.88 -9.57 2.20
CA VAL A 20 -4.40 -9.74 2.19
C VAL A 20 -4.06 -11.17 1.77
N VAL A 21 -3.26 -11.31 0.75
CA VAL A 21 -2.88 -12.65 0.25
C VAL A 21 -1.50 -12.97 0.84
N LYS A 22 -0.76 -11.94 1.13
CA LYS A 22 0.58 -12.11 1.74
C LYS A 22 0.98 -10.82 2.46
N GLU A 23 1.46 -10.96 3.66
CA GLU A 23 1.85 -9.76 4.46
C GLU A 23 2.77 -8.83 3.67
N ILE A 24 2.85 -7.59 4.10
CA ILE A 24 3.72 -6.63 3.38
C ILE A 24 5.15 -7.16 3.28
N ALA A 25 5.72 -7.08 2.12
CA ALA A 25 7.12 -7.55 1.95
C ALA A 25 8.02 -6.33 1.74
N GLU A 26 9.31 -6.48 1.80
CA GLU A 26 10.17 -5.29 1.60
C GLU A 26 11.00 -5.42 0.33
N THR A 27 11.07 -4.38 -0.45
CA THR A 27 11.87 -4.45 -1.71
C THR A 27 13.30 -3.97 -1.46
N GLN A 28 14.16 -4.12 -2.42
CA GLN A 28 15.56 -3.68 -2.23
C GLN A 28 15.72 -2.20 -2.62
N HIS A 29 14.70 -1.42 -2.43
CA HIS A 29 14.78 0.02 -2.78
C HIS A 29 14.23 0.88 -1.65
N GLY A 30 13.90 0.28 -0.54
CA GLY A 30 13.35 1.07 0.61
C GLY A 30 11.82 1.04 0.55
N THR A 31 11.27 0.21 -0.29
CA THR A 31 9.78 0.13 -0.40
C THR A 31 9.28 -1.15 0.25
N ILE A 32 8.00 -1.37 0.20
CA ILE A 32 7.42 -2.62 0.78
C ILE A 32 6.34 -3.12 -0.17
N VAL A 33 6.12 -4.39 -0.21
CA VAL A 33 5.10 -4.93 -1.16
C VAL A 33 3.94 -5.60 -0.43
N ILE A 34 2.73 -5.31 -0.84
CA ILE A 34 1.57 -5.95 -0.21
C ILE A 34 0.82 -6.79 -1.23
N ARG A 35 0.71 -8.06 -0.99
CA ARG A 35 -0.01 -8.91 -1.96
C ARG A 35 -1.41 -9.17 -1.41
N VAL A 36 -2.42 -8.85 -2.15
CA VAL A 36 -3.79 -9.06 -1.65
C VAL A 36 -4.70 -9.34 -2.82
N GLN A 37 -5.82 -9.89 -2.55
CA GLN A 37 -6.74 -10.22 -3.64
C GLN A 37 -7.89 -9.23 -3.59
N TYR A 38 -8.17 -8.56 -4.67
CA TYR A 38 -9.28 -7.59 -4.64
C TYR A 38 -10.59 -8.28 -4.28
N GLU A 39 -11.24 -7.84 -3.24
CA GLU A 39 -12.53 -8.47 -2.84
C GLU A 39 -13.69 -7.62 -3.36
N GLY A 40 -13.43 -6.36 -3.60
CA GLY A 40 -14.49 -5.47 -4.12
C GLY A 40 -14.90 -5.91 -5.52
N ASP A 41 -15.55 -5.04 -6.25
CA ASP A 41 -15.97 -5.40 -7.63
C ASP A 41 -15.50 -4.35 -8.62
N GLY A 42 -15.17 -4.75 -9.82
CA GLY A 42 -14.69 -3.74 -10.82
C GLY A 42 -13.84 -4.43 -11.90
N SER A 43 -13.40 -5.64 -11.68
CA SER A 43 -12.57 -6.30 -12.72
C SER A 43 -11.31 -5.45 -12.94
N PRO A 44 -10.71 -5.50 -14.11
CA PRO A 44 -9.50 -4.68 -14.34
C PRO A 44 -9.72 -3.29 -13.74
N CYS A 45 -9.23 -3.09 -12.55
CA CYS A 45 -9.44 -1.79 -11.86
C CYS A 45 -8.21 -1.45 -11.00
N LYS A 46 -8.16 -0.26 -10.45
CA LYS A 46 -6.98 0.14 -9.62
C LYS A 46 -7.16 -0.29 -8.15
N ILE A 47 -6.14 -0.08 -7.35
CA ILE A 47 -6.23 -0.51 -5.93
C ILE A 47 -6.00 0.65 -4.96
N PRO A 48 -6.93 0.83 -4.06
CA PRO A 48 -6.84 1.91 -3.03
C PRO A 48 -5.67 1.63 -2.08
N PHE A 49 -5.05 2.67 -1.60
CA PHE A 49 -3.91 2.48 -0.66
C PHE A 49 -3.71 3.72 0.21
N GLU A 50 -3.04 3.60 1.33
CA GLU A 50 -2.83 4.78 2.20
C GLU A 50 -1.94 4.40 3.40
N ILE A 51 -0.77 4.97 3.47
CA ILE A 51 0.15 4.66 4.61
C ILE A 51 0.20 5.84 5.58
N MET A 52 -0.55 5.80 6.64
CA MET A 52 -0.53 6.93 7.61
C MET A 52 -0.34 6.40 9.04
N ASP A 53 -1.31 5.69 9.55
CA ASP A 53 -1.18 5.15 10.93
C ASP A 53 -2.48 4.48 11.37
N LEU A 54 -3.59 5.03 10.98
CA LEU A 54 -4.90 4.43 11.37
C LEU A 54 -5.79 4.23 10.14
N GLU A 55 -6.57 5.22 9.79
CA GLU A 55 -7.46 5.08 8.61
C GLU A 55 -7.78 6.47 8.03
N LYS A 56 -6.77 7.25 7.76
CA LYS A 56 -7.02 8.61 7.19
C LYS A 56 -6.33 8.74 5.83
N ARG A 57 -6.98 9.37 4.88
CA ARG A 57 -6.37 9.52 3.54
C ARG A 57 -5.72 10.91 3.40
N HIS A 58 -4.47 10.95 3.05
CA HIS A 58 -3.79 12.28 2.91
C HIS A 58 -2.50 12.12 2.10
N VAL A 59 -1.39 11.89 2.75
CA VAL A 59 -0.11 11.73 2.02
C VAL A 59 1.06 11.57 3.01
N LEU A 60 1.50 10.37 3.24
CA LEU A 60 2.61 10.15 4.20
C LEU A 60 3.74 9.34 3.53
N GLY A 61 3.40 8.23 2.93
CA GLY A 61 4.43 7.41 2.27
C GLY A 61 4.31 7.55 0.75
N ARG A 62 5.08 6.80 0.01
CA ARG A 62 5.00 6.89 -1.48
C ARG A 62 4.62 5.55 -2.08
N LEU A 63 3.95 5.54 -3.18
CA LEU A 63 3.58 4.25 -3.79
C LEU A 63 4.37 4.02 -5.08
N ILE A 64 5.16 2.99 -5.11
CA ILE A 64 5.95 2.68 -6.33
C ILE A 64 5.00 2.04 -7.33
N THR A 65 3.94 1.48 -6.80
CA THR A 65 2.92 0.83 -7.64
C THR A 65 1.63 1.65 -7.51
N VAL A 66 1.81 2.94 -7.30
CA VAL A 66 0.68 3.90 -7.14
C VAL A 66 -0.67 3.30 -7.55
N ASN A 67 -1.54 3.09 -6.61
CA ASN A 67 -2.87 2.53 -6.94
C ASN A 67 -2.73 1.41 -7.98
N PRO A 68 -2.17 0.31 -7.54
CA PRO A 68 -1.98 -0.84 -8.44
C PRO A 68 -3.30 -1.20 -9.12
N ILE A 69 -3.33 -2.25 -9.89
CA ILE A 69 -4.60 -2.61 -10.58
C ILE A 69 -4.84 -4.12 -10.60
N VAL A 70 -6.07 -4.53 -10.44
CA VAL A 70 -6.38 -5.98 -10.51
C VAL A 70 -6.79 -6.30 -11.95
N THR A 71 -6.91 -7.54 -12.31
CA THR A 71 -7.29 -7.86 -13.71
C THR A 71 -8.56 -8.74 -13.75
N GLU A 72 -8.86 -9.41 -12.68
CA GLU A 72 -10.07 -10.27 -12.69
C GLU A 72 -10.87 -10.10 -11.40
N LYS A 73 -10.58 -9.07 -10.65
CA LYS A 73 -11.31 -8.84 -9.37
C LYS A 73 -10.88 -9.83 -8.29
N ASP A 74 -10.08 -10.80 -8.64
CA ASP A 74 -9.63 -11.79 -7.63
C ASP A 74 -8.14 -12.07 -7.79
N SER A 75 -7.51 -11.46 -8.77
CA SER A 75 -6.05 -11.70 -8.97
C SER A 75 -5.27 -10.99 -7.87
N PRO A 76 -4.64 -11.77 -7.03
CA PRO A 76 -3.85 -11.19 -5.92
C PRO A 76 -2.88 -10.14 -6.45
N VAL A 77 -3.09 -8.90 -6.10
CA VAL A 77 -2.18 -7.83 -6.60
C VAL A 77 -1.14 -7.46 -5.54
N ASN A 78 -0.01 -6.95 -5.96
CA ASN A 78 1.05 -6.57 -4.98
C ASN A 78 1.21 -5.04 -4.94
N ILE A 79 1.30 -4.44 -3.78
CA ILE A 79 1.46 -2.95 -3.78
C ILE A 79 2.80 -2.54 -3.21
N GLU A 80 3.62 -1.97 -4.05
CA GLU A 80 4.96 -1.51 -3.63
C GLU A 80 4.89 -0.04 -3.17
N ALA A 81 5.15 0.22 -1.91
CA ALA A 81 5.09 1.62 -1.43
C ALA A 81 6.34 1.98 -0.62
N GLU A 82 6.75 3.22 -0.65
CA GLU A 82 7.96 3.63 0.11
C GLU A 82 7.57 4.27 1.44
N PRO A 83 7.74 3.53 2.50
CA PRO A 83 7.40 4.03 3.85
C PRO A 83 8.38 5.12 4.28
N PRO A 84 7.85 6.20 4.77
CA PRO A 84 8.69 7.33 5.22
C PRO A 84 9.49 6.94 6.46
N PHE A 85 8.84 6.78 7.57
CA PHE A 85 9.56 6.39 8.82
C PHE A 85 8.57 5.93 9.89
N GLY A 86 7.98 4.78 9.70
CA GLY A 86 7.01 4.26 10.70
C GLY A 86 5.83 3.60 9.99
N ASP A 87 4.77 4.34 9.76
CA ASP A 87 3.59 3.76 9.07
C ASP A 87 2.97 2.63 9.91
N SER A 88 3.65 1.53 10.02
CA SER A 88 3.11 0.40 10.83
C SER A 88 1.81 -0.14 10.20
N TYR A 89 0.73 0.58 10.31
CA TYR A 89 -0.55 0.06 9.73
C TYR A 89 -0.80 0.65 8.34
N ILE A 90 -0.35 0.00 7.31
CA ILE A 90 -0.60 0.51 5.94
C ILE A 90 -2.08 0.26 5.61
N ILE A 91 -2.62 0.90 4.61
CA ILE A 91 -4.06 0.66 4.32
C ILE A 91 -4.29 0.25 2.86
N ILE A 92 -5.16 -0.69 2.65
CA ILE A 92 -5.48 -1.15 1.27
C ILE A 92 -6.99 -1.12 1.07
N GLY A 93 -7.46 -0.63 -0.05
CA GLY A 93 -8.93 -0.59 -0.24
C GLY A 93 -9.47 0.72 0.33
N VAL A 94 -10.73 0.79 0.59
CA VAL A 94 -11.31 2.05 1.14
C VAL A 94 -11.97 1.77 2.49
N GLU A 95 -11.91 2.73 3.38
CA GLU A 95 -12.53 2.58 4.74
C GLU A 95 -13.53 1.43 4.79
N PRO A 96 -14.52 1.51 3.95
CA PRO A 96 -15.57 0.45 3.87
C PRO A 96 -14.94 -0.95 3.72
N GLY A 97 -14.39 -1.49 4.77
CA GLY A 97 -13.80 -2.86 4.69
C GLY A 97 -12.34 -2.80 4.23
N GLN A 98 -11.82 -1.63 3.98
CA GLN A 98 -10.39 -1.53 3.53
C GLN A 98 -9.51 -2.45 4.39
N LEU A 99 -8.31 -2.72 3.96
CA LEU A 99 -7.41 -3.62 4.76
C LEU A 99 -6.36 -2.81 5.53
N LYS A 100 -5.65 -3.46 6.41
CA LYS A 100 -4.59 -2.76 7.20
C LYS A 100 -3.43 -3.73 7.46
N LEU A 101 -2.22 -3.32 7.25
CA LEU A 101 -1.05 -4.24 7.49
C LEU A 101 -0.08 -3.63 8.49
N ASN A 102 0.38 -4.41 9.43
CA ASN A 102 1.34 -3.88 10.45
C ASN A 102 2.78 -3.94 9.91
N TRP A 103 3.50 -2.85 10.02
CA TRP A 103 4.90 -2.83 9.53
C TRP A 103 5.66 -1.66 10.17
N PHE A 104 6.41 -1.92 11.21
CA PHE A 104 7.16 -0.83 11.87
C PHE A 104 8.35 -0.41 11.01
N LYS A 105 8.27 0.73 10.38
CA LYS A 105 9.40 1.19 9.52
C LYS A 105 10.08 2.42 10.15
N LYS A 106 10.68 2.25 11.29
CA LYS A 106 11.35 3.41 11.95
C LYS A 106 12.68 2.97 12.57
N GLY A 107 12.70 1.83 13.19
CA GLY A 107 13.97 1.35 13.82
C GLY A 107 13.95 1.66 15.32
N SER A 108 15.10 1.94 15.89
CA SER A 108 15.14 2.26 17.35
C SER A 108 14.34 1.23 18.14
N SER A 109 14.88 0.05 18.30
CA SER A 109 14.14 -1.01 19.08
C SER A 109 15.01 -1.51 20.23
N LEU A 110 14.83 -0.96 21.40
CA LEU A 110 15.64 -1.41 22.57
C LEU A 110 14.79 -1.36 23.85
N GLU A 111 13.62 -1.92 23.82
CA GLU A 111 12.76 -1.90 25.03
C GLU A 111 12.27 -3.32 25.36
N HIS A 112 11.85 -4.06 24.36
CA HIS A 112 11.36 -5.44 24.62
C HIS A 112 11.75 -6.37 23.46
N HIS A 113 11.25 -7.57 23.45
CA HIS A 113 11.60 -8.52 22.35
C HIS A 113 10.53 -8.48 21.27
N HIS A 114 10.91 -8.15 20.06
CA HIS A 114 9.90 -8.09 18.95
C HIS A 114 9.97 -9.37 18.12
N HIS A 115 9.28 -10.41 18.55
CA HIS A 115 9.29 -11.68 17.78
C HIS A 115 8.20 -12.62 18.30
N HIS A 116 8.28 -13.01 19.55
CA HIS A 116 7.24 -13.93 20.12
C HIS A 116 7.17 -15.21 19.28
N HIS A 117 7.74 -16.28 19.78
CA HIS A 117 7.70 -17.56 19.02
C HIS A 117 6.95 -18.63 19.82
N MET A 1 8.37 20.78 -21.47
CA MET A 1 8.18 19.70 -22.48
C MET A 1 8.53 18.34 -21.88
N ASP A 2 7.77 17.33 -22.17
CA ASP A 2 8.06 15.98 -21.61
C ASP A 2 7.45 14.89 -22.50
N LYS A 3 7.67 13.65 -22.17
CA LYS A 3 7.10 12.54 -22.99
C LYS A 3 5.98 11.84 -22.24
N LEU A 4 6.28 11.26 -21.11
CA LEU A 4 5.22 10.56 -20.32
C LEU A 4 4.50 11.54 -19.42
N GLN A 5 3.94 11.07 -18.34
CA GLN A 5 3.20 11.99 -17.41
C GLN A 5 2.48 11.18 -16.34
N LEU A 6 1.42 10.49 -16.69
CA LEU A 6 0.69 9.69 -15.68
C LEU A 6 0.03 10.61 -14.66
N LYS A 7 0.81 11.32 -13.89
CA LYS A 7 0.22 12.24 -12.87
C LYS A 7 -0.76 11.48 -11.98
N GLY A 8 -2.02 11.43 -12.38
CA GLY A 8 -3.03 10.71 -11.55
C GLY A 8 -3.62 9.56 -12.38
N MET A 9 -4.65 9.82 -13.12
CA MET A 9 -5.27 8.74 -13.94
C MET A 9 -5.87 7.65 -13.03
N SER A 10 -7.12 7.30 -13.25
CA SER A 10 -7.75 6.26 -12.40
C SER A 10 -8.65 5.37 -13.26
N TYR A 11 -8.75 4.10 -12.94
CA TYR A 11 -9.61 3.20 -13.74
C TYR A 11 -11.00 3.10 -13.11
N SER A 12 -11.14 2.42 -12.01
CA SER A 12 -12.46 2.30 -11.36
C SER A 12 -12.37 2.49 -9.85
N MET A 13 -11.17 2.60 -9.32
CA MET A 13 -11.04 2.78 -7.84
C MET A 13 -11.75 1.62 -7.14
N CYS A 14 -11.11 0.50 -7.06
CA CYS A 14 -11.76 -0.68 -6.41
C CYS A 14 -12.20 -0.29 -5.01
N THR A 15 -13.43 0.15 -4.87
CA THR A 15 -13.92 0.58 -3.52
C THR A 15 -14.53 -0.59 -2.74
N GLY A 16 -14.68 -1.73 -3.34
CA GLY A 16 -15.27 -2.87 -2.58
C GLY A 16 -14.36 -3.20 -1.38
N LYS A 17 -13.71 -4.33 -1.40
CA LYS A 17 -12.80 -4.68 -0.27
C LYS A 17 -11.60 -5.47 -0.78
N PHE A 18 -10.62 -5.72 0.06
CA PHE A 18 -9.42 -6.47 -0.39
C PHE A 18 -9.08 -7.61 0.56
N LYS A 19 -8.53 -8.68 0.04
CA LYS A 19 -8.16 -9.83 0.90
C LYS A 19 -6.63 -9.98 0.89
N VAL A 20 -5.99 -9.78 2.00
CA VAL A 20 -4.51 -9.93 2.00
C VAL A 20 -4.14 -11.34 1.57
N VAL A 21 -3.35 -11.44 0.55
CA VAL A 21 -2.92 -12.77 0.04
C VAL A 21 -1.56 -13.07 0.63
N LYS A 22 -0.85 -12.03 0.96
CA LYS A 22 0.49 -12.18 1.59
C LYS A 22 0.83 -10.89 2.34
N GLU A 23 1.29 -11.02 3.55
CA GLU A 23 1.63 -9.82 4.37
C GLU A 23 2.55 -8.87 3.62
N ILE A 24 2.65 -7.66 4.08
CA ILE A 24 3.52 -6.67 3.40
C ILE A 24 4.95 -7.19 3.33
N ALA A 25 5.56 -7.10 2.18
CA ALA A 25 6.96 -7.55 2.04
C ALA A 25 7.85 -6.32 1.89
N GLU A 26 9.13 -6.48 1.96
CA GLU A 26 10.02 -5.29 1.82
C GLU A 26 10.87 -5.40 0.56
N THR A 27 10.94 -4.34 -0.21
CA THR A 27 11.76 -4.40 -1.46
C THR A 27 13.18 -3.92 -1.17
N GLN A 28 14.02 -3.89 -2.16
CA GLN A 28 15.42 -3.43 -1.94
C GLN A 28 15.56 -1.94 -2.25
N HIS A 29 14.47 -1.23 -2.32
CA HIS A 29 14.53 0.22 -2.61
C HIS A 29 13.97 1.02 -1.44
N GLY A 30 13.70 0.37 -0.34
CA GLY A 30 13.14 1.10 0.84
C GLY A 30 11.61 1.04 0.78
N THR A 31 11.08 0.23 -0.08
CA THR A 31 9.60 0.14 -0.20
C THR A 31 9.10 -1.16 0.44
N ILE A 32 7.84 -1.43 0.30
CA ILE A 32 7.27 -2.68 0.87
C ILE A 32 6.25 -3.21 -0.12
N VAL A 33 5.98 -4.48 -0.10
CA VAL A 33 5.01 -5.03 -1.09
C VAL A 33 3.81 -5.69 -0.41
N ILE A 34 2.62 -5.34 -0.82
CA ILE A 34 1.42 -5.97 -0.23
C ILE A 34 0.71 -6.81 -1.28
N ARG A 35 0.61 -8.08 -1.05
CA ARG A 35 -0.08 -8.94 -2.03
C ARG A 35 -1.48 -9.22 -1.51
N VAL A 36 -2.49 -8.85 -2.24
CA VAL A 36 -3.87 -9.07 -1.77
C VAL A 36 -4.75 -9.33 -2.96
N GLN A 37 -5.84 -9.94 -2.73
CA GLN A 37 -6.74 -10.23 -3.84
C GLN A 37 -7.92 -9.29 -3.76
N TYR A 38 -8.20 -8.60 -4.81
CA TYR A 38 -9.34 -7.63 -4.76
C TYR A 38 -10.64 -8.37 -4.45
N GLU A 39 -11.30 -7.98 -3.40
CA GLU A 39 -12.58 -8.66 -3.04
C GLU A 39 -13.75 -7.82 -3.55
N GLY A 40 -13.53 -6.55 -3.74
CA GLY A 40 -14.61 -5.67 -4.23
C GLY A 40 -15.02 -6.08 -5.64
N ASP A 41 -15.68 -5.20 -6.34
CA ASP A 41 -16.11 -5.54 -7.73
C ASP A 41 -15.69 -4.44 -8.69
N GLY A 42 -15.36 -4.78 -9.91
CA GLY A 42 -14.95 -3.74 -10.89
C GLY A 42 -14.05 -4.35 -11.98
N SER A 43 -13.57 -5.54 -11.80
CA SER A 43 -12.69 -6.13 -12.85
C SER A 43 -11.45 -5.24 -13.01
N PRO A 44 -10.82 -5.23 -14.17
CA PRO A 44 -9.64 -4.36 -14.34
C PRO A 44 -9.91 -3.00 -13.69
N CYS A 45 -9.44 -2.84 -12.49
CA CYS A 45 -9.69 -1.58 -11.75
C CYS A 45 -8.49 -1.25 -10.84
N LYS A 46 -8.47 -0.06 -10.28
CA LYS A 46 -7.31 0.32 -9.41
C LYS A 46 -7.48 -0.17 -7.97
N ILE A 47 -6.47 0.03 -7.16
CA ILE A 47 -6.54 -0.44 -5.75
C ILE A 47 -6.32 0.70 -4.75
N PRO A 48 -7.26 0.86 -3.87
CA PRO A 48 -7.18 1.92 -2.83
C PRO A 48 -5.97 1.68 -1.92
N PHE A 49 -5.33 2.72 -1.48
CA PHE A 49 -4.16 2.56 -0.60
C PHE A 49 -4.01 3.76 0.33
N GLU A 50 -3.35 3.60 1.45
CA GLU A 50 -3.17 4.74 2.39
C GLU A 50 -2.25 4.35 3.54
N ILE A 51 -0.99 4.65 3.42
CA ILE A 51 -0.03 4.29 4.52
C ILE A 51 -0.03 5.38 5.59
N MET A 52 -0.90 5.28 6.56
CA MET A 52 -0.94 6.31 7.64
C MET A 52 -1.40 5.68 8.96
N ASP A 53 -2.62 5.22 9.02
CA ASP A 53 -3.12 4.59 10.27
C ASP A 53 -4.45 3.87 10.01
N LEU A 54 -5.42 4.57 9.47
CA LEU A 54 -6.73 3.92 9.19
C LEU A 54 -7.60 4.86 8.33
N GLU A 55 -7.55 6.13 8.59
CA GLU A 55 -8.37 7.08 7.79
C GLU A 55 -7.81 8.50 7.94
N LYS A 56 -6.59 8.72 7.52
CA LYS A 56 -5.98 10.08 7.63
C LYS A 56 -5.87 10.73 6.25
N ARG A 57 -6.16 11.99 6.15
CA ARG A 57 -6.07 12.68 4.84
C ARG A 57 -4.63 12.66 4.33
N HIS A 58 -3.74 13.31 5.04
CA HIS A 58 -2.31 13.33 4.60
C HIS A 58 -1.82 11.90 4.34
N VAL A 59 -0.93 11.73 3.41
CA VAL A 59 -0.42 10.36 3.11
C VAL A 59 0.83 10.07 3.95
N LEU A 60 1.93 10.72 3.62
CA LEU A 60 3.24 10.52 4.36
C LEU A 60 4.11 9.52 3.60
N GLY A 61 3.67 8.30 3.49
CA GLY A 61 4.46 7.28 2.76
C GLY A 61 4.38 7.55 1.27
N ARG A 62 4.68 6.57 0.45
CA ARG A 62 4.61 6.79 -1.02
C ARG A 62 4.28 5.46 -1.70
N LEU A 63 3.87 5.51 -2.94
CA LEU A 63 3.54 4.23 -3.62
C LEU A 63 4.39 4.07 -4.88
N ILE A 64 5.14 3.01 -4.95
CA ILE A 64 5.97 2.76 -6.16
C ILE A 64 5.05 2.11 -7.20
N THR A 65 4.06 1.42 -6.70
CA THR A 65 3.07 0.75 -7.58
C THR A 65 1.86 1.69 -7.70
N VAL A 66 2.13 2.96 -7.67
CA VAL A 66 1.06 4.00 -7.77
C VAL A 66 -0.07 3.53 -8.70
N ASN A 67 -1.29 3.83 -8.34
CA ASN A 67 -2.44 3.43 -9.18
C ASN A 67 -2.43 1.92 -9.44
N PRO A 68 -2.22 1.17 -8.39
CA PRO A 68 -2.21 -0.31 -8.51
C PRO A 68 -3.55 -0.77 -9.07
N ILE A 69 -3.56 -1.82 -9.86
CA ILE A 69 -4.86 -2.26 -10.46
C ILE A 69 -5.00 -3.79 -10.51
N VAL A 70 -6.21 -4.26 -10.42
CA VAL A 70 -6.46 -5.73 -10.54
C VAL A 70 -6.87 -6.01 -11.98
N THR A 71 -6.94 -7.25 -12.38
CA THR A 71 -7.34 -7.52 -13.80
C THR A 71 -8.56 -8.43 -13.86
N GLU A 72 -8.84 -9.16 -12.83
CA GLU A 72 -10.02 -10.07 -12.87
C GLU A 72 -10.82 -10.01 -11.56
N LYS A 73 -10.60 -8.99 -10.77
CA LYS A 73 -11.34 -8.86 -9.48
C LYS A 73 -10.84 -9.89 -8.46
N ASP A 74 -9.97 -10.77 -8.85
CA ASP A 74 -9.46 -11.78 -7.89
C ASP A 74 -7.95 -11.98 -8.07
N SER A 75 -7.35 -11.27 -8.99
CA SER A 75 -5.89 -11.43 -9.20
C SER A 75 -5.13 -10.76 -8.04
N PRO A 76 -4.54 -11.59 -7.21
CA PRO A 76 -3.79 -11.06 -6.04
C PRO A 76 -2.82 -9.99 -6.50
N VAL A 77 -3.06 -8.76 -6.15
CA VAL A 77 -2.15 -7.65 -6.57
C VAL A 77 -1.10 -7.36 -5.50
N ASN A 78 0.07 -6.98 -5.91
CA ASN A 78 1.15 -6.67 -4.94
C ASN A 78 1.35 -5.15 -4.92
N ILE A 79 1.39 -4.51 -3.78
CA ILE A 79 1.57 -3.03 -3.81
C ILE A 79 2.93 -2.61 -3.26
N GLU A 80 3.72 -2.02 -4.09
CA GLU A 80 5.06 -1.54 -3.67
C GLU A 80 4.97 -0.07 -3.23
N ALA A 81 5.04 0.20 -1.96
CA ALA A 81 4.94 1.63 -1.51
C ALA A 81 6.08 1.99 -0.57
N GLU A 82 6.41 3.25 -0.52
CA GLU A 82 7.52 3.71 0.37
C GLU A 82 6.95 4.27 1.68
N PRO A 83 7.05 3.48 2.71
CA PRO A 83 6.55 3.90 4.04
C PRO A 83 7.43 4.99 4.63
N PRO A 84 6.81 5.89 5.33
CA PRO A 84 7.54 7.01 5.97
C PRO A 84 8.58 6.47 6.95
N PHE A 85 8.77 7.14 8.06
CA PHE A 85 9.77 6.66 9.07
C PHE A 85 9.05 6.11 10.29
N GLY A 86 9.69 5.23 11.02
CA GLY A 86 9.06 4.66 12.24
C GLY A 86 7.93 3.69 11.83
N ASP A 87 7.08 3.33 12.74
CA ASP A 87 5.97 2.39 12.40
C ASP A 87 5.18 2.93 11.21
N SER A 88 4.27 2.14 10.69
CA SER A 88 3.47 2.61 9.52
C SER A 88 2.39 1.58 9.17
N TYR A 89 1.15 1.99 9.17
CA TYR A 89 0.06 1.02 8.83
C TYR A 89 -0.38 1.20 7.38
N ILE A 90 0.04 0.33 6.50
CA ILE A 90 -0.37 0.46 5.07
C ILE A 90 -1.83 0.05 4.92
N ILE A 91 -2.67 0.96 4.51
CA ILE A 91 -4.11 0.61 4.36
C ILE A 91 -4.42 0.21 2.91
N ILE A 92 -5.34 -0.69 2.73
CA ILE A 92 -5.69 -1.14 1.34
C ILE A 92 -7.21 -1.15 1.18
N GLY A 93 -7.71 -0.73 0.06
CA GLY A 93 -9.18 -0.73 -0.12
C GLY A 93 -9.75 0.53 0.51
N VAL A 94 -11.01 0.54 0.79
CA VAL A 94 -11.62 1.76 1.41
C VAL A 94 -12.27 1.40 2.74
N GLU A 95 -12.28 2.34 3.66
CA GLU A 95 -12.89 2.11 5.02
C GLU A 95 -13.82 0.89 5.02
N PRO A 96 -14.81 0.93 4.18
CA PRO A 96 -15.79 -0.19 4.07
C PRO A 96 -15.10 -1.55 3.87
N GLY A 97 -14.45 -2.06 4.89
CA GLY A 97 -13.78 -3.39 4.76
C GLY A 97 -12.33 -3.24 4.29
N GLN A 98 -11.88 -2.03 4.09
CA GLN A 98 -10.48 -1.83 3.63
C GLN A 98 -9.51 -2.66 4.50
N LEU A 99 -8.33 -2.91 4.01
CA LEU A 99 -7.35 -3.71 4.80
C LEU A 99 -6.37 -2.79 5.54
N LYS A 100 -5.48 -3.36 6.31
CA LYS A 100 -4.50 -2.52 7.06
C LYS A 100 -3.26 -3.37 7.43
N LEU A 101 -2.09 -2.81 7.28
CA LEU A 101 -0.86 -3.58 7.61
C LEU A 101 0.15 -2.69 8.35
N ASN A 102 0.45 -3.02 9.57
CA ASN A 102 1.42 -2.20 10.35
C ASN A 102 2.86 -2.60 10.00
N TRP A 103 3.69 -1.64 9.66
CA TRP A 103 5.10 -1.98 9.31
C TRP A 103 6.06 -1.23 10.25
N PHE A 104 7.12 -1.86 10.65
CA PHE A 104 8.09 -1.19 11.57
C PHE A 104 9.27 -0.64 10.76
N LYS A 105 9.26 0.64 10.49
CA LYS A 105 10.39 1.24 9.71
C LYS A 105 11.26 2.11 10.62
N LYS A 106 12.51 1.79 10.73
CA LYS A 106 13.41 2.61 11.61
C LYS A 106 12.95 2.54 13.06
N GLY A 107 13.61 1.75 13.87
CA GLY A 107 13.19 1.64 15.30
C GLY A 107 14.03 2.59 16.14
N SER A 108 14.28 2.25 17.38
CA SER A 108 15.09 3.14 18.25
C SER A 108 16.46 3.39 17.62
N SER A 109 17.41 3.88 18.39
CA SER A 109 18.76 4.16 17.82
C SER A 109 19.66 2.94 18.03
N LEU A 110 19.26 1.79 17.56
CA LEU A 110 20.10 0.58 17.73
C LEU A 110 20.37 0.32 19.22
N GLU A 111 21.42 0.89 19.75
CA GLU A 111 21.73 0.68 21.20
C GLU A 111 21.95 -0.81 21.48
N HIS A 112 23.14 -1.17 21.88
CA HIS A 112 23.42 -2.61 22.17
C HIS A 112 24.27 -2.73 23.44
N HIS A 113 25.46 -2.19 23.44
CA HIS A 113 26.34 -2.28 24.64
C HIS A 113 26.38 -0.93 25.36
N HIS A 114 25.47 -0.05 25.03
CA HIS A 114 25.45 1.29 25.70
C HIS A 114 26.75 2.05 25.40
N HIS A 115 27.03 2.29 24.14
CA HIS A 115 28.26 3.03 23.78
C HIS A 115 27.95 4.50 23.52
N HIS A 116 28.03 5.32 24.54
CA HIS A 116 27.74 6.77 24.35
C HIS A 116 29.03 7.58 24.43
N HIS A 117 30.02 7.09 25.12
CA HIS A 117 31.30 7.83 25.22
C HIS A 117 32.48 6.85 25.31
N MET A 1 3.41 16.35 -10.84
CA MET A 1 3.23 17.17 -12.06
C MET A 1 3.51 16.34 -13.32
N ASP A 2 4.37 15.37 -13.21
CA ASP A 2 4.68 14.50 -14.40
C ASP A 2 4.77 13.04 -13.97
N LYS A 3 4.32 12.15 -14.82
CA LYS A 3 4.37 10.70 -14.46
C LYS A 3 3.51 10.42 -13.23
N LEU A 4 3.99 10.79 -12.07
CA LEU A 4 3.19 10.55 -10.83
C LEU A 4 2.01 11.53 -10.75
N GLN A 5 0.80 11.02 -10.73
CA GLN A 5 -0.38 11.93 -10.66
C GLN A 5 -1.67 11.11 -10.75
N LEU A 6 -2.64 11.43 -9.95
CA LEU A 6 -3.93 10.68 -9.98
C LEU A 6 -5.03 11.44 -9.24
N LYS A 7 -6.26 11.19 -9.56
CA LYS A 7 -7.37 11.90 -8.87
C LYS A 7 -8.47 10.92 -8.45
N GLY A 8 -8.11 9.67 -8.28
CA GLY A 8 -9.14 8.66 -7.87
C GLY A 8 -10.10 8.42 -9.03
N MET A 9 -9.78 8.90 -10.19
CA MET A 9 -10.68 8.70 -11.36
C MET A 9 -9.86 8.47 -12.64
N SER A 10 -8.98 7.50 -12.63
CA SER A 10 -8.15 7.24 -13.84
C SER A 10 -8.77 6.11 -14.67
N TYR A 11 -9.38 5.15 -14.02
CA TYR A 11 -10.00 4.03 -14.77
C TYR A 11 -11.27 3.56 -14.06
N SER A 12 -11.12 2.86 -12.97
CA SER A 12 -12.32 2.37 -12.24
C SER A 12 -12.15 2.56 -10.73
N MET A 13 -10.95 2.38 -10.24
CA MET A 13 -10.71 2.54 -8.78
C MET A 13 -11.60 1.58 -8.01
N CYS A 14 -11.12 0.42 -7.71
CA CYS A 14 -11.96 -0.56 -6.97
C CYS A 14 -12.10 -0.12 -5.51
N THR A 15 -13.30 0.00 -5.02
CA THR A 15 -13.49 0.46 -3.62
C THR A 15 -14.14 -0.62 -2.74
N GLY A 16 -14.35 -1.79 -3.26
CA GLY A 16 -14.97 -2.86 -2.42
C GLY A 16 -14.04 -3.15 -1.23
N LYS A 17 -13.51 -4.34 -1.15
CA LYS A 17 -12.60 -4.68 -0.01
C LYS A 17 -11.38 -5.44 -0.54
N PHE A 18 -10.41 -5.71 0.31
CA PHE A 18 -9.21 -6.45 -0.16
C PHE A 18 -8.83 -7.59 0.79
N LYS A 19 -8.42 -8.69 0.24
CA LYS A 19 -8.01 -9.85 1.09
C LYS A 19 -6.49 -10.00 1.03
N VAL A 20 -5.81 -9.87 2.13
CA VAL A 20 -4.33 -10.00 2.10
C VAL A 20 -3.98 -11.41 1.59
N VAL A 21 -3.08 -11.48 0.67
CA VAL A 21 -2.65 -12.80 0.11
C VAL A 21 -1.27 -13.10 0.70
N LYS A 22 -0.58 -12.06 1.08
CA LYS A 22 0.75 -12.21 1.71
C LYS A 22 1.09 -10.92 2.45
N GLU A 23 1.57 -11.05 3.66
CA GLU A 23 1.90 -9.84 4.47
C GLU A 23 2.83 -8.89 3.72
N ILE A 24 2.85 -7.65 4.13
CA ILE A 24 3.72 -6.66 3.46
C ILE A 24 5.17 -7.18 3.40
N ALA A 25 5.77 -7.07 2.25
CA ALA A 25 7.18 -7.52 2.12
C ALA A 25 8.07 -6.29 1.95
N GLU A 26 9.36 -6.45 1.97
CA GLU A 26 10.23 -5.25 1.81
C GLU A 26 11.08 -5.38 0.54
N THR A 27 11.14 -4.32 -0.23
CA THR A 27 11.94 -4.38 -1.48
C THR A 27 13.37 -3.89 -1.23
N GLN A 28 14.23 -3.98 -2.21
CA GLN A 28 15.63 -3.52 -2.02
C GLN A 28 15.75 -2.03 -2.35
N HIS A 29 14.72 -1.28 -2.12
CA HIS A 29 14.78 0.19 -2.42
C HIS A 29 14.20 0.98 -1.25
N GLY A 30 13.88 0.33 -0.17
CA GLY A 30 13.29 1.05 0.99
C GLY A 30 11.78 0.97 0.93
N THR A 31 11.25 0.29 -0.06
CA THR A 31 9.77 0.17 -0.18
C THR A 31 9.28 -1.14 0.46
N ILE A 32 8.02 -1.40 0.36
CA ILE A 32 7.46 -2.65 0.93
C ILE A 32 6.42 -3.18 -0.04
N VAL A 33 6.19 -4.46 -0.06
CA VAL A 33 5.22 -5.00 -1.03
C VAL A 33 4.03 -5.69 -0.35
N ILE A 34 2.84 -5.38 -0.77
CA ILE A 34 1.64 -6.03 -0.17
C ILE A 34 0.97 -6.91 -1.21
N ARG A 35 0.86 -8.16 -0.95
CA ARG A 35 0.20 -9.05 -1.93
C ARG A 35 -1.19 -9.40 -1.41
N VAL A 36 -2.21 -8.91 -2.04
CA VAL A 36 -3.57 -9.19 -1.57
C VAL A 36 -4.42 -9.61 -2.74
N GLN A 37 -5.68 -9.69 -2.52
CA GLN A 37 -6.60 -10.10 -3.59
C GLN A 37 -7.80 -9.19 -3.54
N TYR A 38 -8.17 -8.59 -4.63
CA TYR A 38 -9.33 -7.66 -4.56
C TYR A 38 -10.59 -8.40 -4.12
N GLU A 39 -11.14 -8.01 -3.00
CA GLU A 39 -12.38 -8.67 -2.52
C GLU A 39 -13.60 -7.84 -2.93
N GLY A 40 -13.36 -6.74 -3.60
CA GLY A 40 -14.48 -5.86 -4.03
C GLY A 40 -14.90 -6.23 -5.45
N ASP A 41 -15.60 -5.36 -6.10
CA ASP A 41 -16.05 -5.64 -7.49
C ASP A 41 -15.64 -4.49 -8.41
N GLY A 42 -15.10 -4.80 -9.57
CA GLY A 42 -14.69 -3.71 -10.49
C GLY A 42 -13.90 -4.28 -11.68
N SER A 43 -13.31 -5.44 -11.54
CA SER A 43 -12.54 -6.01 -12.68
C SER A 43 -11.35 -5.07 -12.96
N PRO A 44 -10.83 -5.05 -14.18
CA PRO A 44 -9.69 -4.16 -14.48
C PRO A 44 -9.95 -2.80 -13.83
N CYS A 45 -9.44 -2.61 -12.66
CA CYS A 45 -9.66 -1.34 -11.92
C CYS A 45 -8.44 -1.02 -11.07
N LYS A 46 -8.45 0.08 -10.37
CA LYS A 46 -7.27 0.41 -9.53
C LYS A 46 -7.48 -0.02 -8.08
N ILE A 47 -6.46 0.12 -7.27
CA ILE A 47 -6.57 -0.33 -5.84
C ILE A 47 -6.33 0.80 -4.84
N PRO A 48 -7.22 0.90 -3.89
CA PRO A 48 -7.11 1.91 -2.81
C PRO A 48 -5.89 1.62 -1.92
N PHE A 49 -5.22 2.64 -1.46
CA PHE A 49 -4.04 2.44 -0.58
C PHE A 49 -3.84 3.65 0.34
N GLU A 50 -3.14 3.48 1.43
CA GLU A 50 -2.92 4.63 2.35
C GLU A 50 -1.95 4.23 3.47
N ILE A 51 -0.76 4.78 3.47
CA ILE A 51 0.23 4.43 4.52
C ILE A 51 0.19 5.47 5.65
N MET A 52 -0.87 5.48 6.42
CA MET A 52 -0.98 6.47 7.54
C MET A 52 -1.80 5.89 8.68
N ASP A 53 -3.08 5.70 8.47
CA ASP A 53 -3.94 5.13 9.54
C ASP A 53 -5.41 5.12 9.08
N LEU A 54 -6.28 4.50 9.84
CA LEU A 54 -7.71 4.45 9.45
C LEU A 54 -8.43 5.74 9.86
N GLU A 55 -7.72 6.65 10.46
CA GLU A 55 -8.35 7.93 10.89
C GLU A 55 -7.29 8.98 11.19
N LYS A 56 -6.53 9.37 10.20
CA LYS A 56 -5.47 10.39 10.42
C LYS A 56 -5.74 11.63 9.56
N ARG A 57 -4.81 12.55 9.54
CA ARG A 57 -5.01 13.78 8.71
C ARG A 57 -3.81 14.00 7.80
N HIS A 58 -2.62 13.99 8.33
CA HIS A 58 -1.42 14.20 7.48
C HIS A 58 -0.24 13.39 8.03
N VAL A 59 0.13 12.34 7.36
CA VAL A 59 1.28 11.51 7.84
C VAL A 59 2.39 11.49 6.79
N LEU A 60 2.77 10.34 6.29
CA LEU A 60 3.85 10.29 5.27
C LEU A 60 3.80 8.96 4.51
N GLY A 61 4.89 8.57 3.90
CA GLY A 61 4.91 7.29 3.14
C GLY A 61 4.74 7.59 1.65
N ARG A 62 4.85 6.59 0.82
CA ARG A 62 4.70 6.83 -0.65
C ARG A 62 4.34 5.53 -1.34
N LEU A 63 3.91 5.60 -2.57
CA LEU A 63 3.57 4.35 -3.27
C LEU A 63 4.36 4.22 -4.58
N ILE A 64 5.09 3.15 -4.71
CA ILE A 64 5.86 2.91 -5.97
C ILE A 64 4.91 2.26 -6.96
N THR A 65 3.91 1.62 -6.42
CA THR A 65 2.89 0.94 -7.25
C THR A 65 1.59 1.76 -7.18
N VAL A 66 1.74 3.05 -7.15
CA VAL A 66 0.56 3.95 -7.07
C VAL A 66 -0.60 3.41 -7.90
N ASN A 67 -1.81 3.73 -7.50
CA ASN A 67 -3.01 3.26 -8.26
C ASN A 67 -2.81 1.84 -8.78
N PRO A 68 -2.59 0.93 -7.87
CA PRO A 68 -2.41 -0.49 -8.25
C PRO A 68 -3.67 -0.95 -8.99
N ILE A 69 -3.63 -2.06 -9.68
CA ILE A 69 -4.86 -2.47 -10.42
C ILE A 69 -5.08 -3.98 -10.44
N VAL A 70 -6.32 -4.39 -10.41
CA VAL A 70 -6.64 -5.86 -10.49
C VAL A 70 -7.13 -6.14 -11.91
N THR A 71 -7.16 -7.37 -12.32
CA THR A 71 -7.63 -7.65 -13.71
C THR A 71 -8.77 -8.66 -13.73
N GLU A 72 -9.05 -9.32 -12.62
CA GLU A 72 -10.16 -10.31 -12.63
C GLU A 72 -10.96 -10.27 -11.34
N LYS A 73 -10.72 -9.28 -10.52
CA LYS A 73 -11.45 -9.15 -9.22
C LYS A 73 -10.88 -10.10 -8.17
N ASP A 74 -10.13 -11.09 -8.58
CA ASP A 74 -9.55 -12.03 -7.60
C ASP A 74 -8.07 -12.23 -7.89
N SER A 75 -7.56 -11.58 -8.89
CA SER A 75 -6.11 -11.71 -9.19
C SER A 75 -5.32 -11.00 -8.11
N PRO A 76 -4.63 -11.77 -7.31
CA PRO A 76 -3.86 -11.19 -6.20
C PRO A 76 -2.99 -10.02 -6.69
N VAL A 77 -3.03 -8.90 -6.02
CA VAL A 77 -2.22 -7.74 -6.46
C VAL A 77 -1.08 -7.47 -5.47
N ASN A 78 -0.01 -6.88 -5.94
CA ASN A 78 1.14 -6.58 -5.02
C ASN A 78 1.32 -5.06 -4.93
N ILE A 79 1.48 -4.51 -3.75
CA ILE A 79 1.65 -3.03 -3.72
C ILE A 79 3.00 -2.62 -3.14
N GLU A 80 3.79 -1.98 -3.95
CA GLU A 80 5.13 -1.50 -3.52
C GLU A 80 5.02 -0.04 -3.06
N ALA A 81 5.17 0.22 -1.78
CA ALA A 81 5.05 1.63 -1.31
C ALA A 81 6.23 2.01 -0.40
N GLU A 82 6.51 3.28 -0.32
CA GLU A 82 7.65 3.74 0.55
C GLU A 82 7.12 4.26 1.89
N PRO A 83 7.26 3.46 2.89
CA PRO A 83 6.80 3.83 4.24
C PRO A 83 7.75 4.85 4.90
N PRO A 84 7.19 5.69 5.70
CA PRO A 84 8.00 6.72 6.41
C PRO A 84 9.03 6.04 7.32
N PHE A 85 9.50 6.74 8.32
CA PHE A 85 10.51 6.14 9.24
C PHE A 85 9.84 5.77 10.57
N GLY A 86 10.12 4.60 11.08
CA GLY A 86 9.50 4.19 12.37
C GLY A 86 8.32 3.27 12.09
N ASP A 87 7.31 3.31 12.92
CA ASP A 87 6.13 2.44 12.70
C ASP A 87 5.35 2.91 11.47
N SER A 88 4.59 2.03 10.87
CA SER A 88 3.81 2.43 9.65
C SER A 88 2.71 1.40 9.36
N TYR A 89 1.52 1.85 9.06
CA TYR A 89 0.42 0.89 8.77
C TYR A 89 0.00 1.02 7.30
N ILE A 90 0.37 0.09 6.47
CA ILE A 90 -0.04 0.16 5.05
C ILE A 90 -1.52 -0.18 4.91
N ILE A 91 -2.32 0.74 4.43
CA ILE A 91 -3.77 0.46 4.30
C ILE A 91 -4.11 0.07 2.85
N ILE A 92 -5.09 -0.77 2.69
CA ILE A 92 -5.48 -1.21 1.33
C ILE A 92 -7.02 -1.20 1.21
N GLY A 93 -7.55 -0.73 0.12
CA GLY A 93 -9.03 -0.72 -0.01
C GLY A 93 -9.55 0.55 0.66
N VAL A 94 -10.79 0.57 1.01
CA VAL A 94 -11.36 1.78 1.66
C VAL A 94 -11.98 1.42 3.00
N GLU A 95 -11.96 2.35 3.93
CA GLU A 95 -12.54 2.12 5.30
C GLU A 95 -13.49 0.92 5.32
N PRO A 96 -14.50 0.98 4.49
CA PRO A 96 -15.50 -0.11 4.40
C PRO A 96 -14.82 -1.49 4.17
N GLY A 97 -14.17 -2.02 5.16
CA GLY A 97 -13.52 -3.36 5.01
C GLY A 97 -12.09 -3.23 4.48
N GLN A 98 -11.62 -2.02 4.30
CA GLN A 98 -10.22 -1.85 3.79
C GLN A 98 -9.25 -2.69 4.60
N LEU A 99 -8.09 -2.97 4.07
CA LEU A 99 -7.08 -3.80 4.81
C LEU A 99 -6.10 -2.89 5.54
N LYS A 100 -5.26 -3.47 6.36
CA LYS A 100 -4.26 -2.66 7.11
C LYS A 100 -3.06 -3.52 7.51
N LEU A 101 -1.87 -3.03 7.29
CA LEU A 101 -0.66 -3.82 7.64
C LEU A 101 0.35 -2.94 8.39
N ASN A 102 0.72 -3.32 9.58
CA ASN A 102 1.71 -2.50 10.35
C ASN A 102 3.14 -2.91 9.99
N TRP A 103 3.99 -1.95 9.77
CA TRP A 103 5.40 -2.27 9.42
C TRP A 103 6.37 -1.46 10.30
N PHE A 104 7.47 -2.04 10.68
CA PHE A 104 8.45 -1.31 11.54
C PHE A 104 9.64 -0.85 10.69
N LYS A 105 10.05 0.38 10.84
CA LYS A 105 11.21 0.89 10.05
C LYS A 105 12.15 1.68 10.95
N LYS A 106 13.42 1.33 10.93
CA LYS A 106 14.39 2.06 11.79
C LYS A 106 13.91 2.11 13.23
N GLY A 107 14.52 2.92 14.05
CA GLY A 107 14.10 3.01 15.47
C GLY A 107 15.21 3.66 16.30
N SER A 108 15.07 4.91 16.63
CA SER A 108 16.11 5.59 17.45
C SER A 108 16.13 5.04 18.88
N SER A 109 14.99 5.03 19.53
CA SER A 109 14.95 4.51 20.92
C SER A 109 13.58 3.86 21.19
N LEU A 110 13.07 3.12 20.26
CA LEU A 110 11.75 2.46 20.46
C LEU A 110 11.73 1.71 21.80
N GLU A 111 10.58 1.30 22.24
CA GLU A 111 10.49 0.57 23.54
C GLU A 111 9.90 -0.82 23.32
N HIS A 112 10.13 -1.72 24.23
CA HIS A 112 9.58 -3.10 24.07
C HIS A 112 8.13 -3.16 24.57
N HIS A 113 7.18 -2.96 23.69
CA HIS A 113 5.75 -3.00 24.11
C HIS A 113 5.27 -4.46 24.20
N HIS A 114 4.74 -4.83 25.33
CA HIS A 114 4.24 -6.23 25.48
C HIS A 114 2.86 -6.39 24.85
N HIS A 115 2.75 -6.15 23.58
CA HIS A 115 1.42 -6.28 22.91
C HIS A 115 1.57 -6.07 21.40
N HIS A 116 2.26 -5.04 20.99
CA HIS A 116 2.44 -4.78 19.54
C HIS A 116 1.07 -4.60 18.86
N HIS A 117 1.03 -4.65 17.56
CA HIS A 117 -0.26 -4.48 16.84
C HIS A 117 -0.63 -5.76 16.10
N MET A 1 12.74 9.46 -24.32
CA MET A 1 11.67 8.42 -24.20
C MET A 1 10.29 9.09 -24.17
N ASP A 2 10.19 10.22 -23.53
CA ASP A 2 8.87 10.93 -23.48
C ASP A 2 7.79 9.98 -22.93
N LYS A 3 8.05 9.36 -21.81
CA LYS A 3 7.04 8.42 -21.23
C LYS A 3 6.57 8.93 -19.87
N LEU A 4 6.06 10.14 -19.81
CA LEU A 4 5.60 10.68 -18.51
C LEU A 4 4.38 11.59 -18.72
N GLN A 5 3.30 11.33 -18.04
CA GLN A 5 2.09 12.17 -18.19
C GLN A 5 0.95 11.64 -17.32
N LEU A 6 0.77 12.22 -16.16
CA LEU A 6 -0.32 11.76 -15.26
C LEU A 6 -1.04 12.96 -14.62
N LYS A 7 -2.14 13.37 -15.18
CA LYS A 7 -2.88 14.53 -14.60
C LYS A 7 -4.02 14.04 -13.71
N GLY A 8 -4.38 12.78 -13.82
CA GLY A 8 -5.48 12.25 -12.96
C GLY A 8 -6.49 11.51 -13.85
N MET A 9 -6.93 10.36 -13.43
CA MET A 9 -7.92 9.60 -14.25
C MET A 9 -8.38 8.35 -13.49
N SER A 10 -7.46 7.54 -13.06
CA SER A 10 -7.85 6.30 -12.32
C SER A 10 -8.78 5.44 -13.18
N TYR A 11 -8.83 4.16 -12.92
CA TYR A 11 -9.72 3.28 -13.72
C TYR A 11 -11.10 3.18 -13.07
N SER A 12 -11.21 2.48 -11.97
CA SER A 12 -12.54 2.36 -11.31
C SER A 12 -12.41 2.56 -9.79
N MET A 13 -11.20 2.66 -9.28
CA MET A 13 -11.04 2.84 -7.82
C MET A 13 -11.75 1.69 -7.10
N CYS A 14 -11.10 0.56 -7.00
CA CYS A 14 -11.76 -0.61 -6.35
C CYS A 14 -12.19 -0.23 -4.93
N THR A 15 -13.46 0.06 -4.75
CA THR A 15 -13.94 0.45 -3.40
C THR A 15 -14.57 -0.75 -2.68
N GLY A 16 -14.70 -1.87 -3.33
CA GLY A 16 -15.30 -3.04 -2.64
C GLY A 16 -14.48 -3.39 -1.39
N LYS A 17 -13.79 -4.50 -1.41
CA LYS A 17 -12.97 -4.89 -0.22
C LYS A 17 -11.66 -5.55 -0.68
N PHE A 18 -10.68 -5.64 0.17
CA PHE A 18 -9.40 -6.28 -0.25
C PHE A 18 -8.99 -7.40 0.72
N LYS A 19 -8.56 -8.50 0.19
CA LYS A 19 -8.14 -9.64 1.07
C LYS A 19 -6.62 -9.78 1.03
N VAL A 20 -5.96 -9.64 2.13
CA VAL A 20 -4.48 -9.78 2.11
C VAL A 20 -4.12 -11.18 1.62
N VAL A 21 -3.23 -11.26 0.68
CA VAL A 21 -2.80 -12.58 0.14
C VAL A 21 -1.45 -12.90 0.74
N LYS A 22 -0.75 -11.86 1.12
CA LYS A 22 0.58 -12.02 1.79
C LYS A 22 0.91 -10.71 2.49
N GLU A 23 1.35 -10.81 3.72
CA GLU A 23 1.68 -9.59 4.51
C GLU A 23 2.63 -8.68 3.74
N ILE A 24 2.63 -7.41 4.08
CA ILE A 24 3.52 -6.45 3.38
C ILE A 24 4.96 -7.01 3.35
N ALA A 25 5.57 -6.97 2.21
CA ALA A 25 6.97 -7.47 2.09
C ALA A 25 7.89 -6.26 1.92
N GLU A 26 9.17 -6.45 1.95
CA GLU A 26 10.08 -5.29 1.78
C GLU A 26 10.89 -5.42 0.50
N THR A 27 10.92 -4.39 -0.30
CA THR A 27 11.69 -4.45 -1.57
C THR A 27 13.15 -4.11 -1.30
N GLN A 28 13.98 -4.17 -2.32
CA GLN A 28 15.43 -3.84 -2.11
C GLN A 28 15.67 -2.36 -2.41
N HIS A 29 14.68 -1.53 -2.21
CA HIS A 29 14.87 -0.07 -2.48
C HIS A 29 14.31 0.75 -1.32
N GLY A 30 13.88 0.12 -0.26
CA GLY A 30 13.32 0.87 0.90
C GLY A 30 11.80 0.82 0.85
N THR A 31 11.24 0.22 -0.16
CA THR A 31 9.75 0.13 -0.26
C THR A 31 9.25 -1.15 0.37
N ILE A 32 7.97 -1.39 0.28
CA ILE A 32 7.39 -2.64 0.84
C ILE A 32 6.35 -3.16 -0.14
N VAL A 33 6.05 -4.42 -0.11
CA VAL A 33 5.08 -4.95 -1.10
C VAL A 33 3.88 -5.61 -0.42
N ILE A 34 2.69 -5.27 -0.86
CA ILE A 34 1.49 -5.90 -0.27
C ILE A 34 0.82 -6.80 -1.30
N ARG A 35 0.71 -8.05 -1.00
CA ARG A 35 0.05 -8.97 -1.96
C ARG A 35 -1.34 -9.28 -1.44
N VAL A 36 -2.35 -8.86 -2.16
CA VAL A 36 -3.72 -9.11 -1.69
C VAL A 36 -4.57 -9.55 -2.85
N GLN A 37 -5.81 -9.72 -2.61
CA GLN A 37 -6.71 -10.16 -3.68
C GLN A 37 -7.90 -9.23 -3.69
N TYR A 38 -8.27 -8.73 -4.82
CA TYR A 38 -9.41 -7.77 -4.85
C TYR A 38 -10.68 -8.45 -4.34
N GLU A 39 -11.28 -7.89 -3.32
CA GLU A 39 -12.54 -8.49 -2.79
C GLU A 39 -13.70 -7.53 -3.08
N GLY A 40 -13.55 -6.74 -4.12
CA GLY A 40 -14.62 -5.78 -4.47
C GLY A 40 -15.09 -6.06 -5.90
N ASP A 41 -15.73 -5.11 -6.52
CA ASP A 41 -16.21 -5.33 -7.90
C ASP A 41 -15.68 -4.23 -8.83
N GLY A 42 -15.46 -4.54 -10.08
CA GLY A 42 -14.95 -3.51 -11.02
C GLY A 42 -14.00 -4.13 -12.06
N SER A 43 -13.71 -5.40 -11.98
CA SER A 43 -12.80 -6.00 -12.98
C SER A 43 -11.54 -5.12 -13.07
N PRO A 44 -10.85 -5.12 -14.20
CA PRO A 44 -9.65 -4.27 -14.32
C PRO A 44 -9.93 -2.91 -13.67
N CYS A 45 -9.50 -2.76 -12.45
CA CYS A 45 -9.76 -1.50 -11.71
C CYS A 45 -8.55 -1.18 -10.82
N LYS A 46 -8.51 -0.01 -10.24
CA LYS A 46 -7.35 0.37 -9.40
C LYS A 46 -7.48 -0.15 -7.96
N ILE A 47 -6.46 0.06 -7.17
CA ILE A 47 -6.49 -0.44 -5.76
C ILE A 47 -6.24 0.69 -4.75
N PRO A 48 -7.18 0.85 -3.86
CA PRO A 48 -7.07 1.89 -2.81
C PRO A 48 -5.86 1.64 -1.91
N PHE A 49 -5.23 2.69 -1.46
CA PHE A 49 -4.04 2.53 -0.58
C PHE A 49 -3.89 3.76 0.33
N GLU A 50 -3.24 3.61 1.46
CA GLU A 50 -3.07 4.78 2.37
C GLU A 50 -2.11 4.43 3.50
N ILE A 51 -0.89 4.89 3.43
CA ILE A 51 0.09 4.59 4.51
C ILE A 51 0.13 5.72 5.53
N MET A 52 -0.74 5.68 6.51
CA MET A 52 -0.76 6.76 7.53
C MET A 52 -1.34 6.24 8.85
N ASP A 53 -2.59 5.88 8.87
CA ASP A 53 -3.20 5.37 10.12
C ASP A 53 -4.44 4.53 9.80
N LEU A 54 -5.50 5.15 9.38
CA LEU A 54 -6.73 4.39 9.05
C LEU A 54 -7.53 5.10 7.96
N GLU A 55 -7.59 6.41 8.01
CA GLU A 55 -8.34 7.16 6.96
C GLU A 55 -7.97 8.65 7.01
N LYS A 56 -6.70 8.96 6.90
CA LYS A 56 -6.28 10.39 6.93
C LYS A 56 -5.32 10.68 5.77
N ARG A 57 -5.84 11.08 4.65
CA ARG A 57 -4.96 11.38 3.48
C ARG A 57 -4.01 12.53 3.82
N HIS A 58 -2.77 12.42 3.44
CA HIS A 58 -1.79 13.50 3.74
C HIS A 58 -0.45 13.20 3.06
N VAL A 59 0.62 13.70 3.60
CA VAL A 59 1.95 13.45 2.98
C VAL A 59 2.75 12.45 3.82
N LEU A 60 2.44 11.18 3.70
CA LEU A 60 3.17 10.16 4.49
C LEU A 60 3.49 8.94 3.61
N GLY A 61 4.62 8.33 3.82
CA GLY A 61 4.99 7.14 2.99
C GLY A 61 4.82 7.48 1.51
N ARG A 62 4.93 6.50 0.65
CA ARG A 62 4.78 6.77 -0.81
C ARG A 62 4.42 5.47 -1.51
N LEU A 63 4.00 5.54 -2.75
CA LEU A 63 3.65 4.30 -3.46
C LEU A 63 4.46 4.15 -4.75
N ILE A 64 5.19 3.09 -4.86
CA ILE A 64 5.99 2.85 -6.10
C ILE A 64 5.04 2.24 -7.12
N THR A 65 4.07 1.54 -6.62
CA THR A 65 3.03 0.90 -7.47
C THR A 65 1.83 1.84 -7.52
N VAL A 66 2.11 3.12 -7.49
CA VAL A 66 1.04 4.15 -7.52
C VAL A 66 -0.12 3.71 -8.41
N ASN A 67 -1.32 4.01 -8.02
CA ASN A 67 -2.49 3.61 -8.84
C ASN A 67 -2.39 2.13 -9.20
N PRO A 68 -2.36 1.30 -8.20
CA PRO A 68 -2.29 -0.16 -8.43
C PRO A 68 -3.60 -0.63 -9.04
N ILE A 69 -3.61 -1.71 -9.76
CA ILE A 69 -4.88 -2.17 -10.39
C ILE A 69 -5.01 -3.69 -10.39
N VAL A 70 -6.23 -4.16 -10.26
CA VAL A 70 -6.47 -5.63 -10.30
C VAL A 70 -6.90 -5.98 -11.72
N THR A 71 -6.70 -7.18 -12.17
CA THR A 71 -7.13 -7.53 -13.54
C THR A 71 -8.31 -8.48 -13.45
N GLU A 72 -8.44 -9.13 -12.34
CA GLU A 72 -9.58 -10.06 -12.12
C GLU A 72 -10.07 -9.86 -10.68
N LYS A 73 -11.33 -10.00 -10.44
CA LYS A 73 -11.84 -9.80 -9.06
C LYS A 73 -11.08 -10.67 -8.06
N ASP A 74 -10.33 -11.62 -8.51
CA ASP A 74 -9.58 -12.47 -7.54
C ASP A 74 -8.09 -12.51 -7.90
N SER A 75 -7.67 -11.73 -8.86
CA SER A 75 -6.23 -11.71 -9.22
C SER A 75 -5.46 -10.99 -8.12
N PRO A 76 -4.65 -11.74 -7.42
CA PRO A 76 -3.88 -11.15 -6.30
C PRO A 76 -3.01 -9.99 -6.79
N VAL A 77 -3.13 -8.85 -6.18
CA VAL A 77 -2.30 -7.68 -6.61
C VAL A 77 -1.16 -7.42 -5.62
N ASN A 78 -0.13 -6.75 -6.05
CA ASN A 78 1.02 -6.46 -5.14
C ASN A 78 1.22 -4.94 -5.04
N ILE A 79 1.36 -4.40 -3.86
CA ILE A 79 1.55 -2.92 -3.81
C ILE A 79 2.92 -2.55 -3.26
N GLU A 80 3.72 -1.96 -4.09
CA GLU A 80 5.08 -1.51 -3.68
C GLU A 80 5.03 -0.05 -3.22
N ALA A 81 5.14 0.20 -1.94
CA ALA A 81 5.07 1.61 -1.49
C ALA A 81 6.25 1.96 -0.57
N GLU A 82 6.59 3.22 -0.50
CA GLU A 82 7.74 3.64 0.35
C GLU A 82 7.24 4.10 1.72
N PRO A 83 7.55 3.32 2.72
CA PRO A 83 7.12 3.64 4.10
C PRO A 83 7.92 4.84 4.64
N PRO A 84 7.27 5.65 5.42
CA PRO A 84 7.92 6.84 6.01
C PRO A 84 9.07 6.40 6.92
N PHE A 85 8.78 5.84 8.06
CA PHE A 85 9.87 5.40 8.98
C PHE A 85 9.28 4.99 10.34
N GLY A 86 9.80 3.97 10.94
CA GLY A 86 9.27 3.54 12.26
C GLY A 86 8.00 2.71 12.07
N ASP A 87 7.06 2.83 12.96
CA ASP A 87 5.80 2.05 12.83
C ASP A 87 4.93 2.66 11.72
N SER A 88 4.52 1.85 10.77
CA SER A 88 3.67 2.38 9.66
C SER A 88 2.57 1.38 9.30
N TYR A 89 1.35 1.82 9.26
CA TYR A 89 0.23 0.89 8.91
C TYR A 89 -0.23 1.13 7.48
N ILE A 90 0.15 0.27 6.57
CA ILE A 90 -0.27 0.44 5.16
C ILE A 90 -1.76 0.06 5.01
N ILE A 91 -2.56 0.97 4.54
CA ILE A 91 -4.01 0.66 4.39
C ILE A 91 -4.31 0.23 2.95
N ILE A 92 -5.25 -0.65 2.77
CA ILE A 92 -5.57 -1.11 1.39
C ILE A 92 -7.09 -1.15 1.20
N GLY A 93 -7.58 -0.77 0.06
CA GLY A 93 -9.05 -0.81 -0.16
C GLY A 93 -9.69 0.42 0.49
N VAL A 94 -10.94 0.33 0.82
CA VAL A 94 -11.61 1.51 1.43
C VAL A 94 -12.38 1.09 2.68
N GLU A 95 -12.62 2.01 3.58
CA GLU A 95 -13.37 1.69 4.83
C GLU A 95 -14.39 0.56 4.62
N PRO A 96 -15.24 0.73 3.64
CA PRO A 96 -16.27 -0.30 3.34
C PRO A 96 -15.64 -1.70 3.27
N GLY A 97 -14.36 -1.78 3.05
CA GLY A 97 -13.69 -3.11 2.96
C GLY A 97 -12.19 -2.89 2.78
N GLN A 98 -11.60 -2.03 3.57
CA GLN A 98 -10.15 -1.75 3.42
C GLN A 98 -9.33 -2.60 4.40
N LEU A 99 -8.09 -2.87 4.06
CA LEU A 99 -7.21 -3.69 4.95
C LEU A 99 -6.22 -2.77 5.67
N LYS A 100 -5.35 -3.36 6.46
CA LYS A 100 -4.34 -2.54 7.19
C LYS A 100 -3.12 -3.41 7.54
N LEU A 101 -1.94 -2.89 7.37
CA LEU A 101 -0.72 -3.69 7.70
C LEU A 101 0.33 -2.80 8.39
N ASN A 102 0.70 -3.15 9.59
CA ASN A 102 1.72 -2.33 10.31
C ASN A 102 3.13 -2.79 9.96
N TRP A 103 4.00 -1.89 9.59
CA TRP A 103 5.39 -2.29 9.23
C TRP A 103 6.39 -1.60 10.17
N PHE A 104 7.17 -2.36 10.88
CA PHE A 104 8.16 -1.75 11.82
C PHE A 104 9.47 -1.47 11.08
N LYS A 105 9.54 -0.39 10.35
CA LYS A 105 10.79 -0.06 9.62
C LYS A 105 11.83 0.53 10.57
N LYS A 106 12.83 -0.23 10.92
CA LYS A 106 13.87 0.29 11.85
C LYS A 106 15.21 0.45 11.12
N GLY A 107 15.73 1.65 11.08
CA GLY A 107 17.04 1.87 10.38
C GLY A 107 16.98 1.25 8.98
N SER A 108 17.92 0.41 8.65
CA SER A 108 17.91 -0.23 7.30
C SER A 108 19.19 -1.03 7.10
N SER A 109 20.28 -0.62 7.71
CA SER A 109 21.56 -1.36 7.55
C SER A 109 21.66 -2.46 8.61
N LEU A 110 21.69 -3.70 8.20
CA LEU A 110 21.80 -4.81 9.19
C LEU A 110 23.23 -5.36 9.22
N GLU A 111 24.21 -4.49 9.23
CA GLU A 111 25.62 -4.96 9.26
C GLU A 111 26.58 -3.77 9.34
N HIS A 112 26.83 -3.27 10.52
CA HIS A 112 27.75 -2.11 10.66
C HIS A 112 29.04 -2.54 11.37
N HIS A 113 29.59 -3.66 11.00
CA HIS A 113 30.85 -4.13 11.66
C HIS A 113 32.03 -4.01 10.69
N HIS A 114 32.65 -2.87 10.64
CA HIS A 114 33.81 -2.69 9.71
C HIS A 114 35.07 -2.34 10.50
N HIS A 115 35.04 -1.26 11.23
CA HIS A 115 36.24 -0.87 12.02
C HIS A 115 36.40 -1.79 13.24
N HIS A 116 35.44 -2.63 13.49
CA HIS A 116 35.54 -3.55 14.66
C HIS A 116 35.21 -4.98 14.23
N HIS A 117 35.35 -5.93 15.12
CA HIS A 117 35.04 -7.34 14.76
C HIS A 117 35.17 -8.24 16.00
N MET A 1 7.42 9.17 -14.43
CA MET A 1 7.38 10.47 -15.15
C MET A 1 6.05 11.17 -14.91
N ASP A 2 4.97 10.44 -14.91
CA ASP A 2 3.64 11.07 -14.68
C ASP A 2 3.63 11.83 -13.35
N LYS A 3 4.53 11.50 -12.47
CA LYS A 3 4.58 12.20 -11.16
C LYS A 3 3.17 12.37 -10.60
N LEU A 4 2.92 13.45 -9.90
CA LEU A 4 1.56 13.67 -9.33
C LEU A 4 0.54 13.88 -10.46
N GLN A 5 -0.50 13.09 -10.48
CA GLN A 5 -1.53 13.24 -11.55
C GLN A 5 -2.51 12.07 -11.51
N LEU A 6 -3.62 12.24 -10.84
CA LEU A 6 -4.61 11.13 -10.76
C LEU A 6 -5.99 11.62 -11.26
N LYS A 7 -6.16 11.74 -12.53
CA LYS A 7 -7.46 12.21 -13.08
C LYS A 7 -7.62 11.78 -14.54
N GLY A 8 -6.87 10.78 -14.95
CA GLY A 8 -6.98 10.31 -16.36
C GLY A 8 -6.54 8.85 -16.45
N MET A 9 -5.50 8.49 -15.74
CA MET A 9 -5.02 7.07 -15.79
C MET A 9 -5.88 6.20 -14.86
N SER A 10 -6.40 6.78 -13.81
CA SER A 10 -7.25 5.98 -12.86
C SER A 10 -8.25 5.13 -13.65
N TYR A 11 -8.46 3.91 -13.22
CA TYR A 11 -9.42 3.03 -13.94
C TYR A 11 -10.81 3.11 -13.30
N SER A 12 -10.98 2.51 -12.16
CA SER A 12 -12.31 2.55 -11.50
C SER A 12 -12.18 2.70 -9.98
N MET A 13 -10.97 2.71 -9.46
CA MET A 13 -10.81 2.83 -7.99
C MET A 13 -11.59 1.71 -7.31
N CYS A 14 -10.99 0.56 -7.21
CA CYS A 14 -11.71 -0.60 -6.60
C CYS A 14 -12.22 -0.20 -5.20
N THR A 15 -13.51 -0.01 -5.09
CA THR A 15 -14.09 0.41 -3.77
C THR A 15 -14.58 -0.79 -2.96
N GLY A 16 -14.62 -1.96 -3.55
CA GLY A 16 -15.11 -3.15 -2.79
C GLY A 16 -14.21 -3.37 -1.57
N LYS A 17 -13.63 -4.53 -1.44
CA LYS A 17 -12.74 -4.80 -0.27
C LYS A 17 -11.47 -5.51 -0.74
N PHE A 18 -10.54 -5.73 0.14
CA PHE A 18 -9.28 -6.41 -0.29
C PHE A 18 -8.89 -7.52 0.69
N LYS A 19 -8.42 -8.63 0.17
CA LYS A 19 -8.01 -9.75 1.05
C LYS A 19 -6.49 -9.88 1.01
N VAL A 20 -5.83 -9.70 2.12
CA VAL A 20 -4.34 -9.84 2.09
C VAL A 20 -3.98 -11.25 1.64
N VAL A 21 -3.22 -11.34 0.59
CA VAL A 21 -2.80 -12.67 0.07
C VAL A 21 -1.42 -12.97 0.63
N LYS A 22 -0.70 -11.93 0.96
CA LYS A 22 0.65 -12.09 1.55
C LYS A 22 1.02 -10.82 2.30
N GLU A 23 1.51 -10.97 3.50
CA GLU A 23 1.88 -9.79 4.33
C GLU A 23 2.80 -8.84 3.57
N ILE A 24 2.86 -7.61 4.00
CA ILE A 24 3.73 -6.62 3.30
C ILE A 24 5.14 -7.18 3.16
N ALA A 25 5.70 -7.05 1.99
CA ALA A 25 7.08 -7.53 1.77
C ALA A 25 8.00 -6.32 1.69
N GLU A 26 9.29 -6.52 1.70
CA GLU A 26 10.20 -5.33 1.63
C GLU A 26 11.04 -5.39 0.36
N THR A 27 10.97 -4.36 -0.45
CA THR A 27 11.77 -4.35 -1.70
C THR A 27 13.23 -3.99 -1.39
N GLN A 28 14.05 -3.86 -2.39
CA GLN A 28 15.48 -3.49 -2.14
C GLN A 28 15.70 -2.00 -2.38
N HIS A 29 14.71 -1.19 -2.07
CA HIS A 29 14.87 0.27 -2.28
C HIS A 29 14.24 1.06 -1.13
N GLY A 30 13.84 0.38 -0.09
CA GLY A 30 13.21 1.08 1.06
C GLY A 30 11.69 0.95 0.97
N THR A 31 11.20 0.34 -0.08
CA THR A 31 9.72 0.19 -0.23
C THR A 31 9.28 -1.15 0.36
N ILE A 32 8.01 -1.45 0.23
CA ILE A 32 7.48 -2.74 0.75
C ILE A 32 6.45 -3.23 -0.23
N VAL A 33 6.01 -4.45 -0.11
CA VAL A 33 5.03 -4.96 -1.10
C VAL A 33 3.84 -5.64 -0.42
N ILE A 34 2.65 -5.22 -0.75
CA ILE A 34 1.46 -5.86 -0.15
C ILE A 34 0.72 -6.66 -1.20
N ARG A 35 0.66 -7.94 -1.02
CA ARG A 35 -0.04 -8.80 -2.00
C ARG A 35 -1.43 -9.09 -1.46
N VAL A 36 -2.44 -8.71 -2.17
CA VAL A 36 -3.82 -8.93 -1.69
C VAL A 36 -4.72 -9.18 -2.86
N GLN A 37 -5.80 -9.81 -2.63
CA GLN A 37 -6.72 -10.09 -3.73
C GLN A 37 -7.91 -9.16 -3.62
N TYR A 38 -8.19 -8.44 -4.66
CA TYR A 38 -9.33 -7.49 -4.58
C TYR A 38 -10.63 -8.23 -4.28
N GLU A 39 -11.31 -7.84 -3.23
CA GLU A 39 -12.59 -8.52 -2.87
C GLU A 39 -13.75 -7.56 -3.07
N GLY A 40 -14.37 -7.57 -4.22
CA GLY A 40 -15.50 -6.65 -4.45
C GLY A 40 -15.81 -6.55 -5.95
N ASP A 41 -16.31 -5.44 -6.38
CA ASP A 41 -16.64 -5.29 -7.83
C ASP A 41 -15.71 -4.25 -8.47
N GLY A 42 -15.03 -4.62 -9.52
CA GLY A 42 -14.12 -3.64 -10.19
C GLY A 42 -13.39 -4.30 -11.35
N SER A 43 -13.17 -5.58 -11.32
CA SER A 43 -12.44 -6.22 -12.45
C SER A 43 -11.18 -5.37 -12.72
N PRO A 44 -10.67 -5.40 -13.94
CA PRO A 44 -9.49 -4.57 -14.23
C PRO A 44 -9.72 -3.16 -13.67
N CYS A 45 -9.25 -2.92 -12.48
CA CYS A 45 -9.48 -1.60 -11.83
C CYS A 45 -8.31 -1.28 -10.87
N LYS A 46 -8.29 -0.08 -10.33
CA LYS A 46 -7.16 0.31 -9.42
C LYS A 46 -7.36 -0.21 -8.00
N ILE A 47 -6.38 0.00 -7.15
CA ILE A 47 -6.48 -0.49 -5.75
C ILE A 47 -6.30 0.65 -4.74
N PRO A 48 -7.24 0.74 -3.84
CA PRO A 48 -7.19 1.78 -2.78
C PRO A 48 -5.98 1.56 -1.87
N PHE A 49 -5.37 2.61 -1.42
CA PHE A 49 -4.18 2.46 -0.52
C PHE A 49 -4.07 3.67 0.41
N GLU A 50 -3.36 3.53 1.49
CA GLU A 50 -3.20 4.67 2.43
C GLU A 50 -2.22 4.28 3.54
N ILE A 51 -0.98 4.69 3.43
CA ILE A 51 0.03 4.33 4.45
C ILE A 51 -0.02 5.29 5.65
N MET A 52 -1.13 5.95 5.87
CA MET A 52 -1.23 6.87 7.03
C MET A 52 -2.69 7.04 7.48
N ASP A 53 -3.58 7.31 6.57
CA ASP A 53 -5.01 7.49 6.95
C ASP A 53 -5.13 8.43 8.14
N LEU A 54 -6.17 8.30 8.91
CA LEU A 54 -6.36 9.20 10.09
C LEU A 54 -5.61 8.64 11.30
N GLU A 55 -4.95 7.53 11.15
CA GLU A 55 -4.20 6.94 12.29
C GLU A 55 -2.79 7.55 12.34
N LYS A 56 -2.40 8.25 11.31
CA LYS A 56 -1.05 8.86 11.30
C LYS A 56 -1.15 10.38 11.17
N ARG A 57 -2.02 10.85 10.32
CA ARG A 57 -2.17 12.32 10.15
C ARG A 57 -0.80 12.99 10.10
N HIS A 58 -0.15 12.94 8.97
CA HIS A 58 1.20 13.57 8.85
C HIS A 58 1.80 13.27 7.48
N VAL A 59 2.13 12.03 7.23
CA VAL A 59 2.73 11.67 5.91
C VAL A 59 2.01 10.43 5.33
N LEU A 60 1.62 10.51 4.09
CA LEU A 60 0.93 9.34 3.47
C LEU A 60 1.95 8.42 2.79
N GLY A 61 3.15 8.37 3.30
CA GLY A 61 4.18 7.49 2.67
C GLY A 61 4.12 7.64 1.15
N ARG A 62 4.73 6.74 0.43
CA ARG A 62 4.70 6.84 -1.05
C ARG A 62 4.31 5.49 -1.66
N LEU A 63 3.78 5.51 -2.84
CA LEU A 63 3.39 4.25 -3.50
C LEU A 63 4.26 4.07 -4.76
N ILE A 64 5.07 3.05 -4.80
CA ILE A 64 5.93 2.84 -5.99
C ILE A 64 5.08 2.18 -7.06
N THR A 65 4.09 1.48 -6.61
CA THR A 65 3.13 0.81 -7.54
C THR A 65 1.91 1.72 -7.64
N VAL A 66 2.14 3.00 -7.56
CA VAL A 66 1.05 4.02 -7.61
C VAL A 66 -0.17 3.49 -8.39
N ASN A 67 -1.34 3.87 -7.95
CA ASN A 67 -2.59 3.43 -8.63
C ASN A 67 -2.50 1.96 -9.05
N PRO A 68 -2.17 1.11 -8.10
CA PRO A 68 -2.09 -0.34 -8.39
C PRO A 68 -3.42 -0.80 -8.98
N ILE A 69 -3.42 -1.86 -9.75
CA ILE A 69 -4.71 -2.29 -10.38
C ILE A 69 -4.87 -3.81 -10.41
N VAL A 70 -6.08 -4.28 -10.29
CA VAL A 70 -6.35 -5.75 -10.39
C VAL A 70 -6.70 -6.06 -11.84
N THR A 71 -6.73 -7.29 -12.23
CA THR A 71 -7.08 -7.59 -13.66
C THR A 71 -8.35 -8.44 -13.75
N GLU A 72 -8.69 -9.14 -12.70
CA GLU A 72 -9.93 -9.97 -12.76
C GLU A 72 -10.73 -9.86 -11.47
N LYS A 73 -10.50 -8.84 -10.70
CA LYS A 73 -11.25 -8.66 -9.42
C LYS A 73 -10.79 -9.68 -8.36
N ASP A 74 -9.96 -10.61 -8.72
CA ASP A 74 -9.48 -11.61 -7.73
C ASP A 74 -7.99 -11.86 -7.89
N SER A 75 -7.35 -11.19 -8.82
CA SER A 75 -5.89 -11.40 -9.00
C SER A 75 -5.13 -10.74 -7.85
N PRO A 76 -4.58 -11.55 -6.99
CA PRO A 76 -3.83 -11.02 -5.84
C PRO A 76 -2.78 -10.01 -6.33
N VAL A 77 -2.97 -8.75 -6.04
CA VAL A 77 -1.99 -7.73 -6.51
C VAL A 77 -1.01 -7.32 -5.40
N ASN A 78 0.21 -7.08 -5.76
CA ASN A 78 1.24 -6.66 -4.75
C ASN A 78 1.38 -5.13 -4.79
N ILE A 79 1.34 -4.46 -3.67
CA ILE A 79 1.47 -2.97 -3.76
C ILE A 79 2.82 -2.49 -3.22
N GLU A 80 3.61 -1.96 -4.09
CA GLU A 80 4.95 -1.43 -3.70
C GLU A 80 4.80 0.00 -3.17
N ALA A 81 5.09 0.23 -1.92
CA ALA A 81 4.96 1.61 -1.37
C ALA A 81 6.14 1.95 -0.47
N GLU A 82 6.47 3.22 -0.37
CA GLU A 82 7.61 3.64 0.48
C GLU A 82 7.11 4.17 1.83
N PRO A 83 7.20 3.33 2.83
CA PRO A 83 6.75 3.72 4.19
C PRO A 83 7.73 4.71 4.82
N PRO A 84 7.19 5.75 5.40
CA PRO A 84 8.04 6.78 6.05
C PRO A 84 8.99 6.12 7.06
N PHE A 85 9.59 6.90 7.92
CA PHE A 85 10.52 6.31 8.93
C PHE A 85 9.77 5.98 10.22
N GLY A 86 10.06 4.85 10.82
CA GLY A 86 9.36 4.48 12.08
C GLY A 86 8.21 3.52 11.77
N ASP A 87 7.37 3.25 12.73
CA ASP A 87 6.23 2.32 12.49
C ASP A 87 5.32 2.89 11.39
N SER A 88 4.55 2.05 10.76
CA SER A 88 3.65 2.55 9.68
C SER A 88 2.57 1.51 9.36
N TYR A 89 1.33 1.93 9.25
CA TYR A 89 0.24 0.97 8.93
C TYR A 89 -0.23 1.17 7.49
N ILE A 90 0.17 0.30 6.60
CA ILE A 90 -0.27 0.44 5.18
C ILE A 90 -1.74 0.02 5.06
N ILE A 91 -2.58 0.90 4.60
CA ILE A 91 -4.03 0.55 4.47
C ILE A 91 -4.35 0.17 3.03
N ILE A 92 -5.28 -0.72 2.84
CA ILE A 92 -5.65 -1.15 1.47
C ILE A 92 -7.17 -1.18 1.31
N GLY A 93 -7.68 -0.84 0.16
CA GLY A 93 -9.15 -0.87 -0.01
C GLY A 93 -9.74 0.40 0.58
N VAL A 94 -11.00 0.40 0.86
CA VAL A 94 -11.63 1.61 1.44
C VAL A 94 -12.28 1.27 2.79
N GLU A 95 -12.33 2.23 3.69
CA GLU A 95 -12.93 2.02 5.03
C GLU A 95 -13.87 0.81 5.05
N PRO A 96 -14.86 0.84 4.18
CA PRO A 96 -15.84 -0.28 4.08
C PRO A 96 -15.15 -1.63 3.85
N GLY A 97 -14.44 -2.13 4.84
CA GLY A 97 -13.78 -3.46 4.67
C GLY A 97 -12.33 -3.30 4.20
N GLN A 98 -11.84 -2.10 4.14
CA GLN A 98 -10.43 -1.89 3.69
C GLN A 98 -9.47 -2.71 4.57
N LEU A 99 -8.27 -2.95 4.11
CA LEU A 99 -7.30 -3.74 4.93
C LEU A 99 -6.32 -2.83 5.67
N LYS A 100 -5.45 -3.40 6.46
CA LYS A 100 -4.46 -2.59 7.22
C LYS A 100 -3.22 -3.44 7.55
N LEU A 101 -2.06 -2.88 7.42
CA LEU A 101 -0.82 -3.66 7.72
C LEU A 101 0.23 -2.77 8.38
N ASN A 102 0.71 -3.15 9.53
CA ASN A 102 1.74 -2.32 10.23
C ASN A 102 3.15 -2.77 9.85
N TRP A 103 3.99 -1.85 9.48
CA TRP A 103 5.38 -2.23 9.11
C TRP A 103 6.39 -1.40 9.92
N PHE A 104 7.54 -1.97 10.20
CA PHE A 104 8.55 -1.21 11.00
C PHE A 104 9.63 -0.64 10.07
N LYS A 105 9.83 0.66 10.11
CA LYS A 105 10.85 1.27 9.24
C LYS A 105 11.99 1.88 10.08
N LYS A 106 12.65 1.08 10.85
CA LYS A 106 13.76 1.61 11.71
C LYS A 106 14.29 0.51 12.63
N GLY A 107 15.54 0.17 12.51
CA GLY A 107 16.12 -0.89 13.38
C GLY A 107 17.64 -0.95 13.18
N SER A 108 18.25 -2.05 13.52
CA SER A 108 19.72 -2.17 13.34
C SER A 108 20.09 -2.22 11.86
N SER A 109 20.86 -1.27 11.39
CA SER A 109 21.24 -1.27 9.95
C SER A 109 22.35 -0.23 9.70
N LEU A 110 23.32 -0.57 8.91
CA LEU A 110 24.42 0.40 8.62
C LEU A 110 23.84 1.72 8.12
N GLU A 111 23.53 2.62 9.00
CA GLU A 111 22.95 3.93 8.57
C GLU A 111 23.57 5.08 9.39
N HIS A 112 24.83 5.33 9.20
CA HIS A 112 25.48 6.43 9.96
C HIS A 112 24.83 7.78 9.62
N HIS A 113 24.16 8.38 10.57
CA HIS A 113 23.50 9.69 10.29
C HIS A 113 22.60 9.58 9.05
N HIS A 114 22.35 10.68 8.40
CA HIS A 114 21.48 10.63 7.19
C HIS A 114 21.85 11.77 6.24
N HIS A 115 21.44 11.69 4.99
CA HIS A 115 21.78 12.77 4.03
C HIS A 115 20.90 14.00 4.29
N HIS A 116 21.05 14.61 5.43
CA HIS A 116 20.23 15.82 5.74
C HIS A 116 21.14 17.03 5.97
N HIS A 117 20.56 18.19 6.13
CA HIS A 117 21.40 19.41 6.35
C HIS A 117 21.31 19.85 7.81
N MET A 1 -10.04 24.23 -11.85
CA MET A 1 -8.96 23.47 -12.56
C MET A 1 -7.65 23.58 -11.77
N ASP A 2 -7.70 23.35 -10.49
CA ASP A 2 -6.45 23.45 -9.67
C ASP A 2 -6.41 22.31 -8.64
N LYS A 3 -5.83 21.20 -8.99
CA LYS A 3 -5.75 20.06 -8.03
C LYS A 3 -5.16 18.82 -8.72
N LEU A 4 -4.13 18.25 -8.16
CA LEU A 4 -3.52 17.05 -8.78
C LEU A 4 -2.47 16.45 -7.85
N GLN A 5 -2.27 15.16 -7.91
CA GLN A 5 -1.26 14.51 -7.03
C GLN A 5 -1.22 13.01 -7.28
N LEU A 6 -0.94 12.61 -8.49
CA LEU A 6 -0.90 11.15 -8.80
C LEU A 6 -0.22 10.91 -10.16
N LYS A 7 -0.54 11.71 -11.14
CA LYS A 7 0.09 11.54 -12.47
C LYS A 7 0.05 10.06 -12.89
N GLY A 8 -1.07 9.42 -12.74
CA GLY A 8 -1.18 7.98 -13.12
C GLY A 8 -2.60 7.67 -13.59
N MET A 9 -3.36 8.69 -13.90
CA MET A 9 -4.76 8.45 -14.36
C MET A 9 -5.47 7.48 -13.42
N SER A 10 -6.70 7.16 -13.70
CA SER A 10 -7.45 6.21 -12.82
C SER A 10 -8.29 5.25 -13.68
N TYR A 11 -9.10 4.45 -13.05
CA TYR A 11 -9.94 3.49 -13.83
C TYR A 11 -11.32 3.34 -13.18
N SER A 12 -11.40 2.64 -12.06
CA SER A 12 -12.72 2.46 -11.41
C SER A 12 -12.59 2.59 -9.89
N MET A 13 -11.41 2.86 -9.39
CA MET A 13 -11.24 2.97 -7.92
C MET A 13 -11.95 1.80 -7.26
N CYS A 14 -11.30 0.67 -7.20
CA CYS A 14 -11.95 -0.52 -6.60
C CYS A 14 -12.46 -0.18 -5.19
N THR A 15 -13.75 0.04 -5.06
CA THR A 15 -14.31 0.40 -3.74
C THR A 15 -14.69 -0.83 -2.91
N GLY A 16 -14.63 -2.00 -3.49
CA GLY A 16 -14.99 -3.22 -2.72
C GLY A 16 -14.05 -3.37 -1.52
N LYS A 17 -13.51 -4.52 -1.31
CA LYS A 17 -12.59 -4.74 -0.15
C LYS A 17 -11.34 -5.49 -0.61
N PHE A 18 -10.43 -5.77 0.29
CA PHE A 18 -9.20 -6.50 -0.13
C PHE A 18 -8.81 -7.58 0.87
N LYS A 19 -8.32 -8.69 0.37
CA LYS A 19 -7.89 -9.79 1.26
C LYS A 19 -6.37 -9.91 1.21
N VAL A 20 -5.69 -9.72 2.30
CA VAL A 20 -4.20 -9.82 2.25
C VAL A 20 -3.82 -11.23 1.79
N VAL A 21 -3.03 -11.31 0.76
CA VAL A 21 -2.58 -12.62 0.24
C VAL A 21 -1.20 -12.88 0.83
N LYS A 22 -0.51 -11.82 1.13
CA LYS A 22 0.82 -11.94 1.78
C LYS A 22 1.12 -10.67 2.57
N GLU A 23 1.66 -10.84 3.74
CA GLU A 23 1.98 -9.66 4.60
C GLU A 23 2.88 -8.69 3.86
N ILE A 24 2.90 -7.46 4.28
CA ILE A 24 3.76 -6.47 3.58
C ILE A 24 5.20 -6.96 3.56
N ALA A 25 5.81 -6.93 2.42
CA ALA A 25 7.24 -7.36 2.31
C ALA A 25 8.09 -6.12 2.07
N GLU A 26 9.38 -6.24 2.17
CA GLU A 26 10.22 -5.03 1.94
C GLU A 26 11.07 -5.19 0.69
N THR A 27 11.12 -4.18 -0.12
CA THR A 27 11.93 -4.27 -1.38
C THR A 27 13.37 -3.79 -1.13
N GLN A 28 14.16 -3.68 -2.16
CA GLN A 28 15.56 -3.22 -1.97
C GLN A 28 15.67 -1.71 -2.22
N HIS A 29 14.57 -1.05 -2.44
CA HIS A 29 14.62 0.41 -2.69
C HIS A 29 14.08 1.17 -1.48
N GLY A 30 13.80 0.48 -0.41
CA GLY A 30 13.28 1.15 0.81
C GLY A 30 11.74 1.09 0.79
N THR A 31 11.18 0.37 -0.15
CA THR A 31 9.70 0.27 -0.23
C THR A 31 9.21 -0.99 0.47
N ILE A 32 7.95 -1.29 0.33
CA ILE A 32 7.39 -2.51 0.93
C ILE A 32 6.36 -3.08 -0.03
N VAL A 33 6.23 -4.37 -0.06
CA VAL A 33 5.26 -4.98 -1.01
C VAL A 33 4.08 -5.62 -0.29
N ILE A 34 2.89 -5.38 -0.77
CA ILE A 34 1.69 -5.98 -0.14
C ILE A 34 0.94 -6.84 -1.15
N ARG A 35 0.83 -8.10 -0.90
CA ARG A 35 0.09 -8.97 -1.84
C ARG A 35 -1.32 -9.19 -1.30
N VAL A 36 -2.32 -8.84 -2.07
CA VAL A 36 -3.69 -9.02 -1.57
C VAL A 36 -4.60 -9.31 -2.73
N GLN A 37 -5.70 -9.89 -2.46
CA GLN A 37 -6.63 -10.21 -3.53
C GLN A 37 -7.81 -9.26 -3.43
N TYR A 38 -8.13 -8.59 -4.49
CA TYR A 38 -9.27 -7.62 -4.43
C TYR A 38 -10.55 -8.35 -4.01
N GLU A 39 -11.19 -7.89 -2.98
CA GLU A 39 -12.45 -8.54 -2.52
C GLU A 39 -13.64 -7.61 -2.76
N GLY A 40 -14.22 -7.67 -3.92
CA GLY A 40 -15.38 -6.78 -4.22
C GLY A 40 -15.65 -6.74 -5.71
N ASP A 41 -16.16 -5.66 -6.20
CA ASP A 41 -16.46 -5.56 -7.66
C ASP A 41 -15.63 -4.44 -8.29
N GLY A 42 -15.08 -4.68 -9.45
CA GLY A 42 -14.27 -3.63 -10.11
C GLY A 42 -13.58 -4.18 -11.36
N SER A 43 -13.36 -5.46 -11.44
CA SER A 43 -12.67 -6.00 -12.65
C SER A 43 -11.43 -5.14 -12.91
N PRO A 44 -10.95 -5.11 -14.13
CA PRO A 44 -9.76 -4.27 -14.41
C PRO A 44 -10.00 -2.88 -13.81
N CYS A 45 -9.53 -2.68 -12.61
CA CYS A 45 -9.77 -1.39 -11.92
C CYS A 45 -8.57 -1.08 -11.00
N LYS A 46 -8.53 0.07 -10.40
CA LYS A 46 -7.37 0.42 -9.54
C LYS A 46 -7.59 -0.05 -8.09
N ILE A 47 -6.57 0.09 -7.28
CA ILE A 47 -6.68 -0.37 -5.86
C ILE A 47 -6.38 0.75 -4.86
N PRO A 48 -7.26 0.91 -3.92
CA PRO A 48 -7.10 1.94 -2.86
C PRO A 48 -5.86 1.65 -1.99
N PHE A 49 -5.22 2.68 -1.50
CA PHE A 49 -4.02 2.47 -0.65
C PHE A 49 -3.81 3.68 0.27
N GLU A 50 -3.11 3.50 1.36
CA GLU A 50 -2.87 4.64 2.28
C GLU A 50 -1.93 4.21 3.43
N ILE A 51 -0.66 4.46 3.30
CA ILE A 51 0.29 4.07 4.38
C ILE A 51 -0.11 4.75 5.70
N MET A 52 -0.60 5.96 5.63
CA MET A 52 -1.03 6.67 6.87
C MET A 52 -2.10 7.70 6.56
N ASP A 53 -1.73 8.75 5.85
CA ASP A 53 -2.72 9.81 5.50
C ASP A 53 -3.69 10.06 6.65
N LEU A 54 -4.90 10.45 6.36
CA LEU A 54 -5.89 10.70 7.44
C LEU A 54 -5.26 11.47 8.59
N GLU A 55 -4.74 10.78 9.58
CA GLU A 55 -4.10 11.48 10.73
C GLU A 55 -3.29 10.49 11.57
N LYS A 56 -2.27 9.93 11.00
CA LYS A 56 -1.43 8.96 11.78
C LYS A 56 -0.18 9.66 12.32
N ARG A 57 0.69 8.92 12.95
CA ARG A 57 1.93 9.54 13.51
C ARG A 57 2.52 10.54 12.50
N HIS A 58 2.26 10.32 11.24
CA HIS A 58 2.80 11.26 10.20
C HIS A 58 2.23 10.91 8.83
N VAL A 59 2.65 11.61 7.81
CA VAL A 59 2.12 11.31 6.44
C VAL A 59 3.19 11.61 5.38
N LEU A 60 4.10 10.71 5.19
CA LEU A 60 5.17 10.94 4.17
C LEU A 60 5.41 9.66 3.36
N GLY A 61 4.64 8.64 3.58
CA GLY A 61 4.82 7.38 2.81
C GLY A 61 4.67 7.65 1.32
N ARG A 62 4.91 6.68 0.49
CA ARG A 62 4.77 6.89 -0.97
C ARG A 62 4.38 5.59 -1.64
N LEU A 63 3.91 5.64 -2.84
CA LEU A 63 3.53 4.39 -3.52
C LEU A 63 4.27 4.25 -4.85
N ILE A 64 5.03 3.20 -4.98
CA ILE A 64 5.76 2.97 -6.26
C ILE A 64 4.79 2.30 -7.21
N THR A 65 3.89 1.58 -6.63
CA THR A 65 2.85 0.88 -7.43
C THR A 65 1.58 1.72 -7.36
N VAL A 66 1.75 3.01 -7.36
CA VAL A 66 0.57 3.93 -7.29
C VAL A 66 -0.60 3.39 -8.10
N ASN A 67 -1.79 3.80 -7.74
CA ASN A 67 -3.00 3.34 -8.48
C ASN A 67 -2.87 1.89 -8.92
N PRO A 68 -2.58 1.03 -7.99
CA PRO A 68 -2.44 -0.41 -8.31
C PRO A 68 -3.73 -0.87 -8.99
N ILE A 69 -3.71 -1.97 -9.69
CA ILE A 69 -4.95 -2.41 -10.39
C ILE A 69 -5.15 -3.93 -10.37
N VAL A 70 -6.39 -4.36 -10.29
CA VAL A 70 -6.69 -5.82 -10.34
C VAL A 70 -7.16 -6.14 -11.75
N THR A 71 -7.13 -7.36 -12.17
CA THR A 71 -7.58 -7.66 -13.56
C THR A 71 -8.82 -8.57 -13.55
N GLU A 72 -9.07 -9.26 -12.48
CA GLU A 72 -10.25 -10.16 -12.45
C GLU A 72 -11.01 -10.05 -11.12
N LYS A 73 -10.72 -9.05 -10.34
CA LYS A 73 -11.41 -8.88 -9.03
C LYS A 73 -10.88 -9.87 -7.99
N ASP A 74 -10.10 -10.83 -8.41
CA ASP A 74 -9.58 -11.82 -7.43
C ASP A 74 -8.08 -12.05 -7.67
N SER A 75 -7.52 -11.36 -8.63
CA SER A 75 -6.06 -11.53 -8.91
C SER A 75 -5.25 -10.87 -7.79
N PRO A 76 -4.64 -11.68 -6.98
CA PRO A 76 -3.83 -11.15 -5.86
C PRO A 76 -2.82 -10.12 -6.38
N VAL A 77 -2.98 -8.88 -6.00
CA VAL A 77 -2.04 -7.83 -6.48
C VAL A 77 -0.98 -7.51 -5.42
N ASN A 78 0.16 -7.05 -5.84
CA ASN A 78 1.25 -6.70 -4.89
C ASN A 78 1.46 -5.19 -4.89
N ILE A 79 1.54 -4.54 -3.77
CA ILE A 79 1.72 -3.06 -3.82
C ILE A 79 3.07 -2.64 -3.24
N GLU A 80 3.87 -1.97 -4.04
CA GLU A 80 5.20 -1.50 -3.56
C GLU A 80 5.12 -0.03 -3.16
N ALA A 81 5.15 0.26 -1.89
CA ALA A 81 5.06 1.70 -1.47
C ALA A 81 6.26 2.09 -0.61
N GLU A 82 6.57 3.36 -0.57
CA GLU A 82 7.73 3.84 0.24
C GLU A 82 7.24 4.44 1.56
N PRO A 83 7.34 3.67 2.60
CA PRO A 83 6.90 4.14 3.94
C PRO A 83 7.81 5.27 4.44
N PRO A 84 7.24 6.12 5.25
CA PRO A 84 8.01 7.26 5.81
C PRO A 84 9.17 6.75 6.68
N PHE A 85 8.87 6.26 7.85
CA PHE A 85 9.96 5.75 8.74
C PHE A 85 9.35 5.15 10.01
N GLY A 86 10.09 4.32 10.70
CA GLY A 86 9.57 3.71 11.95
C GLY A 86 8.36 2.83 11.61
N ASP A 87 7.38 2.81 12.48
CA ASP A 87 6.17 1.98 12.21
C ASP A 87 5.38 2.55 11.02
N SER A 88 4.67 1.72 10.32
CA SER A 88 3.89 2.21 9.15
C SER A 88 2.71 1.27 8.87
N TYR A 89 1.51 1.79 8.82
CA TYR A 89 0.33 0.92 8.55
C TYR A 89 -0.08 1.05 7.08
N ILE A 90 0.30 0.11 6.27
CA ILE A 90 -0.09 0.17 4.83
C ILE A 90 -1.58 -0.18 4.69
N ILE A 91 -2.40 0.78 4.33
CA ILE A 91 -3.85 0.49 4.20
C ILE A 91 -4.19 0.09 2.76
N ILE A 92 -5.14 -0.78 2.59
CA ILE A 92 -5.52 -1.22 1.22
C ILE A 92 -7.05 -1.22 1.10
N GLY A 93 -7.58 -0.74 0.01
CA GLY A 93 -9.05 -0.73 -0.14
C GLY A 93 -9.61 0.54 0.50
N VAL A 94 -10.88 0.55 0.77
CA VAL A 94 -11.47 1.76 1.39
C VAL A 94 -12.09 1.42 2.74
N GLU A 95 -12.07 2.35 3.66
CA GLU A 95 -12.65 2.14 5.02
C GLU A 95 -13.58 0.93 5.07
N PRO A 96 -14.60 0.98 4.24
CA PRO A 96 -15.59 -0.13 4.17
C PRO A 96 -14.90 -1.50 3.98
N GLY A 97 -14.27 -2.01 5.00
CA GLY A 97 -13.61 -3.35 4.89
C GLY A 97 -12.17 -3.20 4.39
N GLN A 98 -11.73 -2.01 4.11
CA GLN A 98 -10.32 -1.83 3.63
C GLN A 98 -9.36 -2.65 4.49
N LEU A 99 -8.19 -2.95 3.98
CA LEU A 99 -7.21 -3.73 4.78
C LEU A 99 -6.22 -2.81 5.49
N LYS A 100 -5.38 -3.37 6.33
CA LYS A 100 -4.39 -2.54 7.07
C LYS A 100 -3.18 -3.40 7.46
N LEU A 101 -1.99 -2.93 7.19
CA LEU A 101 -0.78 -3.73 7.54
C LEU A 101 0.27 -2.83 8.21
N ASN A 102 0.65 -3.16 9.41
CA ASN A 102 1.68 -2.34 10.12
C ASN A 102 3.09 -2.85 9.81
N TRP A 103 3.98 -1.98 9.43
CA TRP A 103 5.37 -2.42 9.12
C TRP A 103 6.35 -1.86 10.13
N PHE A 104 7.26 -2.67 10.61
CA PHE A 104 8.25 -2.17 11.61
C PHE A 104 9.51 -1.66 10.90
N LYS A 105 9.44 -0.48 10.33
CA LYS A 105 10.64 0.07 9.63
C LYS A 105 11.45 0.95 10.57
N LYS A 106 12.43 0.39 11.22
CA LYS A 106 13.27 1.22 12.16
C LYS A 106 14.58 1.61 11.49
N GLY A 107 15.54 0.73 11.47
CA GLY A 107 16.85 1.05 10.83
C GLY A 107 16.88 0.47 9.42
N SER A 108 17.75 -0.48 9.19
CA SER A 108 17.83 -1.10 7.82
C SER A 108 17.79 -0.01 6.76
N SER A 109 18.69 0.93 6.80
CA SER A 109 18.70 2.01 5.78
C SER A 109 19.83 1.77 4.77
N LEU A 110 19.78 2.44 3.65
CA LEU A 110 20.85 2.26 2.62
C LEU A 110 20.92 3.48 1.71
N GLU A 111 22.07 4.09 1.61
CA GLU A 111 22.21 5.30 0.73
C GLU A 111 23.67 5.75 0.69
N HIS A 112 23.98 6.69 -0.17
CA HIS A 112 25.38 7.18 -0.26
C HIS A 112 26.32 6.02 -0.64
N HIS A 113 26.55 5.83 -1.92
CA HIS A 113 27.45 4.72 -2.34
C HIS A 113 27.72 4.81 -3.84
N HIS A 114 27.79 3.70 -4.52
CA HIS A 114 28.05 3.72 -5.98
C HIS A 114 27.46 2.46 -6.64
N HIS A 115 26.50 2.63 -7.50
CA HIS A 115 25.88 1.45 -8.18
C HIS A 115 26.55 1.22 -9.53
N HIS A 116 26.02 0.32 -10.32
CA HIS A 116 26.63 0.05 -11.65
C HIS A 116 25.87 0.82 -12.74
N HIS A 117 26.13 2.08 -12.89
CA HIS A 117 25.42 2.88 -13.93
C HIS A 117 25.56 2.21 -15.29
N MET A 1 -4.48 23.72 -15.95
CA MET A 1 -3.33 22.83 -16.24
C MET A 1 -3.72 21.78 -17.28
N ASP A 2 -2.75 21.08 -17.83
CA ASP A 2 -3.07 20.04 -18.85
C ASP A 2 -2.80 18.64 -18.27
N LYS A 3 -1.65 18.46 -17.67
CA LYS A 3 -1.33 17.12 -17.09
C LYS A 3 -2.22 16.84 -15.87
N LEU A 4 -1.96 15.78 -15.17
CA LEU A 4 -2.79 15.45 -13.97
C LEU A 4 -4.25 15.24 -14.40
N GLN A 5 -4.86 14.18 -13.95
CA GLN A 5 -6.28 13.92 -14.33
C GLN A 5 -6.77 12.62 -13.68
N LEU A 6 -6.31 11.50 -14.15
CA LEU A 6 -6.76 10.21 -13.56
C LEU A 6 -8.27 10.03 -13.74
N LYS A 7 -8.67 9.16 -14.63
CA LYS A 7 -10.13 8.95 -14.86
C LYS A 7 -10.71 8.05 -13.76
N GLY A 8 -11.83 8.43 -13.20
CA GLY A 8 -12.45 7.60 -12.12
C GLY A 8 -12.92 6.27 -12.71
N MET A 9 -14.21 6.05 -12.73
CA MET A 9 -14.74 4.78 -13.29
C MET A 9 -14.13 3.59 -12.57
N SER A 10 -14.13 2.43 -13.18
CA SER A 10 -13.54 1.23 -12.52
C SER A 10 -12.06 1.11 -12.87
N TYR A 11 -11.28 2.10 -12.54
CA TYR A 11 -9.83 2.07 -12.84
C TYR A 11 -9.12 3.14 -12.04
N SER A 12 -9.69 3.54 -10.95
CA SER A 12 -9.07 4.60 -10.12
C SER A 12 -9.13 4.22 -8.64
N MET A 13 -10.03 3.36 -8.27
CA MET A 13 -10.13 2.99 -6.82
C MET A 13 -11.16 1.87 -6.60
N CYS A 14 -10.80 0.66 -6.93
CA CYS A 14 -11.77 -0.47 -6.72
C CYS A 14 -12.40 -0.32 -5.33
N THR A 15 -13.62 0.13 -5.26
CA THR A 15 -14.30 0.34 -3.95
C THR A 15 -14.60 -0.99 -3.26
N GLY A 16 -14.36 -2.10 -3.89
CA GLY A 16 -14.63 -3.40 -3.26
C GLY A 16 -13.82 -3.51 -1.97
N LYS A 17 -13.45 -4.70 -1.61
CA LYS A 17 -12.66 -4.90 -0.37
C LYS A 17 -11.36 -5.63 -0.71
N PHE A 18 -10.36 -5.57 0.13
CA PHE A 18 -9.10 -6.26 -0.22
C PHE A 18 -8.74 -7.36 0.78
N LYS A 19 -8.30 -8.48 0.28
CA LYS A 19 -7.91 -9.60 1.18
C LYS A 19 -6.38 -9.77 1.15
N VAL A 20 -5.72 -9.62 2.25
CA VAL A 20 -4.25 -9.79 2.24
C VAL A 20 -3.92 -11.20 1.75
N VAL A 21 -3.05 -11.29 0.78
CA VAL A 21 -2.65 -12.62 0.24
C VAL A 21 -1.27 -12.93 0.77
N LYS A 22 -0.54 -11.90 1.12
CA LYS A 22 0.81 -12.08 1.70
C LYS A 22 1.19 -10.80 2.44
N GLU A 23 1.72 -10.95 3.62
CA GLU A 23 2.12 -9.77 4.44
C GLU A 23 3.02 -8.82 3.65
N ILE A 24 3.02 -7.57 4.02
CA ILE A 24 3.88 -6.59 3.30
C ILE A 24 5.30 -7.15 3.14
N ALA A 25 5.84 -7.04 1.96
CA ALA A 25 7.22 -7.53 1.74
C ALA A 25 8.15 -6.33 1.61
N GLU A 26 9.43 -6.54 1.53
CA GLU A 26 10.35 -5.37 1.42
C GLU A 26 11.10 -5.41 0.09
N THR A 27 11.03 -4.34 -0.67
CA THR A 27 11.74 -4.32 -1.98
C THR A 27 13.23 -4.02 -1.75
N GLN A 28 13.93 -3.64 -2.78
CA GLN A 28 15.38 -3.32 -2.63
C GLN A 28 15.60 -1.82 -2.81
N HIS A 29 14.65 -1.02 -2.43
CA HIS A 29 14.80 0.46 -2.59
C HIS A 29 14.23 1.18 -1.36
N GLY A 30 13.90 0.46 -0.33
CA GLY A 30 13.34 1.11 0.88
C GLY A 30 11.81 0.98 0.85
N THR A 31 11.28 0.38 -0.19
CA THR A 31 9.80 0.23 -0.28
C THR A 31 9.37 -1.11 0.32
N ILE A 32 8.11 -1.42 0.22
CA ILE A 32 7.59 -2.71 0.75
C ILE A 32 6.54 -3.22 -0.20
N VAL A 33 6.13 -4.45 -0.11
CA VAL A 33 5.12 -4.94 -1.08
C VAL A 33 3.95 -5.65 -0.39
N ILE A 34 2.76 -5.22 -0.66
CA ILE A 34 1.57 -5.88 -0.05
C ILE A 34 0.86 -6.71 -1.09
N ARG A 35 0.81 -7.99 -0.91
CA ARG A 35 0.12 -8.86 -1.90
C ARG A 35 -1.25 -9.21 -1.33
N VAL A 36 -2.28 -8.85 -2.03
CA VAL A 36 -3.64 -9.14 -1.54
C VAL A 36 -4.49 -9.55 -2.70
N GLN A 37 -5.74 -9.72 -2.46
CA GLN A 37 -6.64 -10.13 -3.54
C GLN A 37 -7.87 -9.26 -3.49
N TYR A 38 -8.21 -8.61 -4.56
CA TYR A 38 -9.40 -7.72 -4.50
C TYR A 38 -10.66 -8.52 -4.18
N GLU A 39 -11.52 -7.97 -3.38
CA GLU A 39 -12.77 -8.69 -3.01
C GLU A 39 -13.97 -7.72 -3.09
N GLY A 40 -14.51 -7.54 -4.26
CA GLY A 40 -15.66 -6.61 -4.40
C GLY A 40 -16.02 -6.45 -5.87
N ASP A 41 -16.48 -5.29 -6.24
CA ASP A 41 -16.87 -5.05 -7.65
C ASP A 41 -15.93 -4.02 -8.30
N GLY A 42 -15.43 -4.29 -9.47
CA GLY A 42 -14.53 -3.30 -10.13
C GLY A 42 -13.78 -3.95 -11.30
N SER A 43 -13.60 -5.25 -11.28
CA SER A 43 -12.85 -5.88 -12.41
C SER A 43 -11.55 -5.09 -12.63
N PRO A 44 -10.99 -5.13 -13.81
CA PRO A 44 -9.75 -4.38 -14.06
C PRO A 44 -9.88 -2.98 -13.45
N CYS A 45 -9.38 -2.81 -12.26
CA CYS A 45 -9.48 -1.50 -11.57
C CYS A 45 -8.22 -1.22 -10.76
N LYS A 46 -8.06 -0.03 -10.27
CA LYS A 46 -6.85 0.29 -9.47
C LYS A 46 -7.05 -0.13 -8.01
N ILE A 47 -6.02 -0.05 -7.22
CA ILE A 47 -6.13 -0.50 -5.80
C ILE A 47 -5.97 0.67 -4.81
N PRO A 48 -6.93 0.80 -3.94
CA PRO A 48 -6.91 1.86 -2.92
C PRO A 48 -5.72 1.69 -1.97
N PHE A 49 -5.15 2.78 -1.54
CA PHE A 49 -3.99 2.70 -0.62
C PHE A 49 -3.90 3.98 0.22
N GLU A 50 -3.34 3.90 1.40
CA GLU A 50 -3.23 5.14 2.24
C GLU A 50 -2.27 4.92 3.40
N ILE A 51 -1.05 5.37 3.25
CA ILE A 51 -0.05 5.19 4.35
C ILE A 51 -0.05 6.42 5.25
N MET A 52 -0.03 6.23 6.54
CA MET A 52 -0.04 7.40 7.47
C MET A 52 0.98 7.20 8.59
N ASP A 53 0.97 6.07 9.24
CA ASP A 53 1.94 5.82 10.35
C ASP A 53 1.62 6.73 11.54
N LEU A 54 1.63 8.01 11.34
CA LEU A 54 1.32 8.95 12.46
C LEU A 54 -0.19 9.10 12.62
N GLU A 55 -0.83 9.84 11.75
CA GLU A 55 -2.30 10.03 11.86
C GLU A 55 -2.97 9.63 10.55
N LYS A 56 -2.90 10.47 9.56
CA LYS A 56 -3.56 10.13 8.25
C LYS A 56 -3.35 11.28 7.26
N ARG A 57 -2.14 11.50 6.83
CA ARG A 57 -1.89 12.61 5.87
C ARG A 57 -1.24 12.05 4.60
N HIS A 58 -1.05 12.89 3.60
CA HIS A 58 -0.44 12.40 2.33
C HIS A 58 1.06 12.80 2.29
N VAL A 59 1.66 12.99 3.42
CA VAL A 59 3.10 13.39 3.44
C VAL A 59 3.94 12.31 4.14
N LEU A 60 3.31 11.23 4.53
CA LEU A 60 4.07 10.14 5.21
C LEU A 60 4.01 8.85 4.39
N GLY A 61 5.14 8.35 3.97
CA GLY A 61 5.15 7.10 3.16
C GLY A 61 4.88 7.42 1.70
N ARG A 62 5.18 6.52 0.81
CA ARG A 62 4.95 6.78 -0.64
C ARG A 62 4.50 5.50 -1.34
N LEU A 63 4.06 5.62 -2.55
CA LEU A 63 3.61 4.43 -3.29
C LEU A 63 4.44 4.29 -4.57
N ILE A 64 5.12 3.19 -4.73
CA ILE A 64 5.92 2.98 -5.96
C ILE A 64 4.97 2.41 -7.01
N THR A 65 3.99 1.72 -6.53
CA THR A 65 2.96 1.13 -7.40
C THR A 65 1.65 1.90 -7.15
N VAL A 66 1.77 3.19 -7.00
CA VAL A 66 0.59 4.07 -6.72
C VAL A 66 -0.71 3.45 -7.26
N ASN A 67 -1.65 3.25 -6.39
CA ASN A 67 -2.94 2.68 -6.82
C ASN A 67 -2.74 1.56 -7.84
N PRO A 68 -2.22 0.46 -7.37
CA PRO A 68 -1.98 -0.70 -8.27
C PRO A 68 -3.29 -1.07 -8.94
N ILE A 69 -3.35 -2.17 -9.66
CA ILE A 69 -4.63 -2.53 -10.34
C ILE A 69 -4.89 -4.04 -10.34
N VAL A 70 -6.14 -4.42 -10.24
CA VAL A 70 -6.50 -5.87 -10.32
C VAL A 70 -6.95 -6.14 -11.75
N THR A 71 -6.98 -7.37 -12.18
CA THR A 71 -7.40 -7.62 -13.59
C THR A 71 -8.68 -8.46 -13.64
N GLU A 72 -9.03 -9.12 -12.57
CA GLU A 72 -10.28 -9.94 -12.60
C GLU A 72 -11.02 -9.85 -11.27
N LYS A 73 -10.72 -8.87 -10.47
CA LYS A 73 -11.41 -8.71 -9.15
C LYS A 73 -10.90 -9.73 -8.13
N ASP A 74 -10.17 -10.73 -8.57
CA ASP A 74 -9.65 -11.74 -7.63
C ASP A 74 -8.17 -12.01 -7.89
N SER A 75 -7.61 -11.38 -8.88
CA SER A 75 -6.16 -11.59 -9.15
C SER A 75 -5.34 -10.91 -8.06
N PRO A 76 -4.69 -11.72 -7.27
CA PRO A 76 -3.89 -11.17 -6.15
C PRO A 76 -2.98 -10.05 -6.64
N VAL A 77 -3.04 -8.89 -6.02
CA VAL A 77 -2.17 -7.76 -6.46
C VAL A 77 -1.17 -7.37 -5.38
N ASN A 78 0.03 -7.00 -5.78
CA ASN A 78 1.06 -6.59 -4.78
C ASN A 78 1.22 -5.07 -4.80
N ILE A 79 1.30 -4.41 -3.66
CA ILE A 79 1.45 -2.92 -3.73
C ILE A 79 2.80 -2.47 -3.16
N GLU A 80 3.59 -1.89 -4.01
CA GLU A 80 4.93 -1.39 -3.61
C GLU A 80 4.84 0.05 -3.08
N ALA A 81 5.10 0.26 -1.81
CA ALA A 81 5.02 1.64 -1.26
C ALA A 81 6.25 1.97 -0.42
N GLU A 82 6.64 3.21 -0.39
CA GLU A 82 7.84 3.60 0.41
C GLU A 82 7.41 4.20 1.75
N PRO A 83 7.46 3.39 2.76
CA PRO A 83 7.08 3.83 4.13
C PRO A 83 8.07 4.88 4.64
N PRO A 84 7.58 5.73 5.51
CA PRO A 84 8.42 6.80 6.09
C PRO A 84 9.53 6.18 6.95
N PHE A 85 9.20 5.69 8.11
CA PHE A 85 10.23 5.08 8.99
C PHE A 85 9.59 4.55 10.28
N GLY A 86 10.17 3.55 10.87
CA GLY A 86 9.59 2.99 12.13
C GLY A 86 8.29 2.24 11.80
N ASP A 87 7.51 1.94 12.80
CA ASP A 87 6.23 1.22 12.55
C ASP A 87 5.31 2.07 11.67
N SER A 88 4.54 1.44 10.83
CA SER A 88 3.62 2.21 9.94
C SER A 88 2.47 1.32 9.47
N TYR A 89 1.26 1.71 9.76
CA TYR A 89 0.09 0.89 9.33
C TYR A 89 -0.39 1.34 7.95
N ILE A 90 0.01 0.66 6.91
CA ILE A 90 -0.44 1.06 5.55
C ILE A 90 -1.90 0.65 5.34
N ILE A 91 -2.68 1.49 4.73
CA ILE A 91 -4.11 1.15 4.52
C ILE A 91 -4.33 0.62 3.10
N ILE A 92 -5.29 -0.25 2.92
CA ILE A 92 -5.54 -0.80 1.57
C ILE A 92 -7.05 -0.88 1.31
N GLY A 93 -7.48 -0.62 0.10
CA GLY A 93 -8.94 -0.72 -0.17
C GLY A 93 -9.63 0.55 0.32
N VAL A 94 -10.90 0.48 0.58
CA VAL A 94 -11.62 1.69 1.07
C VAL A 94 -12.41 1.35 2.33
N GLU A 95 -12.72 2.34 3.14
CA GLU A 95 -13.49 2.07 4.40
C GLU A 95 -14.46 0.92 4.20
N PRO A 96 -15.28 1.05 3.19
CA PRO A 96 -16.26 -0.01 2.86
C PRO A 96 -15.60 -1.39 2.92
N GLY A 97 -14.38 -1.49 2.49
CA GLY A 97 -13.67 -2.80 2.52
C GLY A 97 -12.16 -2.55 2.52
N GLN A 98 -11.68 -1.76 3.42
CA GLN A 98 -10.22 -1.45 3.46
C GLN A 98 -9.55 -2.11 4.67
N LEU A 99 -8.29 -2.47 4.54
CA LEU A 99 -7.59 -3.09 5.70
C LEU A 99 -6.37 -2.23 6.09
N LYS A 100 -5.47 -2.79 6.84
CA LYS A 100 -4.26 -2.02 7.26
C LYS A 100 -3.05 -2.94 7.37
N LEU A 101 -1.87 -2.41 7.20
CA LEU A 101 -0.64 -3.27 7.29
C LEU A 101 0.45 -2.53 8.07
N ASN A 102 0.79 -3.03 9.22
CA ASN A 102 1.85 -2.37 10.02
C ASN A 102 3.24 -2.89 9.63
N TRP A 103 4.16 -2.00 9.38
CA TRP A 103 5.53 -2.44 8.98
C TRP A 103 6.58 -1.65 9.77
N PHE A 104 7.67 -2.28 10.11
CA PHE A 104 8.73 -1.57 10.89
C PHE A 104 9.90 -1.21 9.97
N LYS A 105 10.08 0.05 9.68
CA LYS A 105 11.22 0.45 8.79
C LYS A 105 12.26 1.23 9.58
N LYS A 106 13.01 0.55 10.41
CA LYS A 106 14.07 1.25 11.21
C LYS A 106 15.38 1.30 10.43
N GLY A 107 16.42 1.80 11.04
CA GLY A 107 17.74 1.86 10.34
C GLY A 107 18.87 1.95 11.36
N SER A 108 18.99 0.96 12.21
CA SER A 108 20.08 0.98 13.23
C SER A 108 21.38 0.46 12.63
N SER A 109 21.31 -0.55 11.81
CA SER A 109 22.54 -1.10 11.19
C SER A 109 22.19 -2.23 10.21
N LEU A 110 22.85 -2.28 9.08
CA LEU A 110 22.55 -3.35 8.09
C LEU A 110 23.81 -3.73 7.33
N GLU A 111 24.76 -4.34 7.99
CA GLU A 111 26.02 -4.74 7.30
C GLU A 111 26.90 -5.57 8.24
N HIS A 112 27.71 -6.43 7.69
CA HIS A 112 28.60 -7.27 8.56
C HIS A 112 29.88 -7.63 7.80
N HIS A 113 30.69 -6.66 7.48
CA HIS A 113 31.96 -6.95 6.75
C HIS A 113 33.15 -6.33 7.49
N HIS A 114 34.27 -7.00 7.48
CA HIS A 114 35.47 -6.44 8.18
C HIS A 114 36.75 -7.03 7.58
N HIS A 115 37.00 -8.28 7.81
CA HIS A 115 38.23 -8.91 7.25
C HIS A 115 38.21 -8.85 5.72
N HIS A 116 39.36 -8.68 5.12
CA HIS A 116 39.40 -8.62 3.62
C HIS A 116 38.53 -7.46 3.11
N HIS A 117 37.25 -7.67 2.99
CA HIS A 117 36.35 -6.58 2.50
C HIS A 117 35.84 -5.77 3.68
N MET A 1 -0.77 24.04 -7.91
CA MET A 1 -0.57 23.25 -6.67
C MET A 1 0.51 22.19 -6.87
N ASP A 2 1.17 21.79 -5.81
CA ASP A 2 2.25 20.77 -5.95
C ASP A 2 2.11 19.71 -4.86
N LYS A 3 0.91 19.26 -4.59
CA LYS A 3 0.71 18.23 -3.54
C LYS A 3 -0.23 17.14 -4.04
N LEU A 4 -0.02 16.64 -5.22
CA LEU A 4 -0.90 15.58 -5.77
C LEU A 4 -0.27 14.20 -5.55
N GLN A 5 -0.33 13.34 -6.53
CA GLN A 5 0.26 11.99 -6.37
C GLN A 5 0.12 11.19 -7.67
N LEU A 6 -1.00 11.30 -8.32
CA LEU A 6 -1.19 10.55 -9.59
C LEU A 6 -0.71 11.39 -10.78
N LYS A 7 -0.47 10.76 -11.90
CA LYS A 7 0.01 11.53 -13.09
C LYS A 7 -0.98 11.37 -14.25
N GLY A 8 -1.97 10.54 -14.09
CA GLY A 8 -2.96 10.34 -15.19
C GLY A 8 -4.28 9.82 -14.60
N MET A 9 -4.81 10.50 -13.62
CA MET A 9 -6.10 10.05 -13.01
C MET A 9 -6.01 8.55 -12.69
N SER A 10 -7.11 7.97 -12.26
CA SER A 10 -7.11 6.52 -11.94
C SER A 10 -8.02 5.75 -12.89
N TYR A 11 -8.16 4.47 -12.70
CA TYR A 11 -9.04 3.67 -13.60
C TYR A 11 -10.46 3.62 -13.04
N SER A 12 -10.69 2.87 -12.00
CA SER A 12 -12.05 2.79 -11.42
C SER A 12 -12.00 2.93 -9.89
N MET A 13 -10.84 2.99 -9.31
CA MET A 13 -10.75 3.12 -7.83
C MET A 13 -11.51 1.97 -7.18
N CYS A 14 -10.90 0.81 -7.14
CA CYS A 14 -11.61 -0.36 -6.54
C CYS A 14 -12.08 -0.01 -5.13
N THR A 15 -13.36 0.15 -4.94
CA THR A 15 -13.88 0.52 -3.59
C THR A 15 -14.44 -0.68 -2.84
N GLY A 16 -14.50 -1.84 -3.46
CA GLY A 16 -15.05 -3.03 -2.75
C GLY A 16 -14.21 -3.32 -1.51
N LYS A 17 -13.69 -4.51 -1.40
CA LYS A 17 -12.87 -4.86 -0.21
C LYS A 17 -11.60 -5.60 -0.66
N PHE A 18 -10.55 -5.55 0.12
CA PHE A 18 -9.30 -6.25 -0.30
C PHE A 18 -8.90 -7.35 0.69
N LYS A 19 -8.48 -8.47 0.18
CA LYS A 19 -8.05 -9.59 1.06
C LYS A 19 -6.54 -9.74 1.00
N VAL A 20 -5.86 -9.59 2.09
CA VAL A 20 -4.38 -9.73 2.06
C VAL A 20 -4.02 -11.14 1.56
N VAL A 21 -3.23 -11.22 0.53
CA VAL A 21 -2.82 -12.53 0.00
C VAL A 21 -1.47 -12.87 0.62
N LYS A 22 -0.74 -11.85 0.96
CA LYS A 22 0.58 -12.04 1.62
C LYS A 22 0.95 -10.77 2.36
N GLU A 23 1.40 -10.91 3.57
CA GLU A 23 1.78 -9.73 4.41
C GLU A 23 2.69 -8.78 3.65
N ILE A 24 2.76 -7.56 4.10
CA ILE A 24 3.63 -6.56 3.41
C ILE A 24 5.08 -7.08 3.36
N ALA A 25 5.68 -6.99 2.21
CA ALA A 25 7.08 -7.43 2.06
C ALA A 25 7.97 -6.21 1.90
N GLU A 26 9.26 -6.34 1.96
CA GLU A 26 10.12 -5.14 1.82
C GLU A 26 10.97 -5.23 0.55
N THR A 27 11.03 -4.17 -0.20
CA THR A 27 11.83 -4.20 -1.45
C THR A 27 13.25 -3.70 -1.18
N GLN A 28 14.13 -3.81 -2.15
CA GLN A 28 15.53 -3.35 -1.95
C GLN A 28 15.66 -1.87 -2.28
N HIS A 29 14.60 -1.12 -2.15
CA HIS A 29 14.68 0.34 -2.47
C HIS A 29 14.08 1.15 -1.32
N GLY A 30 13.75 0.51 -0.23
CA GLY A 30 13.16 1.25 0.92
C GLY A 30 11.64 1.16 0.86
N THR A 31 11.12 0.41 -0.07
CA THR A 31 9.64 0.27 -0.19
C THR A 31 9.17 -1.04 0.43
N ILE A 32 7.88 -1.26 0.42
CA ILE A 32 7.33 -2.52 0.96
C ILE A 32 6.30 -3.04 -0.02
N VAL A 33 6.08 -4.31 -0.06
CA VAL A 33 5.11 -4.85 -1.05
C VAL A 33 3.93 -5.54 -0.37
N ILE A 34 2.73 -5.23 -0.81
CA ILE A 34 1.55 -5.87 -0.21
C ILE A 34 0.80 -6.66 -1.27
N ARG A 35 0.66 -7.93 -1.08
CA ARG A 35 -0.08 -8.74 -2.07
C ARG A 35 -1.47 -9.01 -1.54
N VAL A 36 -2.48 -8.65 -2.26
CA VAL A 36 -3.85 -8.88 -1.77
C VAL A 36 -4.76 -9.14 -2.94
N GLN A 37 -5.87 -9.70 -2.68
CA GLN A 37 -6.79 -10.02 -3.78
C GLN A 37 -7.96 -9.06 -3.73
N TYR A 38 -8.21 -8.34 -4.79
CA TYR A 38 -9.34 -7.37 -4.76
C TYR A 38 -10.67 -8.10 -4.55
N GLU A 39 -11.38 -7.76 -3.52
CA GLU A 39 -12.68 -8.43 -3.24
C GLU A 39 -13.82 -7.42 -3.35
N GLY A 40 -14.50 -7.39 -4.45
CA GLY A 40 -15.61 -6.41 -4.60
C GLY A 40 -15.94 -6.19 -6.07
N ASP A 41 -16.44 -5.04 -6.39
CA ASP A 41 -16.78 -4.74 -7.81
C ASP A 41 -15.75 -3.78 -8.40
N GLY A 42 -14.89 -4.27 -9.26
CA GLY A 42 -13.87 -3.37 -9.85
C GLY A 42 -13.21 -4.05 -11.06
N SER A 43 -12.91 -5.32 -10.98
CA SER A 43 -12.27 -5.98 -12.14
C SER A 43 -11.09 -5.10 -12.58
N PRO A 44 -10.73 -5.08 -13.85
CA PRO A 44 -9.61 -4.23 -14.28
C PRO A 44 -9.82 -2.82 -13.69
N CYS A 45 -9.27 -2.58 -12.54
CA CYS A 45 -9.45 -1.27 -11.87
C CYS A 45 -8.26 -1.00 -10.95
N LYS A 46 -8.19 0.17 -10.36
CA LYS A 46 -7.04 0.50 -9.46
C LYS A 46 -7.26 0.00 -8.04
N ILE A 47 -6.27 0.14 -7.19
CA ILE A 47 -6.40 -0.36 -5.79
C ILE A 47 -6.17 0.75 -4.76
N PRO A 48 -7.11 0.87 -3.85
CA PRO A 48 -7.01 1.89 -2.77
C PRO A 48 -5.80 1.63 -1.85
N PHE A 49 -5.19 2.67 -1.36
CA PHE A 49 -4.02 2.50 -0.48
C PHE A 49 -3.84 3.73 0.43
N GLU A 50 -3.38 3.55 1.63
CA GLU A 50 -3.19 4.72 2.53
C GLU A 50 -2.16 4.40 3.62
N ILE A 51 -1.01 5.02 3.57
CA ILE A 51 0.04 4.75 4.59
C ILE A 51 0.01 5.84 5.67
N MET A 52 -1.11 6.03 6.31
CA MET A 52 -1.20 7.07 7.38
C MET A 52 -2.31 6.73 8.37
N ASP A 53 -3.52 6.59 7.89
CA ASP A 53 -4.65 6.25 8.80
C ASP A 53 -4.92 7.40 9.78
N LEU A 54 -3.94 7.78 10.55
CA LEU A 54 -4.14 8.89 11.53
C LEU A 54 -3.87 10.24 10.87
N GLU A 55 -3.55 10.25 9.61
CA GLU A 55 -3.28 11.55 8.93
C GLU A 55 -3.15 11.32 7.42
N LYS A 56 -4.23 11.01 6.76
CA LYS A 56 -4.17 10.79 5.29
C LYS A 56 -4.61 12.05 4.54
N ARG A 57 -4.10 13.19 4.95
CA ARG A 57 -4.48 14.45 4.26
C ARG A 57 -3.22 15.14 3.70
N HIS A 58 -2.06 14.74 4.15
CA HIS A 58 -0.81 15.38 3.65
C HIS A 58 -0.07 14.41 2.72
N VAL A 59 1.20 14.61 2.54
CA VAL A 59 1.98 13.70 1.64
C VAL A 59 2.92 12.82 2.47
N LEU A 60 2.43 11.75 3.02
CA LEU A 60 3.30 10.86 3.83
C LEU A 60 3.48 9.51 3.13
N GLY A 61 4.62 8.90 3.27
CA GLY A 61 4.86 7.58 2.60
C GLY A 61 4.66 7.74 1.10
N ARG A 62 5.19 6.84 0.33
CA ARG A 62 5.03 6.94 -1.16
C ARG A 62 4.52 5.61 -1.73
N LEU A 63 3.99 5.64 -2.92
CA LEU A 63 3.50 4.38 -3.53
C LEU A 63 4.18 4.17 -4.87
N ILE A 64 5.00 3.16 -4.99
CA ILE A 64 5.67 2.90 -6.29
C ILE A 64 4.65 2.36 -7.26
N THR A 65 3.65 1.72 -6.72
CA THR A 65 2.57 1.15 -7.55
C THR A 65 1.31 2.00 -7.33
N VAL A 66 1.51 3.27 -7.09
CA VAL A 66 0.38 4.24 -6.85
C VAL A 66 -0.97 3.65 -7.27
N ASN A 67 -1.82 3.38 -6.32
CA ASN A 67 -3.13 2.82 -6.67
C ASN A 67 -2.96 1.71 -7.70
N PRO A 68 -2.39 0.62 -7.26
CA PRO A 68 -2.16 -0.53 -8.15
C PRO A 68 -3.44 -0.86 -8.90
N ILE A 69 -3.44 -1.88 -9.71
CA ILE A 69 -4.69 -2.21 -10.47
C ILE A 69 -4.94 -3.72 -10.56
N VAL A 70 -6.16 -4.13 -10.42
CA VAL A 70 -6.48 -5.58 -10.56
C VAL A 70 -6.87 -5.80 -12.03
N THR A 71 -7.06 -7.02 -12.44
CA THR A 71 -7.44 -7.25 -13.88
C THR A 71 -8.76 -8.00 -13.98
N GLU A 72 -9.12 -8.74 -12.98
CA GLU A 72 -10.40 -9.50 -13.04
C GLU A 72 -11.22 -9.24 -11.78
N LYS A 73 -10.59 -9.34 -10.64
CA LYS A 73 -11.27 -9.12 -9.33
C LYS A 73 -10.50 -9.86 -8.24
N ASP A 74 -10.39 -11.15 -8.36
CA ASP A 74 -9.65 -11.92 -7.33
C ASP A 74 -8.17 -12.03 -7.72
N SER A 75 -7.73 -11.27 -8.68
CA SER A 75 -6.29 -11.33 -9.05
C SER A 75 -5.46 -10.66 -7.95
N PRO A 76 -4.74 -11.48 -7.23
CA PRO A 76 -3.91 -10.95 -6.12
C PRO A 76 -2.93 -9.89 -6.63
N VAL A 77 -3.10 -8.67 -6.21
CA VAL A 77 -2.18 -7.58 -6.68
C VAL A 77 -1.16 -7.24 -5.58
N ASN A 78 0.02 -6.83 -5.97
CA ASN A 78 1.07 -6.47 -4.98
C ASN A 78 1.25 -4.95 -4.94
N ILE A 79 1.38 -4.34 -3.78
CA ILE A 79 1.56 -2.85 -3.80
C ILE A 79 2.91 -2.45 -3.20
N GLU A 80 3.72 -1.81 -3.99
CA GLU A 80 5.06 -1.35 -3.53
C GLU A 80 4.95 0.10 -3.03
N ALA A 81 5.09 0.31 -1.75
CA ALA A 81 4.98 1.71 -1.22
C ALA A 81 6.23 2.08 -0.43
N GLU A 82 6.60 3.34 -0.47
CA GLU A 82 7.80 3.79 0.28
C GLU A 82 7.40 4.62 1.50
N PRO A 83 7.31 3.96 2.62
CA PRO A 83 6.93 4.65 3.88
C PRO A 83 8.10 5.52 4.37
N PRO A 84 7.75 6.54 5.11
CA PRO A 84 8.78 7.46 5.66
C PRO A 84 9.77 6.68 6.54
N PHE A 85 9.35 6.32 7.73
CA PHE A 85 10.26 5.56 8.63
C PHE A 85 9.63 4.21 8.98
N GLY A 86 10.33 3.39 9.71
CA GLY A 86 9.78 2.06 10.08
C GLY A 86 8.75 2.23 11.21
N ASP A 87 7.60 2.72 10.89
CA ASP A 87 6.55 2.93 11.95
C ASP A 87 5.29 3.52 11.32
N SER A 88 4.66 2.81 10.43
CA SER A 88 3.44 3.34 9.77
C SER A 88 2.41 2.22 9.58
N TYR A 89 1.23 2.56 9.13
CA TYR A 89 0.20 1.50 8.90
C TYR A 89 -0.18 1.44 7.43
N ILE A 90 0.22 0.40 6.75
CA ILE A 90 -0.14 0.29 5.30
C ILE A 90 -1.61 -0.10 5.16
N ILE A 91 -2.44 0.80 4.72
CA ILE A 91 -3.89 0.44 4.58
C ILE A 91 -4.21 0.13 3.13
N ILE A 92 -5.23 -0.65 2.89
CA ILE A 92 -5.59 -1.00 1.49
C ILE A 92 -7.11 -1.01 1.31
N GLY A 93 -7.58 -0.73 0.14
CA GLY A 93 -9.06 -0.76 -0.08
C GLY A 93 -9.69 0.50 0.51
N VAL A 94 -10.94 0.44 0.83
CA VAL A 94 -11.62 1.64 1.40
C VAL A 94 -12.39 1.26 2.66
N GLU A 95 -12.65 2.22 3.52
CA GLU A 95 -13.39 1.93 4.79
C GLU A 95 -14.37 0.78 4.60
N PRO A 96 -15.23 0.93 3.63
CA PRO A 96 -16.22 -0.11 3.31
C PRO A 96 -15.59 -1.50 3.39
N GLY A 97 -14.38 -1.64 2.92
CA GLY A 97 -13.70 -2.97 2.96
C GLY A 97 -12.20 -2.75 2.80
N GLN A 98 -11.64 -1.87 3.57
CA GLN A 98 -10.18 -1.58 3.44
C GLN A 98 -9.37 -2.43 4.43
N LEU A 99 -8.17 -2.78 4.07
CA LEU A 99 -7.30 -3.58 4.97
C LEU A 99 -6.40 -2.66 5.80
N LYS A 100 -5.62 -3.22 6.67
CA LYS A 100 -4.71 -2.37 7.51
C LYS A 100 -3.43 -3.11 7.86
N LEU A 101 -2.31 -2.57 7.45
CA LEU A 101 -1.00 -3.21 7.76
C LEU A 101 -0.08 -2.16 8.38
N ASN A 102 1.20 -2.41 8.44
CA ASN A 102 2.11 -1.40 9.05
C ASN A 102 3.56 -1.88 9.02
N TRP A 103 4.49 -0.96 8.95
CA TRP A 103 5.93 -1.35 8.91
C TRP A 103 6.68 -0.74 10.10
N PHE A 104 7.50 -1.52 10.75
CA PHE A 104 8.25 -0.98 11.92
C PHE A 104 9.77 -1.12 11.69
N LYS A 105 10.51 -0.09 12.00
CA LYS A 105 11.99 -0.15 11.79
C LYS A 105 12.61 1.22 12.03
N LYS A 106 13.53 1.33 12.96
CA LYS A 106 14.16 2.65 13.24
C LYS A 106 15.46 2.78 12.43
N GLY A 107 16.47 3.37 13.01
CA GLY A 107 17.76 3.53 12.28
C GLY A 107 18.53 2.22 12.32
N SER A 108 19.76 2.26 12.76
CA SER A 108 20.58 1.00 12.83
C SER A 108 21.59 1.09 13.98
N SER A 109 21.13 1.01 15.19
CA SER A 109 22.07 1.08 16.35
C SER A 109 21.36 0.70 17.64
N LEU A 110 21.48 -0.53 18.05
CA LEU A 110 20.81 -0.97 19.31
C LEU A 110 21.76 -1.81 20.16
N GLU A 111 22.99 -1.94 19.74
CA GLU A 111 23.96 -2.76 20.52
C GLU A 111 25.11 -1.88 21.01
N HIS A 112 24.82 -0.66 21.40
CA HIS A 112 25.90 0.25 21.88
C HIS A 112 25.31 1.31 22.82
N HIS A 113 25.82 1.42 24.00
CA HIS A 113 25.29 2.43 24.96
C HIS A 113 26.03 2.34 26.29
N HIS A 114 26.24 1.15 26.79
CA HIS A 114 26.95 1.00 28.09
C HIS A 114 26.22 1.77 29.19
N HIS A 115 26.57 1.54 30.43
CA HIS A 115 25.89 2.26 31.55
C HIS A 115 26.83 3.31 32.15
N HIS A 116 27.56 4.01 31.33
CA HIS A 116 28.50 5.05 31.87
C HIS A 116 27.76 6.38 32.06
N HIS A 117 28.47 7.42 32.42
CA HIS A 117 27.82 8.73 32.63
C HIS A 117 28.60 9.84 31.92
N MET A 1 14.33 6.33 -15.22
CA MET A 1 14.47 7.02 -13.90
C MET A 1 13.23 7.86 -13.61
N ASP A 2 12.71 8.55 -14.60
CA ASP A 2 11.50 9.38 -14.38
C ASP A 2 10.24 8.53 -14.48
N LYS A 3 9.94 7.77 -13.47
CA LYS A 3 8.72 6.91 -13.51
C LYS A 3 7.48 7.76 -13.81
N LEU A 4 7.53 9.03 -13.47
CA LEU A 4 6.36 9.91 -13.74
C LEU A 4 6.03 9.90 -15.24
N GLN A 5 5.14 9.04 -15.65
CA GLN A 5 4.78 8.99 -17.10
C GLN A 5 3.89 7.77 -17.38
N LEU A 6 2.61 7.89 -17.14
CA LEU A 6 1.69 6.74 -17.40
C LEU A 6 0.70 7.09 -18.50
N LYS A 7 0.51 8.35 -18.77
CA LYS A 7 -0.46 8.76 -19.83
C LYS A 7 -1.87 8.29 -19.47
N GLY A 8 -2.18 8.25 -18.20
CA GLY A 8 -3.54 7.80 -17.80
C GLY A 8 -3.78 8.16 -16.32
N MET A 9 -4.97 7.94 -15.84
CA MET A 9 -5.26 8.27 -14.41
C MET A 9 -5.95 7.08 -13.73
N SER A 10 -6.46 7.28 -12.54
CA SER A 10 -7.15 6.17 -11.82
C SER A 10 -8.07 5.41 -12.79
N TYR A 11 -8.24 4.13 -12.60
CA TYR A 11 -9.12 3.35 -13.49
C TYR A 11 -10.55 3.34 -12.95
N SER A 12 -10.78 2.61 -11.89
CA SER A 12 -12.16 2.56 -11.31
C SER A 12 -12.12 2.74 -9.80
N MET A 13 -10.94 2.82 -9.22
CA MET A 13 -10.85 2.98 -7.74
C MET A 13 -11.60 1.84 -7.07
N CYS A 14 -11.01 0.67 -7.05
CA CYS A 14 -11.70 -0.49 -6.43
C CYS A 14 -12.16 -0.13 -5.02
N THR A 15 -13.42 0.18 -4.87
CA THR A 15 -13.95 0.58 -3.52
C THR A 15 -14.48 -0.63 -2.75
N GLY A 16 -14.58 -1.78 -3.36
CA GLY A 16 -15.10 -2.96 -2.63
C GLY A 16 -14.19 -3.26 -1.43
N LYS A 17 -13.58 -4.41 -1.40
CA LYS A 17 -12.68 -4.75 -0.26
C LYS A 17 -11.44 -5.48 -0.77
N PHE A 18 -10.50 -5.76 0.10
CA PHE A 18 -9.27 -6.47 -0.35
C PHE A 18 -8.88 -7.60 0.61
N LYS A 19 -8.48 -8.72 0.07
CA LYS A 19 -8.07 -9.86 0.94
C LYS A 19 -6.55 -9.99 0.90
N VAL A 20 -5.88 -9.82 2.01
CA VAL A 20 -4.41 -9.94 1.98
C VAL A 20 -4.01 -11.34 1.51
N VAL A 21 -3.21 -11.41 0.48
CA VAL A 21 -2.75 -12.73 -0.04
C VAL A 21 -1.38 -13.00 0.58
N LYS A 22 -0.68 -11.94 0.88
CA LYS A 22 0.64 -12.06 1.54
C LYS A 22 0.92 -10.80 2.35
N GLU A 23 1.44 -10.97 3.53
CA GLU A 23 1.74 -9.81 4.41
C GLU A 23 2.65 -8.83 3.68
N ILE A 24 2.67 -7.59 4.12
CA ILE A 24 3.54 -6.61 3.43
C ILE A 24 4.99 -7.11 3.43
N ALA A 25 5.61 -7.09 2.29
CA ALA A 25 7.02 -7.53 2.21
C ALA A 25 7.90 -6.31 2.00
N GLU A 26 9.18 -6.44 2.14
CA GLU A 26 10.05 -5.24 1.94
C GLU A 26 10.91 -5.42 0.69
N THR A 27 10.95 -4.41 -0.14
CA THR A 27 11.77 -4.51 -1.39
C THR A 27 13.21 -4.09 -1.11
N GLN A 28 14.07 -4.20 -2.09
CA GLN A 28 15.49 -3.80 -1.88
C GLN A 28 15.69 -2.32 -2.21
N HIS A 29 14.66 -1.53 -2.04
CA HIS A 29 14.79 -0.08 -2.35
C HIS A 29 14.19 0.76 -1.22
N GLY A 30 13.79 0.13 -0.15
CA GLY A 30 13.20 0.90 0.99
C GLY A 30 11.67 0.84 0.90
N THR A 31 11.15 0.18 -0.09
CA THR A 31 9.67 0.08 -0.23
C THR A 31 9.15 -1.21 0.41
N ILE A 32 7.88 -1.45 0.30
CA ILE A 32 7.29 -2.70 0.87
C ILE A 32 6.29 -3.24 -0.13
N VAL A 33 6.05 -4.51 -0.13
CA VAL A 33 5.09 -5.08 -1.11
C VAL A 33 3.90 -5.73 -0.42
N ILE A 34 2.72 -5.48 -0.92
CA ILE A 34 1.52 -6.10 -0.31
C ILE A 34 0.79 -6.95 -1.34
N ARG A 35 0.67 -8.22 -1.10
CA ARG A 35 -0.05 -9.07 -2.08
C ARG A 35 -1.45 -9.31 -1.55
N VAL A 36 -2.44 -8.97 -2.32
CA VAL A 36 -3.82 -9.15 -1.84
C VAL A 36 -4.70 -9.47 -3.01
N GLN A 37 -5.83 -9.98 -2.75
CA GLN A 37 -6.74 -10.32 -3.83
C GLN A 37 -7.91 -9.35 -3.79
N TYR A 38 -8.24 -8.76 -4.90
CA TYR A 38 -9.34 -7.77 -4.88
C TYR A 38 -10.63 -8.42 -4.38
N GLU A 39 -11.19 -7.91 -3.33
CA GLU A 39 -12.45 -8.49 -2.79
C GLU A 39 -13.61 -7.54 -3.10
N GLY A 40 -13.43 -6.70 -4.07
CA GLY A 40 -14.48 -5.74 -4.45
C GLY A 40 -14.97 -6.03 -5.86
N ASP A 41 -15.62 -5.09 -6.47
CA ASP A 41 -16.11 -5.31 -7.86
C ASP A 41 -15.60 -4.21 -8.80
N GLY A 42 -15.32 -4.54 -10.03
CA GLY A 42 -14.83 -3.51 -10.97
C GLY A 42 -13.89 -4.12 -12.03
N SER A 43 -13.56 -5.38 -11.92
CA SER A 43 -12.65 -5.97 -12.95
C SER A 43 -11.43 -5.07 -13.09
N PRO A 44 -10.77 -5.04 -14.24
CA PRO A 44 -9.59 -4.17 -14.40
C PRO A 44 -9.87 -2.81 -13.73
N CYS A 45 -9.43 -2.66 -12.53
CA CYS A 45 -9.67 -1.41 -11.76
C CYS A 45 -8.47 -1.09 -10.87
N LYS A 46 -8.44 0.08 -10.30
CA LYS A 46 -7.27 0.46 -9.44
C LYS A 46 -7.44 -0.07 -8.02
N ILE A 47 -6.43 0.12 -7.20
CA ILE A 47 -6.47 -0.40 -5.81
C ILE A 47 -6.25 0.72 -4.79
N PRO A 48 -7.20 0.86 -3.91
CA PRO A 48 -7.12 1.90 -2.84
C PRO A 48 -5.89 1.65 -1.95
N PHE A 49 -5.26 2.68 -1.50
CA PHE A 49 -4.05 2.49 -0.63
C PHE A 49 -3.90 3.69 0.30
N GLU A 50 -3.16 3.52 1.38
CA GLU A 50 -2.94 4.65 2.33
C GLU A 50 -2.04 4.21 3.48
N ILE A 51 -0.78 4.56 3.42
CA ILE A 51 0.15 4.15 4.50
C ILE A 51 0.14 5.19 5.62
N MET A 52 -0.92 5.25 6.38
CA MET A 52 -1.01 6.24 7.49
C MET A 52 -1.98 5.75 8.57
N ASP A 53 -3.23 5.66 8.26
CA ASP A 53 -4.23 5.19 9.27
C ASP A 53 -5.65 5.25 8.70
N LEU A 54 -6.24 4.12 8.43
CA LEU A 54 -7.63 4.12 7.87
C LEU A 54 -7.66 4.94 6.57
N GLU A 55 -7.81 6.23 6.68
CA GLU A 55 -7.87 7.09 5.46
C GLU A 55 -7.68 8.55 5.84
N LYS A 56 -6.55 8.91 6.37
CA LYS A 56 -6.32 10.32 6.77
C LYS A 56 -5.13 10.91 6.00
N ARG A 57 -5.32 12.01 5.33
CA ARG A 57 -4.20 12.63 4.57
C ARG A 57 -3.39 11.56 3.84
N HIS A 58 -2.22 11.89 3.38
CA HIS A 58 -1.38 10.89 2.66
C HIS A 58 -0.03 11.50 2.30
N VAL A 59 0.52 12.31 3.16
CA VAL A 59 1.84 12.93 2.87
C VAL A 59 2.93 12.30 3.74
N LEU A 60 2.95 11.00 3.84
CA LEU A 60 3.98 10.33 4.67
C LEU A 60 4.73 9.28 3.84
N GLY A 61 4.11 8.18 3.56
CA GLY A 61 4.79 7.12 2.74
C GLY A 61 4.63 7.44 1.27
N ARG A 62 4.82 6.47 0.41
CA ARG A 62 4.68 6.71 -1.05
C ARG A 62 4.36 5.39 -1.74
N LEU A 63 3.95 5.44 -2.97
CA LEU A 63 3.63 4.16 -3.67
C LEU A 63 4.48 4.00 -4.91
N ILE A 64 5.24 2.94 -4.99
CA ILE A 64 6.07 2.69 -6.19
C ILE A 64 5.16 2.05 -7.24
N THR A 65 4.15 1.39 -6.77
CA THR A 65 3.15 0.75 -7.66
C THR A 65 1.96 1.71 -7.79
N VAL A 66 2.27 2.98 -7.75
CA VAL A 66 1.23 4.04 -7.85
C VAL A 66 0.10 3.62 -8.78
N ASN A 67 -1.12 3.94 -8.43
CA ASN A 67 -2.26 3.57 -9.29
C ASN A 67 -2.29 2.06 -9.52
N PRO A 68 -2.13 1.32 -8.45
CA PRO A 68 -2.16 -0.15 -8.56
C PRO A 68 -3.50 -0.59 -9.12
N ILE A 69 -3.52 -1.67 -9.87
CA ILE A 69 -4.82 -2.10 -10.47
C ILE A 69 -4.98 -3.61 -10.48
N VAL A 70 -6.18 -4.08 -10.29
CA VAL A 70 -6.44 -5.55 -10.35
C VAL A 70 -6.88 -5.89 -11.77
N THR A 71 -6.65 -7.08 -12.21
CA THR A 71 -7.09 -7.44 -13.59
C THR A 71 -8.25 -8.42 -13.50
N GLU A 72 -8.35 -9.07 -12.37
CA GLU A 72 -9.46 -10.02 -12.15
C GLU A 72 -9.97 -9.83 -10.72
N LYS A 73 -11.24 -10.00 -10.50
CA LYS A 73 -11.77 -9.80 -9.13
C LYS A 73 -11.00 -10.66 -8.13
N ASP A 74 -10.24 -11.61 -8.57
CA ASP A 74 -9.49 -12.46 -7.60
C ASP A 74 -8.00 -12.48 -7.95
N SER A 75 -7.58 -11.65 -8.87
CA SER A 75 -6.14 -11.62 -9.22
C SER A 75 -5.37 -10.94 -8.08
N PRO A 76 -4.57 -11.71 -7.40
CA PRO A 76 -3.80 -11.17 -6.26
C PRO A 76 -2.87 -10.04 -6.73
N VAL A 77 -3.10 -8.84 -6.28
CA VAL A 77 -2.23 -7.71 -6.68
C VAL A 77 -1.15 -7.45 -5.64
N ASN A 78 -0.02 -6.96 -6.06
CA ASN A 78 1.09 -6.66 -5.11
C ASN A 78 1.32 -5.15 -5.05
N ILE A 79 1.39 -4.54 -3.90
CA ILE A 79 1.59 -3.08 -3.90
C ILE A 79 2.96 -2.69 -3.33
N GLU A 80 3.76 -2.07 -4.14
CA GLU A 80 5.10 -1.63 -3.69
C GLU A 80 5.03 -0.16 -3.26
N ALA A 81 5.11 0.12 -1.99
CA ALA A 81 5.02 1.54 -1.57
C ALA A 81 6.17 1.91 -0.62
N GLU A 82 6.51 3.16 -0.56
CA GLU A 82 7.62 3.61 0.33
C GLU A 82 7.08 4.22 1.62
N PRO A 83 7.15 3.45 2.67
CA PRO A 83 6.66 3.92 4.00
C PRO A 83 7.67 4.87 4.64
N PRO A 84 7.16 5.74 5.46
CA PRO A 84 8.03 6.72 6.15
C PRO A 84 8.89 6.00 7.20
N PHE A 85 10.18 6.12 7.13
CA PHE A 85 11.06 5.44 8.12
C PHE A 85 10.47 5.54 9.52
N GLY A 86 10.06 4.44 10.09
CA GLY A 86 9.47 4.47 11.46
C GLY A 86 8.16 3.69 11.48
N ASP A 87 7.26 4.05 12.33
CA ASP A 87 5.95 3.32 12.40
C ASP A 87 5.07 3.72 11.22
N SER A 88 4.41 2.78 10.60
CA SER A 88 3.53 3.11 9.44
C SER A 88 2.49 2.01 9.23
N TYR A 89 1.33 2.37 8.72
CA TYR A 89 0.28 1.34 8.48
C TYR A 89 -0.16 1.38 7.01
N ILE A 90 0.27 0.43 6.24
CA ILE A 90 -0.13 0.41 4.80
C ILE A 90 -1.58 -0.02 4.68
N ILE A 91 -2.47 0.89 4.36
CA ILE A 91 -3.90 0.52 4.24
C ILE A 91 -4.24 0.13 2.80
N ILE A 92 -5.17 -0.76 2.63
CA ILE A 92 -5.55 -1.19 1.25
C ILE A 92 -7.08 -1.21 1.13
N GLY A 93 -7.60 -0.79 0.01
CA GLY A 93 -9.07 -0.80 -0.14
C GLY A 93 -9.64 0.45 0.52
N VAL A 94 -10.90 0.46 0.81
CA VAL A 94 -11.51 1.65 1.44
C VAL A 94 -12.15 1.28 2.77
N GLU A 95 -12.17 2.21 3.71
CA GLU A 95 -12.77 1.97 5.05
C GLU A 95 -13.68 0.73 5.06
N PRO A 96 -14.68 0.76 4.21
CA PRO A 96 -15.63 -0.37 4.09
C PRO A 96 -14.91 -1.72 3.89
N GLY A 97 -14.26 -2.24 4.92
CA GLY A 97 -13.57 -3.55 4.79
C GLY A 97 -12.14 -3.37 4.30
N GLN A 98 -11.70 -2.16 4.10
CA GLN A 98 -10.31 -1.93 3.62
C GLN A 98 -9.31 -2.74 4.47
N LEU A 99 -8.14 -2.98 3.96
CA LEU A 99 -7.13 -3.77 4.74
C LEU A 99 -6.17 -2.82 5.47
N LYS A 100 -5.27 -3.36 6.24
CA LYS A 100 -4.30 -2.49 6.99
C LYS A 100 -3.04 -3.29 7.36
N LEU A 101 -1.89 -2.68 7.22
CA LEU A 101 -0.63 -3.40 7.56
C LEU A 101 0.35 -2.44 8.26
N ASN A 102 0.71 -2.73 9.48
CA ASN A 102 1.65 -1.83 10.21
C ASN A 102 3.10 -2.22 9.92
N TRP A 103 3.92 -1.26 9.56
CA TRP A 103 5.34 -1.57 9.27
C TRP A 103 6.24 -0.76 10.22
N PHE A 104 7.17 -1.42 10.87
CA PHE A 104 8.06 -0.70 11.81
C PHE A 104 9.32 -0.22 11.10
N LYS A 105 9.76 0.98 11.37
CA LYS A 105 10.99 1.50 10.71
C LYS A 105 10.96 1.20 9.21
N LYS A 106 11.53 0.10 8.80
CA LYS A 106 11.52 -0.26 7.35
C LYS A 106 11.59 -1.78 7.18
N GLY A 107 11.29 -2.51 8.22
CA GLY A 107 11.34 -4.01 8.12
C GLY A 107 10.76 -4.62 9.40
N SER A 108 10.72 -5.92 9.46
CA SER A 108 10.17 -6.58 10.68
C SER A 108 11.30 -7.12 11.55
N SER A 109 11.99 -8.13 11.08
CA SER A 109 13.12 -8.69 11.88
C SER A 109 12.70 -8.83 13.35
N LEU A 110 11.93 -9.84 13.66
CA LEU A 110 11.49 -10.03 15.07
C LEU A 110 12.56 -10.79 15.86
N GLU A 111 13.26 -11.69 15.23
CA GLU A 111 14.31 -12.46 15.94
C GLU A 111 15.59 -12.53 15.09
N HIS A 112 16.66 -11.95 15.56
CA HIS A 112 17.93 -11.98 14.78
C HIS A 112 18.38 -13.43 14.57
N HIS A 113 19.47 -13.63 13.86
CA HIS A 113 19.95 -15.02 13.62
C HIS A 113 21.42 -14.99 13.21
N HIS A 114 22.22 -15.85 13.78
CA HIS A 114 23.67 -15.89 13.42
C HIS A 114 23.84 -16.08 11.92
N HIS A 115 24.93 -15.63 11.36
CA HIS A 115 25.15 -15.81 9.90
C HIS A 115 26.59 -15.44 9.53
N HIS A 116 27.10 -15.99 8.46
CA HIS A 116 28.50 -15.67 8.05
C HIS A 116 28.77 -16.17 6.63
N HIS A 117 27.82 -15.98 5.75
CA HIS A 117 28.02 -16.45 4.34
C HIS A 117 29.04 -15.57 3.63
N MET A 1 -17.27 18.62 -1.17
CA MET A 1 -18.33 17.89 -1.93
C MET A 1 -17.72 17.16 -3.13
N ASP A 2 -16.83 16.24 -2.88
CA ASP A 2 -16.20 15.50 -4.01
C ASP A 2 -15.60 14.18 -3.51
N LYS A 3 -15.40 13.23 -4.38
CA LYS A 3 -14.82 11.93 -3.95
C LYS A 3 -13.45 11.73 -4.59
N LEU A 4 -12.83 12.79 -5.04
CA LEU A 4 -11.48 12.65 -5.67
C LEU A 4 -10.40 12.48 -4.60
N GLN A 5 -9.44 11.63 -4.86
CA GLN A 5 -8.36 11.41 -3.86
C GLN A 5 -7.33 10.42 -4.40
N LEU A 6 -6.86 10.64 -5.60
CA LEU A 6 -5.85 9.70 -6.19
C LEU A 6 -5.02 10.43 -7.24
N LYS A 7 -3.76 10.09 -7.37
CA LYS A 7 -2.90 10.75 -8.38
C LYS A 7 -2.70 9.83 -9.59
N GLY A 8 -2.55 10.40 -10.76
CA GLY A 8 -2.34 9.55 -11.97
C GLY A 8 -3.69 9.35 -12.69
N MET A 9 -3.68 8.71 -13.82
CA MET A 9 -4.94 8.50 -14.57
C MET A 9 -5.91 7.66 -13.73
N SER A 10 -7.19 7.86 -13.90
CA SER A 10 -8.19 7.08 -13.11
C SER A 10 -8.88 6.05 -14.01
N TYR A 11 -9.48 5.05 -13.42
CA TYR A 11 -10.17 4.02 -14.23
C TYR A 11 -11.45 3.56 -13.53
N SER A 12 -11.32 2.77 -12.50
CA SER A 12 -12.52 2.28 -11.77
C SER A 12 -12.32 2.35 -10.26
N MET A 13 -11.10 2.29 -9.81
CA MET A 13 -10.82 2.34 -8.35
C MET A 13 -11.54 1.18 -7.65
N CYS A 14 -10.86 0.09 -7.47
CA CYS A 14 -11.49 -1.08 -6.81
C CYS A 14 -12.15 -0.63 -5.49
N THR A 15 -13.39 -0.24 -5.54
CA THR A 15 -14.07 0.22 -4.30
C THR A 15 -14.52 -0.95 -3.42
N GLY A 16 -14.47 -2.15 -3.94
CA GLY A 16 -14.90 -3.32 -3.13
C GLY A 16 -14.01 -3.44 -1.89
N LYS A 17 -13.51 -4.61 -1.62
CA LYS A 17 -12.64 -4.80 -0.42
C LYS A 17 -11.35 -5.52 -0.82
N PHE A 18 -10.48 -5.80 0.12
CA PHE A 18 -9.22 -6.49 -0.26
C PHE A 18 -8.86 -7.60 0.73
N LYS A 19 -8.35 -8.69 0.23
CA LYS A 19 -7.94 -9.81 1.13
C LYS A 19 -6.42 -9.97 1.08
N VAL A 20 -5.75 -9.81 2.17
CA VAL A 20 -4.28 -9.96 2.13
C VAL A 20 -3.93 -11.38 1.66
N VAL A 21 -3.15 -11.47 0.63
CA VAL A 21 -2.76 -12.79 0.08
C VAL A 21 -1.38 -13.12 0.64
N LYS A 22 -0.63 -12.10 0.95
CA LYS A 22 0.72 -12.29 1.55
C LYS A 22 1.09 -11.01 2.32
N GLU A 23 1.56 -11.18 3.52
CA GLU A 23 1.94 -10.01 4.37
C GLU A 23 2.85 -9.04 3.62
N ILE A 24 2.95 -7.84 4.11
CA ILE A 24 3.81 -6.84 3.44
C ILE A 24 5.25 -7.35 3.35
N ALA A 25 5.84 -7.23 2.19
CA ALA A 25 7.25 -7.68 2.03
C ALA A 25 8.11 -6.43 1.85
N GLU A 26 9.40 -6.54 2.02
CA GLU A 26 10.23 -5.31 1.86
C GLU A 26 11.13 -5.44 0.63
N THR A 27 11.18 -4.40 -0.17
CA THR A 27 12.02 -4.46 -1.39
C THR A 27 13.41 -3.87 -1.12
N GLN A 28 14.35 -4.10 -1.99
CA GLN A 28 15.72 -3.55 -1.77
C GLN A 28 15.76 -2.07 -2.16
N HIS A 29 14.65 -1.54 -2.62
CA HIS A 29 14.62 -0.10 -3.02
C HIS A 29 14.15 0.77 -1.84
N GLY A 30 13.94 0.17 -0.70
CA GLY A 30 13.49 0.96 0.47
C GLY A 30 11.96 1.01 0.47
N THR A 31 11.33 0.04 -0.13
CA THR A 31 9.84 0.03 -0.19
C THR A 31 9.30 -1.25 0.46
N ILE A 32 8.01 -1.42 0.43
CA ILE A 32 7.41 -2.66 1.00
C ILE A 32 6.34 -3.16 0.04
N VAL A 33 6.23 -4.45 -0.10
CA VAL A 33 5.24 -4.99 -1.07
C VAL A 33 4.07 -5.68 -0.36
N ILE A 34 2.86 -5.40 -0.80
CA ILE A 34 1.68 -6.05 -0.19
C ILE A 34 0.93 -6.86 -1.23
N ARG A 35 0.82 -8.14 -1.03
CA ARG A 35 0.09 -8.96 -2.01
C ARG A 35 -1.30 -9.25 -1.46
N VAL A 36 -2.32 -8.89 -2.19
CA VAL A 36 -3.69 -9.12 -1.68
C VAL A 36 -4.60 -9.38 -2.86
N GLN A 37 -5.71 -9.93 -2.61
CA GLN A 37 -6.63 -10.22 -3.70
C GLN A 37 -7.80 -9.25 -3.61
N TYR A 38 -8.05 -8.53 -4.67
CA TYR A 38 -9.16 -7.54 -4.62
C TYR A 38 -10.49 -8.25 -4.34
N GLU A 39 -11.19 -7.82 -3.33
CA GLU A 39 -12.51 -8.46 -3.01
C GLU A 39 -13.63 -7.61 -3.59
N GLY A 40 -14.77 -7.60 -2.98
CA GLY A 40 -15.89 -6.77 -3.51
C GLY A 40 -15.99 -6.94 -5.03
N ASP A 41 -16.35 -5.90 -5.71
CA ASP A 41 -16.47 -5.99 -7.19
C ASP A 41 -15.81 -4.78 -7.86
N GLY A 42 -15.18 -4.97 -8.98
CA GLY A 42 -14.52 -3.81 -9.65
C GLY A 42 -13.84 -4.24 -10.96
N SER A 43 -13.45 -5.49 -11.08
CA SER A 43 -12.78 -5.91 -12.33
C SER A 43 -11.55 -5.01 -12.56
N PRO A 44 -11.10 -4.87 -13.77
CA PRO A 44 -9.92 -4.01 -14.02
C PRO A 44 -10.13 -2.66 -13.31
N CYS A 45 -9.64 -2.54 -12.10
CA CYS A 45 -9.80 -1.27 -11.35
C CYS A 45 -8.55 -0.98 -10.52
N LYS A 46 -8.44 0.21 -9.99
CA LYS A 46 -7.23 0.56 -9.19
C LYS A 46 -7.39 0.13 -7.74
N ILE A 47 -6.30 -0.09 -7.07
CA ILE A 47 -6.35 -0.55 -5.66
C ILE A 47 -6.08 0.58 -4.67
N PRO A 48 -7.02 0.78 -3.80
CA PRO A 48 -6.90 1.83 -2.76
C PRO A 48 -5.68 1.56 -1.86
N PHE A 49 -5.09 2.58 -1.35
CA PHE A 49 -3.90 2.40 -0.47
C PHE A 49 -3.69 3.65 0.40
N GLU A 50 -3.05 3.49 1.52
CA GLU A 50 -2.81 4.67 2.39
C GLU A 50 -2.00 4.25 3.62
N ILE A 51 -0.75 4.61 3.67
CA ILE A 51 0.10 4.24 4.83
C ILE A 51 -0.15 5.20 6.00
N MET A 52 -1.16 6.02 5.89
CA MET A 52 -1.45 6.99 7.00
C MET A 52 -2.97 7.21 7.12
N ASP A 53 -3.57 7.83 6.14
CA ASP A 53 -5.05 8.07 6.20
C ASP A 53 -5.38 9.14 7.24
N LEU A 54 -4.74 10.28 7.16
CA LEU A 54 -5.03 11.37 8.14
C LEU A 54 -4.72 10.89 9.57
N GLU A 55 -4.19 11.76 10.38
CA GLU A 55 -3.84 11.37 11.79
C GLU A 55 -2.61 10.48 11.77
N LYS A 56 -1.92 10.45 10.66
CA LYS A 56 -0.70 9.61 10.56
C LYS A 56 0.49 10.45 10.11
N ARG A 57 0.39 11.75 10.25
CA ARG A 57 1.51 12.64 9.83
C ARG A 57 2.82 12.18 10.48
N HIS A 58 2.74 11.62 11.65
CA HIS A 58 3.99 11.15 12.34
C HIS A 58 4.72 10.15 11.47
N VAL A 59 4.06 9.61 10.47
CA VAL A 59 4.73 8.63 9.57
C VAL A 59 4.24 8.79 8.14
N LEU A 60 4.86 9.66 7.39
CA LEU A 60 4.42 9.86 5.98
C LEU A 60 5.06 8.82 5.07
N GLY A 61 4.28 7.88 4.58
CA GLY A 61 4.85 6.83 3.69
C GLY A 61 4.64 7.24 2.22
N ARG A 62 4.77 6.31 1.33
CA ARG A 62 4.58 6.64 -0.12
C ARG A 62 4.28 5.37 -0.89
N LEU A 63 3.82 5.49 -2.10
CA LEU A 63 3.53 4.26 -2.89
C LEU A 63 4.32 4.25 -4.19
N ILE A 64 5.08 3.21 -4.40
CA ILE A 64 5.85 3.09 -5.67
C ILE A 64 4.92 2.47 -6.69
N THR A 65 4.00 1.69 -6.21
CA THR A 65 2.99 1.03 -7.07
C THR A 65 1.71 1.86 -7.00
N VAL A 66 1.87 3.15 -6.91
CA VAL A 66 0.69 4.05 -6.81
C VAL A 66 -0.46 3.57 -7.68
N ASN A 67 -1.66 3.90 -7.30
CA ASN A 67 -2.85 3.50 -8.09
C ASN A 67 -2.68 2.09 -8.69
N PRO A 68 -2.34 1.15 -7.84
CA PRO A 68 -2.18 -0.24 -8.32
C PRO A 68 -3.51 -0.71 -8.91
N ILE A 69 -3.52 -1.76 -9.68
CA ILE A 69 -4.81 -2.19 -10.29
C ILE A 69 -4.94 -3.71 -10.40
N VAL A 70 -6.15 -4.19 -10.29
CA VAL A 70 -6.39 -5.66 -10.47
C VAL A 70 -6.97 -5.85 -11.87
N THR A 71 -6.90 -7.02 -12.42
CA THR A 71 -7.44 -7.21 -13.80
C THR A 71 -8.67 -8.12 -13.79
N GLU A 72 -8.85 -8.91 -12.77
CA GLU A 72 -10.03 -9.82 -12.78
C GLU A 72 -10.79 -9.75 -11.45
N LYS A 73 -10.52 -8.75 -10.65
CA LYS A 73 -11.24 -8.63 -9.35
C LYS A 73 -10.76 -9.68 -8.35
N ASP A 74 -9.92 -10.59 -8.78
CA ASP A 74 -9.43 -11.63 -7.84
C ASP A 74 -7.93 -11.86 -8.04
N SER A 75 -7.33 -11.17 -8.96
CA SER A 75 -5.87 -11.34 -9.18
C SER A 75 -5.10 -10.70 -8.03
N PRO A 76 -4.46 -11.53 -7.24
CA PRO A 76 -3.69 -11.04 -6.09
C PRO A 76 -2.74 -9.93 -6.53
N VAL A 77 -2.98 -8.72 -6.10
CA VAL A 77 -2.09 -7.59 -6.50
C VAL A 77 -1.02 -7.33 -5.43
N ASN A 78 0.17 -6.99 -5.86
CA ASN A 78 1.26 -6.69 -4.90
C ASN A 78 1.48 -5.18 -4.87
N ILE A 79 1.55 -4.56 -3.71
CA ILE A 79 1.73 -3.08 -3.73
C ILE A 79 3.05 -2.66 -3.11
N GLU A 80 3.87 -2.02 -3.88
CA GLU A 80 5.20 -1.56 -3.38
C GLU A 80 5.10 -0.10 -2.89
N ALA A 81 5.20 0.13 -1.60
CA ALA A 81 5.11 1.52 -1.09
C ALA A 81 6.33 1.88 -0.26
N GLU A 82 6.60 3.14 -0.08
CA GLU A 82 7.79 3.57 0.71
C GLU A 82 7.39 3.81 2.17
N PRO A 83 7.90 2.98 3.04
CA PRO A 83 7.59 3.11 4.49
C PRO A 83 8.33 4.30 5.09
N PRO A 84 7.60 5.09 5.84
CA PRO A 84 8.18 6.28 6.49
C PRO A 84 9.25 5.86 7.50
N PHE A 85 9.56 6.70 8.44
CA PHE A 85 10.61 6.33 9.46
C PHE A 85 9.94 5.99 10.79
N GLY A 86 9.85 4.73 11.12
CA GLY A 86 9.21 4.34 12.41
C GLY A 86 8.03 3.41 12.13
N ASP A 87 7.07 3.38 13.01
CA ASP A 87 5.89 2.49 12.79
C ASP A 87 5.01 3.04 11.66
N SER A 88 4.16 2.22 11.11
CA SER A 88 3.29 2.69 10.00
C SER A 88 2.22 1.64 9.66
N TYR A 89 1.07 2.06 9.26
CA TYR A 89 -0.01 1.07 8.92
C TYR A 89 -0.41 1.22 7.45
N ILE A 90 0.02 0.31 6.62
CA ILE A 90 -0.34 0.39 5.18
C ILE A 90 -1.81 -0.01 5.00
N ILE A 91 -2.65 0.92 4.65
CA ILE A 91 -4.09 0.59 4.48
C ILE A 91 -4.37 0.19 3.02
N ILE A 92 -5.18 -0.80 2.82
CA ILE A 92 -5.49 -1.25 1.43
C ILE A 92 -7.01 -1.26 1.22
N GLY A 93 -7.47 -0.81 0.08
CA GLY A 93 -8.93 -0.83 -0.15
C GLY A 93 -9.57 0.43 0.43
N VAL A 94 -10.85 0.43 0.60
CA VAL A 94 -11.51 1.64 1.16
C VAL A 94 -12.20 1.30 2.48
N GLU A 95 -12.23 2.25 3.39
CA GLU A 95 -12.87 2.04 4.73
C GLU A 95 -13.79 0.82 4.74
N PRO A 96 -14.78 0.84 3.87
CA PRO A 96 -15.75 -0.28 3.75
C PRO A 96 -15.04 -1.64 3.61
N GLY A 97 -14.45 -2.13 4.67
CA GLY A 97 -13.78 -3.46 4.61
C GLY A 97 -12.31 -3.31 4.19
N GLN A 98 -11.87 -2.11 3.92
CA GLN A 98 -10.44 -1.92 3.52
C GLN A 98 -9.52 -2.73 4.44
N LEU A 99 -8.32 -3.02 3.99
CA LEU A 99 -7.38 -3.80 4.84
C LEU A 99 -6.42 -2.87 5.59
N LYS A 100 -5.57 -3.42 6.42
CA LYS A 100 -4.61 -2.59 7.19
C LYS A 100 -3.36 -3.41 7.55
N LEU A 101 -2.20 -2.86 7.39
CA LEU A 101 -0.96 -3.62 7.72
C LEU A 101 0.03 -2.71 8.46
N ASN A 102 0.43 -3.09 9.64
CA ASN A 102 1.39 -2.26 10.41
C ASN A 102 2.84 -2.64 10.05
N TRP A 103 3.62 -1.68 9.63
CA TRP A 103 5.03 -1.98 9.27
C TRP A 103 5.99 -1.12 10.09
N PHE A 104 7.19 -1.57 10.30
CA PHE A 104 8.17 -0.76 11.09
C PHE A 104 9.39 -0.42 10.23
N LYS A 105 9.97 0.73 10.44
CA LYS A 105 11.17 1.12 9.64
C LYS A 105 12.21 1.80 10.53
N LYS A 106 13.23 1.08 10.91
CA LYS A 106 14.28 1.69 11.79
C LYS A 106 15.67 1.37 11.24
N GLY A 107 15.85 1.45 9.95
CA GLY A 107 17.19 1.15 9.37
C GLY A 107 17.51 2.18 8.28
N SER A 108 18.62 2.85 8.40
CA SER A 108 18.99 3.87 7.39
C SER A 108 20.34 3.51 6.74
N SER A 109 20.40 3.47 5.43
CA SER A 109 21.68 3.13 4.75
C SER A 109 22.82 3.98 5.31
N LEU A 110 23.98 3.41 5.47
CA LEU A 110 25.13 4.19 6.01
C LEU A 110 25.43 5.38 5.09
N GLU A 111 25.64 5.12 3.82
CA GLU A 111 25.94 6.23 2.88
C GLU A 111 24.70 7.10 2.67
N HIS A 112 24.86 8.40 2.64
CA HIS A 112 23.69 9.29 2.45
C HIS A 112 23.74 9.92 1.05
N HIS A 113 24.50 9.34 0.16
CA HIS A 113 24.58 9.91 -1.22
C HIS A 113 23.18 10.07 -1.81
N HIS A 114 22.23 9.33 -1.31
CA HIS A 114 20.83 9.45 -1.84
C HIS A 114 20.09 10.58 -1.12
N HIS A 115 20.27 11.79 -1.58
CA HIS A 115 19.55 12.93 -0.93
C HIS A 115 18.42 13.43 -1.82
N HIS A 116 17.53 14.21 -1.29
CA HIS A 116 16.40 14.73 -2.10
C HIS A 116 15.63 15.82 -1.33
N HIS A 117 16.24 16.95 -1.12
CA HIS A 117 15.55 18.03 -0.37
C HIS A 117 15.74 19.38 -1.09
N MET A 1 10.02 14.59 -18.24
CA MET A 1 9.50 14.69 -19.64
C MET A 1 8.20 15.49 -19.68
N ASP A 2 7.87 16.04 -20.81
CA ASP A 2 6.62 16.84 -20.91
C ASP A 2 5.42 16.00 -20.45
N LYS A 3 4.87 15.21 -21.33
CA LYS A 3 3.70 14.37 -20.95
C LYS A 3 4.17 13.03 -20.35
N LEU A 4 3.26 12.22 -19.90
CA LEU A 4 3.66 10.91 -19.31
C LEU A 4 4.50 11.12 -18.05
N GLN A 5 4.20 10.42 -17.00
CA GLN A 5 4.99 10.58 -15.74
C GLN A 5 4.46 9.62 -14.67
N LEU A 6 3.95 8.48 -15.06
CA LEU A 6 3.42 7.51 -14.07
C LEU A 6 3.68 6.08 -14.53
N LYS A 7 3.43 5.11 -13.69
CA LYS A 7 3.66 3.69 -14.09
C LYS A 7 2.37 3.07 -14.61
N GLY A 8 1.48 3.87 -15.13
CA GLY A 8 0.20 3.32 -15.66
C GLY A 8 -0.69 4.47 -16.16
N MET A 9 -1.46 4.23 -17.18
CA MET A 9 -2.34 5.30 -17.72
C MET A 9 -3.69 5.28 -16.99
N SER A 10 -3.71 4.83 -15.77
CA SER A 10 -4.99 4.81 -15.00
C SER A 10 -5.99 3.86 -15.69
N TYR A 11 -6.95 3.36 -14.96
CA TYR A 11 -7.95 2.45 -15.57
C TYR A 11 -9.31 2.64 -14.91
N SER A 12 -9.49 2.17 -13.71
CA SER A 12 -10.80 2.33 -13.02
C SER A 12 -10.57 2.67 -11.54
N MET A 13 -11.19 1.95 -10.64
CA MET A 13 -11.00 2.24 -9.19
C MET A 13 -11.84 1.26 -8.36
N CYS A 14 -11.22 0.24 -7.84
CA CYS A 14 -11.98 -0.74 -7.02
C CYS A 14 -12.08 -0.27 -5.57
N THR A 15 -13.27 -0.19 -5.04
CA THR A 15 -13.41 0.29 -3.62
C THR A 15 -14.21 -0.71 -2.80
N GLY A 16 -14.40 -1.92 -3.27
CA GLY A 16 -15.19 -2.90 -2.47
C GLY A 16 -14.36 -3.29 -1.23
N LYS A 17 -13.65 -4.39 -1.31
CA LYS A 17 -12.83 -4.82 -0.14
C LYS A 17 -11.59 -5.58 -0.63
N PHE A 18 -10.57 -5.71 0.19
CA PHE A 18 -9.35 -6.44 -0.27
C PHE A 18 -8.97 -7.56 0.70
N LYS A 19 -8.42 -8.63 0.19
CA LYS A 19 -8.00 -9.75 1.06
C LYS A 19 -6.49 -9.88 1.04
N VAL A 20 -5.83 -9.68 2.13
CA VAL A 20 -4.35 -9.80 2.10
C VAL A 20 -3.97 -11.21 1.66
N VAL A 21 -3.21 -11.30 0.61
CA VAL A 21 -2.79 -12.62 0.10
C VAL A 21 -1.40 -12.91 0.66
N LYS A 22 -0.68 -11.87 0.97
CA LYS A 22 0.67 -12.03 1.56
C LYS A 22 1.04 -10.73 2.29
N GLU A 23 1.54 -10.87 3.48
CA GLU A 23 1.92 -9.67 4.29
C GLU A 23 2.84 -8.75 3.51
N ILE A 24 2.89 -7.50 3.89
CA ILE A 24 3.76 -6.54 3.17
C ILE A 24 5.16 -7.12 3.00
N ALA A 25 5.68 -7.03 1.81
CA ALA A 25 7.06 -7.54 1.57
C ALA A 25 8.00 -6.35 1.51
N GLU A 26 9.28 -6.57 1.51
CA GLU A 26 10.21 -5.41 1.47
C GLU A 26 10.99 -5.39 0.15
N THR A 27 11.04 -4.25 -0.49
CA THR A 27 11.78 -4.17 -1.78
C THR A 27 13.24 -3.79 -1.52
N GLN A 28 14.04 -3.70 -2.56
CA GLN A 28 15.47 -3.35 -2.36
C GLN A 28 15.67 -1.84 -2.56
N HIS A 29 14.68 -1.05 -2.24
CA HIS A 29 14.81 0.43 -2.41
C HIS A 29 14.19 1.17 -1.22
N GLY A 30 13.85 0.46 -0.19
CA GLY A 30 13.23 1.12 1.01
C GLY A 30 11.71 0.98 0.92
N THR A 31 11.21 0.35 -0.11
CA THR A 31 9.74 0.19 -0.25
C THR A 31 9.31 -1.18 0.28
N ILE A 32 8.06 -1.48 0.17
CA ILE A 32 7.56 -2.82 0.62
C ILE A 32 6.54 -3.29 -0.40
N VAL A 33 5.99 -4.45 -0.21
CA VAL A 33 5.01 -4.93 -1.21
C VAL A 33 3.81 -5.61 -0.54
N ILE A 34 2.63 -5.15 -0.83
CA ILE A 34 1.44 -5.79 -0.22
C ILE A 34 0.71 -6.61 -1.27
N ARG A 35 0.66 -7.89 -1.08
CA ARG A 35 -0.05 -8.75 -2.06
C ARG A 35 -1.43 -9.06 -1.50
N VAL A 36 -2.46 -8.65 -2.19
CA VAL A 36 -3.82 -8.88 -1.69
C VAL A 36 -4.74 -9.14 -2.84
N GLN A 37 -5.78 -9.82 -2.60
CA GLN A 37 -6.71 -10.13 -3.68
C GLN A 37 -7.91 -9.23 -3.55
N TYR A 38 -8.22 -8.49 -4.57
CA TYR A 38 -9.37 -7.56 -4.47
C TYR A 38 -10.66 -8.34 -4.19
N GLU A 39 -11.30 -8.05 -3.09
CA GLU A 39 -12.57 -8.76 -2.75
C GLU A 39 -13.75 -7.97 -3.32
N GLY A 40 -13.57 -6.69 -3.48
CA GLY A 40 -14.66 -5.84 -4.02
C GLY A 40 -15.00 -6.27 -5.44
N ASP A 41 -15.65 -5.41 -6.18
CA ASP A 41 -16.01 -5.76 -7.58
C ASP A 41 -15.53 -4.66 -8.53
N GLY A 42 -14.92 -5.02 -9.63
CA GLY A 42 -14.44 -3.98 -10.58
C GLY A 42 -13.58 -4.61 -11.68
N SER A 43 -13.00 -5.76 -11.45
CA SER A 43 -12.16 -6.37 -12.51
C SER A 43 -11.00 -5.41 -12.82
N PRO A 44 -10.43 -5.46 -14.01
CA PRO A 44 -9.32 -4.55 -14.33
C PRO A 44 -9.65 -3.15 -13.78
N CYS A 45 -9.14 -2.86 -12.62
CA CYS A 45 -9.44 -1.55 -11.97
C CYS A 45 -8.27 -1.15 -11.07
N LYS A 46 -8.37 -0.04 -10.41
CA LYS A 46 -7.26 0.40 -9.52
C LYS A 46 -7.48 -0.05 -8.07
N ILE A 47 -6.48 0.09 -7.24
CA ILE A 47 -6.62 -0.39 -5.83
C ILE A 47 -6.37 0.74 -4.81
N PRO A 48 -7.29 0.85 -3.88
CA PRO A 48 -7.18 1.87 -2.80
C PRO A 48 -5.96 1.59 -1.91
N PHE A 49 -5.31 2.61 -1.45
CA PHE A 49 -4.11 2.41 -0.58
C PHE A 49 -3.92 3.62 0.34
N GLU A 50 -3.15 3.46 1.39
CA GLU A 50 -2.92 4.62 2.30
C GLU A 50 -2.03 4.19 3.48
N ILE A 51 -0.73 4.29 3.32
CA ILE A 51 0.18 3.89 4.44
C ILE A 51 -0.08 4.76 5.66
N MET A 52 -0.10 6.05 5.51
CA MET A 52 -0.36 6.95 6.67
C MET A 52 -1.33 8.06 6.27
N ASP A 53 -0.90 8.95 5.41
CA ASP A 53 -1.81 10.05 4.97
C ASP A 53 -2.19 10.93 6.17
N LEU A 54 -3.26 11.66 6.07
CA LEU A 54 -3.70 12.53 7.19
C LEU A 54 -4.31 11.69 8.31
N GLU A 55 -4.37 10.41 8.14
CA GLU A 55 -4.95 9.54 9.20
C GLU A 55 -3.88 9.23 10.25
N LYS A 56 -2.64 9.43 9.91
CA LYS A 56 -1.55 9.16 10.89
C LYS A 56 -0.79 10.45 11.21
N ARG A 57 -0.46 11.21 10.20
CA ARG A 57 0.28 12.49 10.44
C ARG A 57 0.54 13.19 9.10
N HIS A 58 1.68 13.81 8.96
CA HIS A 58 2.00 14.51 7.68
C HIS A 58 2.24 13.49 6.57
N VAL A 59 2.85 13.90 5.49
CA VAL A 59 3.11 12.95 4.37
C VAL A 59 4.47 12.30 4.54
N LEU A 60 4.52 10.99 4.59
CA LEU A 60 5.83 10.29 4.76
C LEU A 60 5.89 9.04 3.88
N GLY A 61 4.95 8.15 4.04
CA GLY A 61 4.95 6.91 3.21
C GLY A 61 4.61 7.26 1.77
N ARG A 62 5.00 6.42 0.85
CA ARG A 62 4.70 6.69 -0.59
C ARG A 62 4.32 5.39 -1.30
N LEU A 63 3.80 5.49 -2.48
CA LEU A 63 3.42 4.27 -3.23
C LEU A 63 4.25 4.18 -4.50
N ILE A 64 5.01 3.13 -4.67
CA ILE A 64 5.83 3.01 -5.91
C ILE A 64 4.92 2.47 -7.00
N THR A 65 3.95 1.72 -6.58
CA THR A 65 2.95 1.17 -7.51
C THR A 65 1.73 2.08 -7.43
N VAL A 66 1.99 3.35 -7.29
CA VAL A 66 0.92 4.39 -7.17
C VAL A 66 -0.34 3.95 -7.90
N ASN A 67 -1.42 3.83 -7.19
CA ASN A 67 -2.68 3.43 -7.86
C ASN A 67 -2.51 2.06 -8.51
N PRO A 68 -2.37 1.05 -7.70
CA PRO A 68 -2.20 -0.32 -8.22
C PRO A 68 -3.47 -0.76 -8.96
N ILE A 69 -3.43 -1.88 -9.63
CA ILE A 69 -4.65 -2.31 -10.38
C ILE A 69 -4.81 -3.83 -10.38
N VAL A 70 -6.02 -4.30 -10.26
CA VAL A 70 -6.28 -5.76 -10.34
C VAL A 70 -6.61 -6.08 -11.79
N THR A 71 -6.59 -7.33 -12.20
CA THR A 71 -6.92 -7.64 -13.61
C THR A 71 -8.17 -8.53 -13.70
N GLU A 72 -8.46 -9.28 -12.68
CA GLU A 72 -9.66 -10.16 -12.75
C GLU A 72 -10.52 -10.00 -11.49
N LYS A 73 -10.27 -8.96 -10.73
CA LYS A 73 -11.07 -8.72 -9.48
C LYS A 73 -10.66 -9.70 -8.38
N ASP A 74 -9.89 -10.70 -8.69
CA ASP A 74 -9.48 -11.67 -7.64
C ASP A 74 -7.97 -11.95 -7.74
N SER A 75 -7.31 -11.40 -8.72
CA SER A 75 -5.85 -11.63 -8.85
C SER A 75 -5.11 -10.86 -7.76
N PRO A 76 -4.53 -11.61 -6.85
CA PRO A 76 -3.79 -10.97 -5.74
C PRO A 76 -2.80 -9.94 -6.27
N VAL A 77 -3.06 -8.69 -6.02
CA VAL A 77 -2.13 -7.62 -6.52
C VAL A 77 -1.12 -7.22 -5.46
N ASN A 78 0.09 -6.92 -5.87
CA ASN A 78 1.14 -6.49 -4.89
C ASN A 78 1.26 -4.97 -4.90
N ILE A 79 1.25 -4.32 -3.76
CA ILE A 79 1.38 -2.83 -3.81
C ILE A 79 2.73 -2.39 -3.27
N GLU A 80 3.53 -1.80 -4.12
CA GLU A 80 4.87 -1.32 -3.69
C GLU A 80 4.74 0.06 -3.07
N ALA A 81 5.07 0.20 -1.81
CA ALA A 81 4.95 1.55 -1.18
C ALA A 81 6.19 1.87 -0.33
N GLU A 82 6.55 3.13 -0.27
CA GLU A 82 7.75 3.53 0.52
C GLU A 82 7.33 4.24 1.81
N PRO A 83 7.10 3.46 2.83
CA PRO A 83 6.69 4.03 4.15
C PRO A 83 7.89 4.65 4.84
N PRO A 84 7.60 5.51 5.80
CA PRO A 84 8.68 6.18 6.56
C PRO A 84 9.52 5.13 7.31
N PHE A 85 10.19 5.54 8.36
CA PHE A 85 11.03 4.56 9.12
C PHE A 85 10.24 3.26 9.35
N GLY A 86 10.88 2.24 9.83
CA GLY A 86 10.15 0.96 10.07
C GLY A 86 9.07 1.18 11.12
N ASP A 87 7.94 1.70 10.73
CA ASP A 87 6.84 1.94 11.70
C ASP A 87 5.68 2.65 10.99
N SER A 88 4.85 1.91 10.30
CA SER A 88 3.72 2.54 9.58
C SER A 88 2.56 1.56 9.46
N TYR A 89 1.64 1.82 8.56
CA TYR A 89 0.48 0.92 8.36
C TYR A 89 -0.01 1.00 6.91
N ILE A 90 0.29 0.01 6.12
CA ILE A 90 -0.16 0.04 4.70
C ILE A 90 -1.66 -0.24 4.62
N ILE A 91 -2.45 0.76 4.32
CA ILE A 91 -3.91 0.55 4.22
C ILE A 91 -4.30 0.13 2.81
N ILE A 92 -5.25 -0.76 2.67
CA ILE A 92 -5.66 -1.21 1.31
C ILE A 92 -7.18 -1.20 1.21
N GLY A 93 -7.71 -0.81 0.08
CA GLY A 93 -9.19 -0.80 -0.06
C GLY A 93 -9.75 0.45 0.59
N VAL A 94 -10.98 0.41 0.99
CA VAL A 94 -11.58 1.63 1.63
C VAL A 94 -12.27 1.28 2.95
N GLU A 95 -12.37 2.25 3.83
CA GLU A 95 -13.03 2.03 5.15
C GLU A 95 -14.10 0.94 5.08
N PRO A 96 -15.03 1.10 4.18
CA PRO A 96 -16.13 0.11 4.01
C PRO A 96 -15.62 -1.31 4.28
N GLY A 97 -14.37 -1.57 4.00
CA GLY A 97 -13.81 -2.93 4.26
C GLY A 97 -12.35 -2.92 3.82
N GLN A 98 -11.67 -1.84 4.07
CA GLN A 98 -10.24 -1.71 3.67
C GLN A 98 -9.34 -2.59 4.57
N LEU A 99 -8.16 -2.88 4.12
CA LEU A 99 -7.23 -3.71 4.93
C LEU A 99 -6.18 -2.83 5.61
N LYS A 100 -5.30 -3.41 6.38
CA LYS A 100 -4.25 -2.60 7.06
C LYS A 100 -3.04 -3.47 7.41
N LEU A 101 -1.86 -2.98 7.16
CA LEU A 101 -0.63 -3.77 7.48
C LEU A 101 0.41 -2.85 8.11
N ASN A 102 0.80 -3.14 9.32
CA ASN A 102 1.81 -2.28 10.00
C ASN A 102 3.24 -2.75 9.68
N TRP A 103 4.11 -1.85 9.31
CA TRP A 103 5.51 -2.26 8.99
C TRP A 103 6.47 -1.72 10.06
N PHE A 104 7.26 -2.58 10.65
CA PHE A 104 8.22 -2.11 11.69
C PHE A 104 9.66 -2.32 11.22
N LYS A 105 10.58 -1.53 11.70
CA LYS A 105 12.00 -1.68 11.28
C LYS A 105 12.82 -0.47 11.75
N LYS A 106 13.62 -0.64 12.76
CA LYS A 106 14.45 0.48 13.27
C LYS A 106 15.36 1.02 12.16
N GLY A 107 16.47 1.59 12.50
CA GLY A 107 17.40 2.13 11.47
C GLY A 107 18.70 1.32 11.46
N SER A 108 18.61 0.02 11.35
CA SER A 108 19.84 -0.81 11.34
C SER A 108 20.70 -0.49 12.57
N SER A 109 22.00 -0.52 12.42
CA SER A 109 22.89 -0.22 13.58
C SER A 109 24.30 0.09 13.08
N LEU A 110 24.49 1.22 12.44
CA LEU A 110 25.84 1.58 11.94
C LEU A 110 26.30 2.90 12.57
N GLU A 111 25.39 3.80 12.82
CA GLU A 111 25.78 5.10 13.43
C GLU A 111 26.74 4.86 14.61
N HIS A 112 27.65 5.77 14.83
CA HIS A 112 28.61 5.61 15.96
C HIS A 112 28.08 6.28 17.22
N HIS A 113 28.93 6.57 18.16
CA HIS A 113 28.46 7.22 19.41
C HIS A 113 29.57 8.10 20.00
N HIS A 114 29.47 8.45 21.25
CA HIS A 114 30.52 9.29 21.88
C HIS A 114 30.39 9.27 23.41
N HIS A 115 30.46 8.11 23.99
CA HIS A 115 30.33 8.01 25.48
C HIS A 115 31.63 8.46 26.14
N HIS A 116 31.81 8.14 27.39
CA HIS A 116 33.06 8.55 28.09
C HIS A 116 33.92 7.33 28.42
N HIS A 117 35.05 7.52 29.04
CA HIS A 117 35.94 6.37 29.38
C HIS A 117 36.32 5.61 28.10
N MET A 1 -10.28 10.86 2.56
CA MET A 1 -9.55 12.05 2.04
C MET A 1 -10.37 12.74 0.95
N ASP A 2 -11.23 13.65 1.32
CA ASP A 2 -12.07 14.35 0.31
C ASP A 2 -11.21 15.35 -0.49
N LYS A 3 -10.03 15.62 -0.02
CA LYS A 3 -9.14 16.58 -0.75
C LYS A 3 -8.46 15.88 -1.93
N LEU A 4 -9.22 15.48 -2.91
CA LEU A 4 -8.61 14.80 -4.09
C LEU A 4 -7.38 15.56 -4.57
N GLN A 5 -6.49 14.90 -5.27
CA GLN A 5 -5.27 15.58 -5.77
C GLN A 5 -4.34 14.58 -6.44
N LEU A 6 -4.84 13.84 -7.38
CA LEU A 6 -3.98 12.84 -8.08
C LEU A 6 -3.48 13.40 -9.41
N LYS A 7 -2.33 12.99 -9.85
CA LYS A 7 -1.78 13.51 -11.13
C LYS A 7 -1.78 12.40 -12.20
N GLY A 8 -1.58 11.18 -11.78
CA GLY A 8 -1.57 10.06 -12.77
C GLY A 8 -2.99 9.55 -12.99
N MET A 9 -3.97 10.26 -12.48
CA MET A 9 -5.38 9.82 -12.67
C MET A 9 -5.56 8.39 -12.15
N SER A 10 -6.78 7.89 -12.16
CA SER A 10 -7.01 6.51 -11.67
C SER A 10 -7.96 5.76 -12.62
N TYR A 11 -8.11 4.48 -12.44
CA TYR A 11 -9.01 3.71 -13.33
C TYR A 11 -10.43 3.70 -12.76
N SER A 12 -10.65 2.97 -11.70
CA SER A 12 -12.01 2.93 -11.10
C SER A 12 -11.94 3.01 -9.57
N MET A 13 -10.75 3.05 -9.02
CA MET A 13 -10.63 3.11 -7.54
C MET A 13 -11.39 1.93 -6.94
N CYS A 14 -10.79 0.77 -6.94
CA CYS A 14 -11.49 -0.42 -6.40
C CYS A 14 -12.01 -0.13 -4.99
N THR A 15 -13.26 0.22 -4.88
CA THR A 15 -13.84 0.57 -3.54
C THR A 15 -14.35 -0.67 -2.80
N GLY A 16 -14.39 -1.81 -3.44
CA GLY A 16 -14.88 -3.02 -2.72
C GLY A 16 -13.99 -3.31 -1.51
N LYS A 17 -13.45 -4.49 -1.43
CA LYS A 17 -12.58 -4.82 -0.27
C LYS A 17 -11.32 -5.54 -0.74
N PHE A 18 -10.39 -5.81 0.15
CA PHE A 18 -9.15 -6.50 -0.29
C PHE A 18 -8.79 -7.63 0.66
N LYS A 19 -8.39 -8.75 0.12
CA LYS A 19 -8.01 -9.91 0.97
C LYS A 19 -6.49 -10.10 0.90
N VAL A 20 -5.81 -10.03 2.01
CA VAL A 20 -4.35 -10.21 1.96
C VAL A 20 -4.03 -11.60 1.39
N VAL A 21 -3.13 -11.66 0.45
CA VAL A 21 -2.76 -12.96 -0.15
C VAL A 21 -1.38 -13.32 0.40
N LYS A 22 -0.64 -12.31 0.77
CA LYS A 22 0.70 -12.52 1.37
C LYS A 22 1.05 -11.29 2.19
N GLU A 23 1.54 -11.49 3.39
CA GLU A 23 1.90 -10.36 4.28
C GLU A 23 2.82 -9.36 3.57
N ILE A 24 2.86 -8.16 4.08
CA ILE A 24 3.74 -7.13 3.45
C ILE A 24 5.18 -7.62 3.37
N ALA A 25 5.78 -7.48 2.23
CA ALA A 25 7.20 -7.90 2.08
C ALA A 25 8.05 -6.63 1.95
N GLU A 26 9.31 -6.69 2.21
CA GLU A 26 10.12 -5.44 2.07
C GLU A 26 11.07 -5.54 0.88
N THR A 27 11.11 -4.53 0.07
CA THR A 27 12.01 -4.55 -1.11
C THR A 27 13.37 -3.95 -0.77
N GLN A 28 14.33 -4.09 -1.64
CA GLN A 28 15.68 -3.53 -1.36
C GLN A 28 15.68 -2.01 -1.56
N HIS A 29 14.69 -1.48 -2.23
CA HIS A 29 14.65 -0.01 -2.45
C HIS A 29 14.11 0.70 -1.21
N GLY A 30 13.79 -0.04 -0.17
CA GLY A 30 13.26 0.59 1.05
C GLY A 30 11.73 0.59 1.02
N THR A 31 11.17 -0.08 0.05
CA THR A 31 9.68 -0.13 -0.06
C THR A 31 9.15 -1.43 0.54
N ILE A 32 7.86 -1.56 0.60
CA ILE A 32 7.26 -2.81 1.16
C ILE A 32 6.23 -3.32 0.16
N VAL A 33 6.16 -4.60 -0.01
CA VAL A 33 5.21 -5.16 -1.01
C VAL A 33 4.04 -5.88 -0.33
N ILE A 34 2.85 -5.60 -0.76
CA ILE A 34 1.66 -6.27 -0.18
C ILE A 34 0.95 -7.07 -1.26
N ARG A 35 0.82 -8.35 -1.07
CA ARG A 35 0.14 -9.17 -2.10
C ARG A 35 -1.25 -9.53 -1.57
N VAL A 36 -2.26 -8.98 -2.16
CA VAL A 36 -3.62 -9.27 -1.70
C VAL A 36 -4.48 -9.64 -2.87
N GLN A 37 -5.74 -9.69 -2.66
CA GLN A 37 -6.65 -10.06 -3.76
C GLN A 37 -7.83 -9.11 -3.74
N TYR A 38 -8.15 -8.49 -4.84
CA TYR A 38 -9.28 -7.53 -4.82
C TYR A 38 -10.56 -8.25 -4.42
N GLU A 39 -11.21 -7.77 -3.39
CA GLU A 39 -12.48 -8.41 -2.93
C GLU A 39 -13.65 -7.44 -3.08
N GLY A 40 -14.26 -7.41 -4.23
CA GLY A 40 -15.39 -6.47 -4.42
C GLY A 40 -15.70 -6.32 -5.91
N ASP A 41 -16.21 -5.19 -6.29
CA ASP A 41 -16.54 -4.96 -7.73
C ASP A 41 -15.63 -3.89 -8.32
N GLY A 42 -15.00 -4.18 -9.43
CA GLY A 42 -14.10 -3.18 -10.06
C GLY A 42 -13.44 -3.75 -11.32
N SER A 43 -13.27 -5.05 -11.40
CA SER A 43 -12.63 -5.61 -12.62
C SER A 43 -11.34 -4.80 -12.87
N PRO A 44 -10.87 -4.74 -14.10
CA PRO A 44 -9.66 -3.95 -14.38
C PRO A 44 -9.81 -2.59 -13.71
N CYS A 45 -9.28 -2.46 -12.52
CA CYS A 45 -9.42 -1.18 -11.77
C CYS A 45 -8.19 -0.97 -10.87
N LYS A 46 -8.09 0.17 -10.24
CA LYS A 46 -6.90 0.44 -9.38
C LYS A 46 -7.12 -0.05 -7.94
N ILE A 47 -6.11 0.05 -7.12
CA ILE A 47 -6.23 -0.46 -5.71
C ILE A 47 -6.01 0.65 -4.68
N PRO A 48 -6.94 0.75 -3.77
CA PRO A 48 -6.87 1.75 -2.67
C PRO A 48 -5.68 1.48 -1.75
N PHE A 49 -5.05 2.50 -1.25
CA PHE A 49 -3.89 2.32 -0.34
C PHE A 49 -3.72 3.55 0.56
N GLU A 50 -3.06 3.41 1.67
CA GLU A 50 -2.86 4.58 2.56
C GLU A 50 -1.95 4.22 3.73
N ILE A 51 -0.79 4.81 3.81
CA ILE A 51 0.14 4.50 4.93
C ILE A 51 0.20 5.67 5.92
N MET A 52 -0.46 5.56 7.03
CA MET A 52 -0.45 6.67 8.03
C MET A 52 -0.37 6.11 9.45
N ASP A 53 -1.42 5.44 9.88
CA ASP A 53 -1.41 4.86 11.26
C ASP A 53 -2.78 4.28 11.60
N LEU A 54 -3.07 4.11 12.86
CA LEU A 54 -4.40 3.54 13.25
C LEU A 54 -5.51 4.22 12.46
N GLU A 55 -5.82 5.44 12.78
CA GLU A 55 -6.90 6.17 12.04
C GLU A 55 -6.31 6.98 10.89
N LYS A 56 -5.52 7.97 11.20
CA LYS A 56 -4.90 8.80 10.13
C LYS A 56 -4.16 10.00 10.74
N ARG A 57 -2.93 9.79 11.12
CA ARG A 57 -2.14 10.92 11.72
C ARG A 57 -1.39 11.68 10.62
N HIS A 58 -1.78 11.52 9.40
CA HIS A 58 -1.08 12.23 8.29
C HIS A 58 0.43 12.03 8.40
N VAL A 59 0.95 11.00 7.80
CA VAL A 59 2.42 10.75 7.88
C VAL A 59 3.10 11.22 6.58
N LEU A 60 3.64 10.32 5.80
CA LEU A 60 4.31 10.73 4.54
C LEU A 60 4.99 9.53 3.88
N GLY A 61 4.22 8.58 3.43
CA GLY A 61 4.82 7.38 2.78
C GLY A 61 4.65 7.48 1.27
N ARG A 62 5.27 6.61 0.52
CA ARG A 62 5.14 6.66 -0.96
C ARG A 62 4.62 5.35 -1.51
N LEU A 63 4.16 5.35 -2.73
CA LEU A 63 3.66 4.09 -3.33
C LEU A 63 4.30 3.88 -4.71
N ILE A 64 5.15 2.91 -4.82
CA ILE A 64 5.80 2.65 -6.13
C ILE A 64 4.76 2.15 -7.10
N THR A 65 3.82 1.42 -6.57
CA THR A 65 2.72 0.87 -7.40
C THR A 65 1.48 1.75 -7.20
N VAL A 66 1.71 3.02 -6.96
CA VAL A 66 0.62 4.01 -6.72
C VAL A 66 -0.74 3.48 -7.17
N ASN A 67 -1.59 3.19 -6.23
CA ASN A 67 -2.93 2.67 -6.60
C ASN A 67 -2.78 1.55 -7.64
N PRO A 68 -2.25 0.45 -7.20
CA PRO A 68 -2.04 -0.72 -8.09
C PRO A 68 -3.33 -1.01 -8.84
N ILE A 69 -3.36 -2.05 -9.64
CA ILE A 69 -4.61 -2.35 -10.40
C ILE A 69 -4.86 -3.86 -10.50
N VAL A 70 -6.12 -4.24 -10.45
CA VAL A 70 -6.48 -5.69 -10.60
C VAL A 70 -6.96 -5.89 -12.04
N THR A 71 -7.07 -7.11 -12.50
CA THR A 71 -7.54 -7.32 -13.89
C THR A 71 -8.77 -8.23 -13.93
N GLU A 72 -9.06 -8.91 -12.87
CA GLU A 72 -10.26 -9.80 -12.89
C GLU A 72 -11.01 -9.74 -11.57
N LYS A 73 -10.72 -8.77 -10.75
CA LYS A 73 -11.42 -8.65 -9.43
C LYS A 73 -10.91 -9.70 -8.44
N ASP A 74 -10.13 -10.64 -8.90
CA ASP A 74 -9.60 -11.68 -7.96
C ASP A 74 -8.12 -11.92 -8.23
N SER A 75 -7.56 -11.23 -9.18
CA SER A 75 -6.11 -11.42 -9.47
C SER A 75 -5.29 -10.78 -8.35
N PRO A 76 -4.69 -11.63 -7.55
CA PRO A 76 -3.90 -11.14 -6.41
C PRO A 76 -3.01 -9.98 -6.84
N VAL A 77 -3.01 -8.89 -6.11
CA VAL A 77 -2.17 -7.73 -6.52
C VAL A 77 -1.08 -7.44 -5.48
N ASN A 78 0.08 -7.02 -5.93
CA ASN A 78 1.19 -6.70 -4.98
C ASN A 78 1.37 -5.18 -4.88
N ILE A 79 1.48 -4.62 -3.70
CA ILE A 79 1.66 -3.14 -3.66
C ILE A 79 3.00 -2.76 -3.02
N GLU A 80 3.82 -2.09 -3.78
CA GLU A 80 5.15 -1.64 -3.28
C GLU A 80 5.05 -0.22 -2.74
N ALA A 81 5.13 -0.04 -1.46
CA ALA A 81 5.03 1.35 -0.90
C ALA A 81 6.32 1.74 -0.18
N GLU A 82 6.66 3.00 -0.22
CA GLU A 82 7.91 3.46 0.45
C GLU A 82 7.59 4.36 1.66
N PRO A 83 6.85 3.83 2.58
CA PRO A 83 6.49 4.60 3.80
C PRO A 83 7.71 4.83 4.69
N PRO A 84 7.59 5.77 5.57
CA PRO A 84 8.70 6.11 6.50
C PRO A 84 9.06 4.88 7.36
N PHE A 85 9.45 5.10 8.59
CA PHE A 85 9.82 3.96 9.47
C PHE A 85 9.43 4.25 10.92
N GLY A 86 9.63 3.32 11.80
CA GLY A 86 9.26 3.54 13.23
C GLY A 86 8.11 2.60 13.62
N ASP A 87 6.90 2.98 13.32
CA ASP A 87 5.74 2.11 13.67
C ASP A 87 4.47 2.66 13.03
N SER A 88 3.83 1.89 12.18
CA SER A 88 2.60 2.42 11.53
C SER A 88 1.68 1.28 11.08
N TYR A 89 0.86 1.55 10.09
CA TYR A 89 -0.06 0.50 9.57
C TYR A 89 -0.46 0.83 8.12
N ILE A 90 0.00 0.04 7.19
CA ILE A 90 -0.36 0.30 5.77
C ILE A 90 -1.81 -0.08 5.52
N ILE A 91 -2.56 0.75 4.86
CA ILE A 91 -3.99 0.43 4.60
C ILE A 91 -4.22 0.03 3.16
N ILE A 92 -5.13 -0.88 2.93
CA ILE A 92 -5.43 -1.33 1.53
C ILE A 92 -6.95 -1.33 1.34
N GLY A 93 -7.43 -0.91 0.20
CA GLY A 93 -8.90 -0.91 0.00
C GLY A 93 -9.49 0.34 0.63
N VAL A 94 -10.74 0.34 0.92
CA VAL A 94 -11.37 1.54 1.53
C VAL A 94 -12.04 1.19 2.84
N GLU A 95 -12.08 2.12 3.76
CA GLU A 95 -12.72 1.89 5.10
C GLU A 95 -13.66 0.68 5.08
N PRO A 96 -14.63 0.74 4.20
CA PRO A 96 -15.62 -0.37 4.06
C PRO A 96 -14.92 -1.73 3.85
N GLY A 97 -14.28 -2.26 4.87
CA GLY A 97 -13.62 -3.59 4.73
C GLY A 97 -12.17 -3.43 4.27
N GLN A 98 -11.68 -2.23 4.17
CA GLN A 98 -10.27 -2.03 3.74
C GLN A 98 -9.32 -2.90 4.58
N LEU A 99 -8.13 -3.15 4.10
CA LEU A 99 -7.16 -3.99 4.87
C LEU A 99 -6.19 -3.09 5.66
N LYS A 100 -5.31 -3.69 6.42
CA LYS A 100 -4.34 -2.88 7.21
C LYS A 100 -3.13 -3.72 7.60
N LEU A 101 -1.95 -3.16 7.58
CA LEU A 101 -0.73 -3.93 7.95
C LEU A 101 0.23 -3.05 8.74
N ASN A 102 0.55 -3.43 9.95
CA ASN A 102 1.49 -2.61 10.78
C ASN A 102 2.92 -2.72 10.25
N TRP A 103 3.61 -1.61 10.06
CA TRP A 103 5.00 -1.71 9.55
C TRP A 103 5.91 -0.67 10.24
N PHE A 104 6.85 -0.12 9.49
CA PHE A 104 7.81 0.87 10.07
C PHE A 104 8.73 0.17 11.07
N LYS A 105 8.29 0.00 12.29
CA LYS A 105 9.15 -0.68 13.31
C LYS A 105 10.42 0.13 13.55
N LYS A 106 11.19 -0.23 14.54
CA LYS A 106 12.43 0.53 14.84
C LYS A 106 13.61 -0.44 15.03
N GLY A 107 14.67 -0.26 14.30
CA GLY A 107 15.84 -1.17 14.44
C GLY A 107 17.08 -0.51 13.84
N SER A 108 17.74 0.34 14.58
CA SER A 108 18.95 1.02 14.05
C SER A 108 20.07 0.00 13.84
N SER A 109 20.67 0.00 12.67
CA SER A 109 21.78 -0.97 12.41
C SER A 109 23.06 -0.21 12.07
N LEU A 110 22.95 0.88 11.36
CA LEU A 110 24.18 1.66 11.00
C LEU A 110 23.95 3.16 11.27
N GLU A 111 23.25 3.47 12.32
CA GLU A 111 23.00 4.91 12.63
C GLU A 111 23.13 5.16 14.15
N HIS A 112 24.10 5.93 14.54
CA HIS A 112 24.28 6.20 16.00
C HIS A 112 25.14 7.45 16.19
N HIS A 113 25.13 8.35 15.25
CA HIS A 113 25.94 9.59 15.38
C HIS A 113 25.17 10.80 14.85
N HIS A 114 25.75 11.96 14.91
CA HIS A 114 25.05 13.17 14.39
C HIS A 114 25.98 13.99 13.50
N HIS A 115 25.49 14.46 12.39
CA HIS A 115 26.36 15.26 11.47
C HIS A 115 26.19 16.76 11.77
N HIS A 116 27.17 17.56 11.43
CA HIS A 116 27.06 19.02 11.69
C HIS A 116 26.83 19.27 13.19
N HIS A 117 26.70 20.51 13.58
CA HIS A 117 26.48 20.81 15.02
C HIS A 117 25.01 20.58 15.40
N MET A 1 -7.00 17.09 -6.38
CA MET A 1 -5.79 17.54 -5.64
C MET A 1 -5.27 18.87 -6.20
N ASP A 2 -4.98 18.90 -7.47
CA ASP A 2 -4.49 20.17 -8.09
C ASP A 2 -4.91 20.25 -9.56
N LYS A 3 -4.48 19.31 -10.36
CA LYS A 3 -4.85 19.33 -11.80
C LYS A 3 -5.60 18.05 -12.18
N LEU A 4 -5.38 16.99 -11.44
CA LEU A 4 -6.08 15.71 -11.75
C LEU A 4 -6.54 15.04 -10.46
N GLN A 5 -7.01 13.82 -10.55
CA GLN A 5 -7.46 13.10 -9.34
C GLN A 5 -8.00 11.72 -9.70
N LEU A 6 -7.34 11.02 -10.57
CA LEU A 6 -7.81 9.67 -10.98
C LEU A 6 -9.32 9.69 -11.27
N LYS A 7 -9.67 9.80 -12.52
CA LYS A 7 -11.13 9.83 -12.87
C LYS A 7 -11.52 8.54 -13.58
N GLY A 8 -12.51 7.84 -13.08
CA GLY A 8 -12.94 6.57 -13.73
C GLY A 8 -13.77 5.75 -12.75
N MET A 9 -14.62 4.89 -13.25
CA MET A 9 -15.45 4.06 -12.34
C MET A 9 -14.89 2.64 -12.24
N SER A 10 -13.94 2.31 -13.08
CA SER A 10 -13.35 0.95 -13.02
C SER A 10 -11.85 1.01 -13.32
N TYR A 11 -11.19 2.02 -12.84
CA TYR A 11 -9.73 2.17 -13.10
C TYR A 11 -9.18 3.31 -12.26
N SER A 12 -9.71 3.48 -11.09
CA SER A 12 -9.24 4.60 -10.23
C SER A 12 -9.32 4.21 -8.75
N MET A 13 -10.32 3.46 -8.38
CA MET A 13 -10.44 3.09 -6.95
C MET A 13 -11.34 1.87 -6.77
N CYS A 14 -10.79 0.68 -6.85
CA CYS A 14 -11.63 -0.53 -6.66
C CYS A 14 -12.41 -0.40 -5.36
N THR A 15 -13.64 0.04 -5.43
CA THR A 15 -14.47 0.23 -4.20
C THR A 15 -14.73 -1.10 -3.50
N GLY A 16 -14.43 -2.19 -4.13
CA GLY A 16 -14.68 -3.51 -3.49
C GLY A 16 -13.87 -3.60 -2.21
N LYS A 17 -13.40 -4.77 -1.88
CA LYS A 17 -12.60 -4.94 -0.63
C LYS A 17 -11.29 -5.64 -0.97
N PHE A 18 -10.40 -5.79 -0.03
CA PHE A 18 -9.11 -6.46 -0.35
C PHE A 18 -8.75 -7.55 0.66
N LYS A 19 -8.36 -8.69 0.17
CA LYS A 19 -7.97 -9.81 1.06
C LYS A 19 -6.46 -9.98 1.01
N VAL A 20 -5.79 -9.88 2.13
CA VAL A 20 -4.32 -10.06 2.09
C VAL A 20 -3.98 -11.45 1.56
N VAL A 21 -3.10 -11.52 0.60
CA VAL A 21 -2.70 -12.82 0.02
C VAL A 21 -1.32 -13.14 0.56
N LYS A 22 -0.59 -12.12 0.89
CA LYS A 22 0.76 -12.29 1.48
C LYS A 22 1.11 -11.04 2.29
N GLU A 23 1.61 -11.23 3.48
CA GLU A 23 1.95 -10.08 4.36
C GLU A 23 2.86 -9.10 3.64
N ILE A 24 2.85 -7.86 4.08
CA ILE A 24 3.71 -6.84 3.42
C ILE A 24 5.14 -7.35 3.33
N ALA A 25 5.74 -7.23 2.19
CA ALA A 25 7.15 -7.69 2.04
C ALA A 25 8.04 -6.45 1.94
N GLU A 26 9.33 -6.61 1.98
CA GLU A 26 10.20 -5.40 1.90
C GLU A 26 11.06 -5.45 0.64
N THR A 27 11.08 -4.39 -0.11
CA THR A 27 11.90 -4.37 -1.35
C THR A 27 13.32 -3.88 -1.05
N GLN A 28 14.19 -3.93 -2.02
CA GLN A 28 15.59 -3.47 -1.77
C GLN A 28 15.72 -1.96 -2.03
N HIS A 29 14.66 -1.23 -1.83
CA HIS A 29 14.73 0.24 -2.07
C HIS A 29 14.12 1.00 -0.88
N GLY A 30 13.76 0.30 0.16
CA GLY A 30 13.16 0.98 1.34
C GLY A 30 11.64 0.86 1.26
N THR A 31 11.14 0.26 0.23
CA THR A 31 9.66 0.10 0.08
C THR A 31 9.21 -1.23 0.67
N ILE A 32 7.94 -1.51 0.58
CA ILE A 32 7.41 -2.80 1.09
C ILE A 32 6.38 -3.30 0.09
N VAL A 33 6.10 -4.56 0.08
CA VAL A 33 5.14 -5.07 -0.93
C VAL A 33 3.95 -5.79 -0.29
N ILE A 34 2.76 -5.41 -0.65
CA ILE A 34 1.56 -6.08 -0.09
C ILE A 34 0.86 -6.88 -1.18
N ARG A 35 0.77 -8.15 -1.01
CA ARG A 35 0.10 -8.99 -2.03
C ARG A 35 -1.26 -9.38 -1.50
N VAL A 36 -2.30 -8.92 -2.13
CA VAL A 36 -3.65 -9.24 -1.64
C VAL A 36 -4.50 -9.66 -2.80
N GLN A 37 -5.76 -9.74 -2.59
CA GLN A 37 -6.66 -10.17 -3.67
C GLN A 37 -7.88 -9.25 -3.67
N TYR A 38 -8.18 -8.65 -4.78
CA TYR A 38 -9.34 -7.73 -4.80
C TYR A 38 -10.63 -8.48 -4.44
N GLU A 39 -11.37 -8.01 -3.49
CA GLU A 39 -12.62 -8.70 -3.09
C GLU A 39 -13.81 -7.74 -3.16
N GLY A 40 -14.46 -7.66 -4.28
CA GLY A 40 -15.62 -6.73 -4.39
C GLY A 40 -15.94 -6.47 -5.86
N ASP A 41 -16.49 -5.33 -6.15
CA ASP A 41 -16.83 -5.01 -7.56
C ASP A 41 -15.87 -3.96 -8.13
N GLY A 42 -15.13 -4.31 -9.14
CA GLY A 42 -14.17 -3.32 -9.72
C GLY A 42 -13.53 -3.91 -10.97
N SER A 43 -13.25 -5.19 -10.98
CA SER A 43 -12.62 -5.78 -12.19
C SER A 43 -11.36 -4.96 -12.55
N PRO A 44 -10.92 -5.04 -13.77
CA PRO A 44 -9.71 -4.26 -14.17
C PRO A 44 -9.83 -2.84 -13.63
N CYS A 45 -9.27 -2.61 -12.48
CA CYS A 45 -9.34 -1.26 -11.87
C CYS A 45 -8.16 -1.05 -10.91
N LYS A 46 -8.04 0.12 -10.36
CA LYS A 46 -6.90 0.40 -9.45
C LYS A 46 -7.17 -0.10 -8.03
N ILE A 47 -6.17 0.02 -7.17
CA ILE A 47 -6.32 -0.49 -5.77
C ILE A 47 -6.15 0.65 -4.75
N PRO A 48 -7.11 0.75 -3.87
CA PRO A 48 -7.07 1.78 -2.79
C PRO A 48 -5.87 1.53 -1.87
N PHE A 49 -5.28 2.57 -1.37
CA PHE A 49 -4.11 2.41 -0.47
C PHE A 49 -3.99 3.62 0.46
N GLU A 50 -3.26 3.50 1.53
CA GLU A 50 -3.10 4.64 2.46
C GLU A 50 -2.18 4.26 3.62
N ILE A 51 -0.93 4.61 3.54
CA ILE A 51 0.01 4.26 4.64
C ILE A 51 -0.17 5.21 5.83
N MET A 52 -1.15 6.06 5.78
CA MET A 52 -1.38 7.01 6.91
C MET A 52 -2.88 7.21 7.13
N ASP A 53 -3.59 7.62 6.11
CA ASP A 53 -5.06 7.84 6.25
C ASP A 53 -5.33 9.09 7.11
N LEU A 54 -4.36 9.96 7.22
CA LEU A 54 -4.56 11.20 8.05
C LEU A 54 -4.60 10.87 9.54
N GLU A 55 -4.46 9.61 9.88
CA GLU A 55 -4.49 9.23 11.33
C GLU A 55 -3.06 9.06 11.85
N LYS A 56 -2.08 9.25 11.01
CA LYS A 56 -0.67 9.09 11.46
C LYS A 56 0.03 10.46 11.47
N ARG A 57 -0.48 11.39 12.24
CA ARG A 57 0.15 12.74 12.28
C ARG A 57 1.60 12.63 12.80
N HIS A 58 2.55 12.58 11.91
CA HIS A 58 3.97 12.47 12.35
C HIS A 58 4.89 12.39 11.13
N VAL A 59 4.59 11.54 10.20
CA VAL A 59 5.46 11.41 9.00
C VAL A 59 4.59 11.24 7.74
N LEU A 60 5.13 10.65 6.71
CA LEU A 60 4.33 10.45 5.46
C LEU A 60 4.94 9.32 4.62
N GLY A 61 4.21 8.27 4.41
CA GLY A 61 4.74 7.14 3.60
C GLY A 61 4.52 7.43 2.11
N ARG A 62 4.95 6.55 1.25
CA ARG A 62 4.78 6.79 -0.21
C ARG A 62 4.33 5.52 -0.91
N LEU A 63 3.91 5.63 -2.13
CA LEU A 63 3.48 4.44 -2.88
C LEU A 63 4.31 4.30 -4.15
N ILE A 64 4.97 3.20 -4.34
CA ILE A 64 5.78 3.03 -5.58
C ILE A 64 4.83 2.49 -6.64
N THR A 65 3.86 1.76 -6.18
CA THR A 65 2.83 1.20 -7.06
C THR A 65 1.53 1.97 -6.80
N VAL A 66 1.64 3.27 -6.69
CA VAL A 66 0.45 4.14 -6.41
C VAL A 66 -0.82 3.54 -6.98
N ASN A 67 -1.78 3.28 -6.14
CA ASN A 67 -3.06 2.72 -6.63
C ASN A 67 -2.81 1.61 -7.65
N PRO A 68 -2.33 0.49 -7.16
CA PRO A 68 -2.05 -0.65 -8.07
C PRO A 68 -3.33 -1.00 -8.82
N ILE A 69 -3.34 -2.09 -9.54
CA ILE A 69 -4.58 -2.44 -10.31
C ILE A 69 -4.84 -3.95 -10.34
N VAL A 70 -6.08 -4.33 -10.37
CA VAL A 70 -6.44 -5.78 -10.49
C VAL A 70 -6.91 -6.01 -11.92
N THR A 71 -6.98 -7.23 -12.37
CA THR A 71 -7.42 -7.46 -13.77
C THR A 71 -8.70 -8.30 -13.83
N GLU A 72 -9.03 -9.01 -12.78
CA GLU A 72 -10.27 -9.83 -12.83
C GLU A 72 -11.02 -9.78 -11.50
N LYS A 73 -10.74 -8.81 -10.68
CA LYS A 73 -11.44 -8.71 -9.36
C LYS A 73 -10.95 -9.79 -8.40
N ASP A 74 -10.13 -10.70 -8.85
CA ASP A 74 -9.63 -11.76 -7.94
C ASP A 74 -8.14 -12.00 -8.18
N SER A 75 -7.55 -11.32 -9.12
CA SER A 75 -6.09 -11.51 -9.38
C SER A 75 -5.30 -10.88 -8.24
N PRO A 76 -4.65 -11.71 -7.47
CA PRO A 76 -3.87 -11.21 -6.32
C PRO A 76 -2.98 -10.04 -6.76
N VAL A 77 -3.04 -8.93 -6.07
CA VAL A 77 -2.20 -7.76 -6.46
C VAL A 77 -1.16 -7.43 -5.40
N ASN A 78 0.02 -7.04 -5.83
CA ASN A 78 1.10 -6.68 -4.85
C ASN A 78 1.25 -5.16 -4.82
N ILE A 79 1.33 -4.54 -3.66
CA ILE A 79 1.48 -3.05 -3.68
C ILE A 79 2.81 -2.61 -3.05
N GLU A 80 3.61 -1.95 -3.83
CA GLU A 80 4.93 -1.46 -3.34
C GLU A 80 4.80 -0.03 -2.79
N ALA A 81 5.02 0.16 -1.51
CA ALA A 81 4.90 1.53 -0.94
C ALA A 81 6.11 1.87 -0.08
N GLU A 82 6.46 3.13 0.02
CA GLU A 82 7.63 3.52 0.85
C GLU A 82 7.17 4.06 2.20
N PRO A 83 7.31 3.23 3.21
CA PRO A 83 6.90 3.61 4.58
C PRO A 83 7.89 4.61 5.18
N PRO A 84 7.37 5.50 5.98
CA PRO A 84 8.22 6.53 6.63
C PRO A 84 9.00 5.90 7.80
N PHE A 85 9.47 6.71 8.71
CA PHE A 85 10.24 6.16 9.86
C PHE A 85 9.32 6.01 11.08
N GLY A 86 9.58 5.05 11.92
CA GLY A 86 8.71 4.85 13.12
C GLY A 86 7.66 3.79 12.81
N ASP A 87 6.59 3.77 13.57
CA ASP A 87 5.52 2.76 13.32
C ASP A 87 4.64 3.20 12.15
N SER A 88 4.29 2.30 11.27
CA SER A 88 3.44 2.69 10.11
C SER A 88 2.43 1.58 9.81
N TYR A 89 1.29 1.93 9.27
CA TYR A 89 0.26 0.90 8.94
C TYR A 89 -0.22 1.09 7.51
N ILE A 90 0.15 0.20 6.62
CA ILE A 90 -0.29 0.32 5.20
C ILE A 90 -1.76 -0.07 5.09
N ILE A 91 -2.59 0.82 4.61
CA ILE A 91 -4.03 0.49 4.47
C ILE A 91 -4.36 0.13 3.02
N ILE A 92 -5.26 -0.78 2.81
CA ILE A 92 -5.61 -1.20 1.42
C ILE A 92 -7.14 -1.22 1.24
N GLY A 93 -7.63 -0.88 0.07
CA GLY A 93 -9.09 -0.92 -0.13
C GLY A 93 -9.72 0.33 0.49
N VAL A 94 -10.99 0.31 0.74
CA VAL A 94 -11.64 1.51 1.32
C VAL A 94 -12.36 1.15 2.62
N GLU A 95 -12.28 2.03 3.60
CA GLU A 95 -12.94 1.83 4.93
C GLU A 95 -14.01 0.72 4.90
N PRO A 96 -14.99 0.91 4.06
CA PRO A 96 -16.08 -0.07 3.92
C PRO A 96 -15.56 -1.50 4.16
N GLY A 97 -14.33 -1.76 3.80
CA GLY A 97 -13.76 -3.12 4.02
C GLY A 97 -12.28 -3.11 3.62
N GLN A 98 -11.63 -2.02 3.88
CA GLN A 98 -10.19 -1.90 3.51
C GLN A 98 -9.32 -2.78 4.42
N LEU A 99 -8.09 -3.01 4.04
CA LEU A 99 -7.18 -3.85 4.87
C LEU A 99 -6.22 -2.95 5.66
N LYS A 100 -5.40 -3.54 6.49
CA LYS A 100 -4.44 -2.73 7.29
C LYS A 100 -3.22 -3.57 7.67
N LEU A 101 -2.04 -3.03 7.54
CA LEU A 101 -0.82 -3.81 7.90
C LEU A 101 0.21 -2.89 8.57
N ASN A 102 0.63 -3.22 9.76
CA ASN A 102 1.63 -2.37 10.46
C ASN A 102 3.05 -2.77 10.05
N TRP A 103 3.88 -1.82 9.69
CA TRP A 103 5.27 -2.16 9.27
C TRP A 103 6.25 -1.11 9.80
N PHE A 104 7.52 -1.37 9.70
CA PHE A 104 8.52 -0.38 10.19
C PHE A 104 8.38 -0.19 11.70
N LYS A 105 8.94 0.87 12.23
CA LYS A 105 8.84 1.11 13.70
C LYS A 105 9.79 2.25 14.11
N LYS A 106 9.88 2.52 15.38
CA LYS A 106 10.77 3.63 15.84
C LYS A 106 12.21 3.35 15.40
N GLY A 107 12.58 2.11 15.28
CA GLY A 107 13.97 1.78 14.84
C GLY A 107 14.06 0.29 14.51
N SER A 108 15.25 -0.21 14.32
CA SER A 108 15.42 -1.65 13.99
C SER A 108 16.38 -2.32 14.97
N SER A 109 16.73 -3.55 14.73
CA SER A 109 17.67 -4.25 15.65
C SER A 109 17.20 -4.10 17.11
N LEU A 110 18.03 -4.46 18.05
CA LEU A 110 17.63 -4.34 19.48
C LEU A 110 17.04 -2.95 19.75
N GLU A 111 16.00 -2.88 20.52
CA GLU A 111 15.38 -1.56 20.83
C GLU A 111 15.73 -1.11 22.25
N HIS A 112 15.30 -1.85 23.23
CA HIS A 112 15.61 -1.48 24.64
C HIS A 112 15.06 -0.08 24.94
N HIS A 113 13.77 0.07 25.00
CA HIS A 113 13.19 1.41 25.29
C HIS A 113 11.69 1.29 25.60
N HIS A 114 10.96 0.61 24.76
CA HIS A 114 9.50 0.44 25.00
C HIS A 114 9.19 -0.99 25.42
N HIS A 115 10.20 -1.79 25.62
CA HIS A 115 9.96 -3.20 26.04
C HIS A 115 9.91 -3.31 27.57
N HIS A 116 10.15 -2.22 28.25
CA HIS A 116 10.12 -2.27 29.74
C HIS A 116 11.20 -3.21 30.27
N HIS A 117 12.39 -2.72 30.45
CA HIS A 117 13.49 -3.59 30.97
C HIS A 117 14.70 -2.74 31.38
N MET A 1 -16.80 10.83 1.44
CA MET A 1 -16.25 12.22 1.56
C MET A 1 -14.79 12.18 1.99
N ASP A 2 -14.20 13.31 2.24
CA ASP A 2 -12.77 13.34 2.66
C ASP A 2 -11.87 12.82 1.54
N LYS A 3 -10.59 12.78 1.76
CA LYS A 3 -9.66 12.28 0.71
C LYS A 3 -9.87 13.06 -0.59
N LEU A 4 -9.07 14.07 -0.83
CA LEU A 4 -9.22 14.87 -2.08
C LEU A 4 -7.85 15.06 -2.74
N GLN A 5 -7.15 13.99 -2.99
CA GLN A 5 -5.82 14.11 -3.64
C GLN A 5 -5.70 13.09 -4.79
N LEU A 6 -6.78 12.84 -5.48
CA LEU A 6 -6.73 11.87 -6.61
C LEU A 6 -7.31 12.50 -7.88
N LYS A 7 -6.48 13.02 -8.73
CA LYS A 7 -6.99 13.64 -9.99
C LYS A 7 -6.39 12.96 -11.21
N GLY A 8 -6.98 11.89 -11.67
CA GLY A 8 -6.43 11.19 -12.85
C GLY A 8 -7.45 10.14 -13.34
N MET A 9 -7.39 9.79 -14.59
CA MET A 9 -8.36 8.78 -15.14
C MET A 9 -7.79 7.37 -14.99
N SER A 10 -6.54 7.20 -15.33
CA SER A 10 -5.91 5.84 -15.21
C SER A 10 -6.85 4.78 -15.81
N TYR A 11 -7.69 4.19 -15.00
CA TYR A 11 -8.62 3.16 -15.53
C TYR A 11 -9.92 3.17 -14.72
N SER A 12 -9.90 2.64 -13.52
CA SER A 12 -11.13 2.61 -12.69
C SER A 12 -10.74 2.78 -11.22
N MET A 13 -11.19 1.91 -10.36
CA MET A 13 -10.83 2.03 -8.92
C MET A 13 -11.44 0.88 -8.11
N CYS A 14 -10.67 -0.14 -7.84
CA CYS A 14 -11.20 -1.28 -7.05
C CYS A 14 -11.65 -0.78 -5.67
N THR A 15 -12.82 -0.19 -5.58
CA THR A 15 -13.29 0.36 -4.29
C THR A 15 -13.93 -0.73 -3.41
N GLY A 16 -14.07 -1.92 -3.91
CA GLY A 16 -14.68 -3.00 -3.09
C GLY A 16 -13.84 -3.23 -1.85
N LYS A 17 -13.47 -4.45 -1.58
CA LYS A 17 -12.64 -4.75 -0.39
C LYS A 17 -11.35 -5.46 -0.80
N PHE A 18 -10.47 -5.74 0.12
CA PHE A 18 -9.20 -6.44 -0.27
C PHE A 18 -8.85 -7.55 0.71
N LYS A 19 -8.35 -8.64 0.20
CA LYS A 19 -7.95 -9.77 1.08
C LYS A 19 -6.44 -9.93 1.04
N VAL A 20 -5.77 -9.76 2.15
CA VAL A 20 -4.30 -9.92 2.11
C VAL A 20 -3.95 -11.32 1.63
N VAL A 21 -3.18 -11.41 0.59
CA VAL A 21 -2.78 -12.73 0.05
C VAL A 21 -1.40 -13.06 0.60
N LYS A 22 -0.66 -12.02 0.92
CA LYS A 22 0.69 -12.21 1.51
C LYS A 22 1.07 -10.94 2.28
N GLU A 23 1.56 -11.12 3.47
CA GLU A 23 1.94 -9.96 4.32
C GLU A 23 2.83 -8.99 3.56
N ILE A 24 2.93 -7.78 4.05
CA ILE A 24 3.79 -6.77 3.38
C ILE A 24 5.21 -7.29 3.23
N ALA A 25 5.78 -7.16 2.07
CA ALA A 25 7.17 -7.62 1.84
C ALA A 25 8.05 -6.38 1.67
N GLU A 26 9.34 -6.53 1.72
CA GLU A 26 10.20 -5.32 1.56
C GLU A 26 11.02 -5.41 0.27
N THR A 27 10.99 -4.37 -0.51
CA THR A 27 11.76 -4.39 -1.80
C THR A 27 13.24 -4.05 -1.52
N GLN A 28 13.99 -3.79 -2.56
CA GLN A 28 15.42 -3.45 -2.36
C GLN A 28 15.64 -1.95 -2.52
N HIS A 29 14.62 -1.17 -2.33
CA HIS A 29 14.76 0.31 -2.47
C HIS A 29 14.22 1.02 -1.24
N GLY A 30 13.85 0.27 -0.23
CA GLY A 30 13.30 0.91 1.01
C GLY A 30 11.77 0.84 0.96
N THR A 31 11.23 0.27 -0.08
CA THR A 31 9.73 0.18 -0.19
C THR A 31 9.25 -1.14 0.41
N ILE A 32 7.98 -1.38 0.33
CA ILE A 32 7.41 -2.66 0.86
C ILE A 32 6.33 -3.13 -0.10
N VAL A 33 6.13 -4.41 -0.19
CA VAL A 33 5.12 -4.91 -1.15
C VAL A 33 3.96 -5.62 -0.44
N ILE A 34 2.75 -5.28 -0.79
CA ILE A 34 1.58 -5.94 -0.16
C ILE A 34 0.83 -6.75 -1.21
N ARG A 35 0.77 -8.03 -1.03
CA ARG A 35 0.04 -8.86 -2.02
C ARG A 35 -1.35 -9.15 -1.46
N VAL A 36 -2.37 -8.79 -2.17
CA VAL A 36 -3.73 -9.01 -1.68
C VAL A 36 -4.66 -9.24 -2.85
N GLN A 37 -5.74 -9.86 -2.60
CA GLN A 37 -6.67 -10.13 -3.69
C GLN A 37 -7.85 -9.16 -3.58
N TYR A 38 -8.10 -8.39 -4.59
CA TYR A 38 -9.21 -7.42 -4.50
C TYR A 38 -10.54 -8.15 -4.29
N GLU A 39 -11.42 -7.57 -3.54
CA GLU A 39 -12.74 -8.21 -3.29
C GLU A 39 -13.84 -7.30 -3.82
N GLY A 40 -14.97 -7.24 -3.15
CA GLY A 40 -16.06 -6.36 -3.63
C GLY A 40 -16.20 -6.50 -5.15
N ASP A 41 -16.43 -5.41 -5.81
CA ASP A 41 -16.58 -5.46 -7.29
C ASP A 41 -15.78 -4.32 -7.94
N GLY A 42 -15.19 -4.57 -9.07
CA GLY A 42 -14.39 -3.49 -9.74
C GLY A 42 -13.77 -4.00 -11.04
N SER A 43 -13.51 -5.28 -11.16
CA SER A 43 -12.91 -5.78 -12.42
C SER A 43 -11.60 -5.01 -12.67
N PRO A 44 -11.18 -4.89 -13.91
CA PRO A 44 -9.93 -4.14 -14.18
C PRO A 44 -10.01 -2.74 -13.56
N CYS A 45 -9.57 -2.59 -12.33
CA CYS A 45 -9.61 -1.26 -11.68
C CYS A 45 -8.36 -1.03 -10.83
N LYS A 46 -8.20 0.15 -10.29
CA LYS A 46 -7.00 0.44 -9.46
C LYS A 46 -7.19 -0.01 -8.02
N ILE A 47 -6.14 -0.01 -7.25
CA ILE A 47 -6.25 -0.48 -5.85
C ILE A 47 -6.06 0.65 -4.83
N PRO A 48 -7.00 0.77 -3.94
CA PRO A 48 -6.94 1.81 -2.87
C PRO A 48 -5.75 1.54 -1.95
N PHE A 49 -5.12 2.58 -1.47
CA PHE A 49 -3.96 2.39 -0.58
C PHE A 49 -3.79 3.59 0.35
N GLU A 50 -3.06 3.43 1.42
CA GLU A 50 -2.85 4.57 2.36
C GLU A 50 -1.95 4.12 3.51
N ILE A 51 -0.73 4.59 3.56
CA ILE A 51 0.18 4.18 4.65
C ILE A 51 0.01 5.09 5.88
N MET A 52 -1.15 5.68 6.02
CA MET A 52 -1.39 6.57 7.19
C MET A 52 -2.87 6.52 7.60
N ASP A 53 -3.74 7.02 6.78
CA ASP A 53 -5.20 7.01 7.11
C ASP A 53 -5.43 7.33 8.59
N LEU A 54 -6.59 7.04 9.10
CA LEU A 54 -6.89 7.32 10.53
C LEU A 54 -6.38 8.72 10.90
N GLU A 55 -5.18 8.83 11.40
CA GLU A 55 -4.63 10.15 11.79
C GLU A 55 -3.11 10.08 11.93
N LYS A 56 -2.42 9.77 10.87
CA LYS A 56 -0.94 9.68 10.94
C LYS A 56 -0.31 10.98 10.42
N ARG A 57 -0.24 11.98 11.24
CA ARG A 57 0.35 13.28 10.79
C ARG A 57 1.71 13.04 10.14
N HIS A 58 2.38 14.10 9.75
CA HIS A 58 3.72 13.93 9.12
C HIS A 58 3.61 12.99 7.91
N VAL A 59 3.28 13.52 6.76
CA VAL A 59 3.15 12.67 5.56
C VAL A 59 4.53 12.33 5.00
N LEU A 60 4.80 11.07 4.79
CA LEU A 60 6.15 10.68 4.26
C LEU A 60 6.03 9.38 3.45
N GLY A 61 5.32 8.40 3.97
CA GLY A 61 5.18 7.12 3.22
C GLY A 61 4.87 7.42 1.75
N ARG A 62 5.10 6.48 0.88
CA ARG A 62 4.82 6.73 -0.57
C ARG A 62 4.43 5.43 -1.27
N LEU A 63 3.97 5.54 -2.48
CA LEU A 63 3.57 4.33 -3.23
C LEU A 63 4.43 4.23 -4.49
N ILE A 64 5.13 3.14 -4.66
CA ILE A 64 5.95 2.98 -5.89
C ILE A 64 5.02 2.41 -6.95
N THR A 65 4.09 1.66 -6.49
CA THR A 65 3.06 1.05 -7.38
C THR A 65 1.74 1.78 -7.12
N VAL A 66 1.81 3.09 -7.01
CA VAL A 66 0.59 3.91 -6.72
C VAL A 66 -0.67 3.26 -7.26
N ASN A 67 -1.70 3.23 -6.45
CA ASN A 67 -3.00 2.62 -6.86
C ASN A 67 -2.82 1.53 -7.93
N PRO A 68 -2.30 0.42 -7.50
CA PRO A 68 -2.08 -0.71 -8.42
C PRO A 68 -3.41 -1.07 -9.09
N ILE A 69 -3.46 -2.11 -9.87
CA ILE A 69 -4.75 -2.45 -10.53
C ILE A 69 -5.00 -3.96 -10.58
N VAL A 70 -6.22 -4.35 -10.40
CA VAL A 70 -6.57 -5.81 -10.51
C VAL A 70 -7.13 -6.03 -11.91
N THR A 71 -7.15 -7.23 -12.40
CA THR A 71 -7.70 -7.46 -13.76
C THR A 71 -8.97 -8.30 -13.71
N GLU A 72 -9.17 -9.04 -12.66
CA GLU A 72 -10.40 -9.88 -12.59
C GLU A 72 -11.09 -9.72 -11.24
N LYS A 73 -10.75 -8.70 -10.49
CA LYS A 73 -11.39 -8.48 -9.16
C LYS A 73 -10.90 -9.51 -8.15
N ASP A 74 -10.11 -10.45 -8.56
CA ASP A 74 -9.61 -11.48 -7.61
C ASP A 74 -8.13 -11.74 -7.85
N SER A 75 -7.53 -11.05 -8.78
CA SER A 75 -6.07 -11.27 -9.04
C SER A 75 -5.26 -10.65 -7.90
N PRO A 76 -4.67 -11.52 -7.11
CA PRO A 76 -3.85 -11.05 -5.96
C PRO A 76 -2.82 -10.04 -6.45
N VAL A 77 -2.97 -8.79 -6.07
CA VAL A 77 -2.00 -7.75 -6.53
C VAL A 77 -1.02 -7.37 -5.43
N ASN A 78 0.20 -7.07 -5.80
CA ASN A 78 1.23 -6.68 -4.79
C ASN A 78 1.40 -5.15 -4.81
N ILE A 79 1.43 -4.49 -3.68
CA ILE A 79 1.58 -3.01 -3.74
C ILE A 79 2.90 -2.55 -3.14
N GLU A 80 3.72 -1.96 -3.95
CA GLU A 80 5.06 -1.45 -3.51
C GLU A 80 4.93 -0.02 -2.98
N ALA A 81 5.12 0.18 -1.70
CA ALA A 81 5.02 1.57 -1.15
C ALA A 81 6.27 1.92 -0.34
N GLU A 82 6.63 3.18 -0.31
CA GLU A 82 7.84 3.60 0.45
C GLU A 82 7.45 4.18 1.81
N PRO A 83 7.65 3.39 2.83
CA PRO A 83 7.31 3.82 4.20
C PRO A 83 8.42 4.71 4.79
N PRO A 84 8.03 5.64 5.61
CA PRO A 84 9.02 6.55 6.25
C PRO A 84 10.03 5.72 7.06
N PHE A 85 9.55 4.87 7.92
CA PHE A 85 10.48 4.02 8.73
C PHE A 85 9.79 2.71 9.10
N GLY A 86 10.48 1.81 9.76
CA GLY A 86 9.83 0.52 10.13
C GLY A 86 8.86 0.75 11.28
N ASP A 87 7.72 1.31 10.99
CA ASP A 87 6.71 1.57 12.07
C ASP A 87 5.52 2.33 11.47
N SER A 88 4.62 1.65 10.84
CA SER A 88 3.46 2.34 10.22
C SER A 88 2.29 1.36 10.01
N TYR A 89 1.40 1.70 9.12
CA TYR A 89 0.24 0.80 8.84
C TYR A 89 -0.23 1.00 7.39
N ILE A 90 0.15 0.11 6.51
CA ILE A 90 -0.27 0.25 5.10
C ILE A 90 -1.76 -0.11 4.97
N ILE A 91 -2.57 0.81 4.52
CA ILE A 91 -4.02 0.50 4.38
C ILE A 91 -4.34 0.14 2.93
N ILE A 92 -5.18 -0.84 2.74
CA ILE A 92 -5.54 -1.27 1.35
C ILE A 92 -7.06 -1.24 1.18
N GLY A 93 -7.54 -0.85 0.03
CA GLY A 93 -9.01 -0.84 -0.17
C GLY A 93 -9.58 0.44 0.43
N VAL A 94 -10.84 0.46 0.70
CA VAL A 94 -11.46 1.68 1.28
C VAL A 94 -12.13 1.36 2.60
N GLU A 95 -12.17 2.32 3.50
CA GLU A 95 -12.81 2.12 4.84
C GLU A 95 -13.76 0.92 4.85
N PRO A 96 -14.73 0.96 3.98
CA PRO A 96 -15.73 -0.14 3.86
C PRO A 96 -15.04 -1.50 3.66
N GLY A 97 -14.38 -2.02 4.66
CA GLY A 97 -13.74 -3.36 4.52
C GLY A 97 -12.28 -3.23 4.08
N GLN A 98 -11.78 -2.03 3.98
CA GLN A 98 -10.36 -1.85 3.55
C GLN A 98 -9.42 -2.68 4.46
N LEU A 99 -8.23 -2.96 4.01
CA LEU A 99 -7.29 -3.77 4.83
C LEU A 99 -6.30 -2.86 5.57
N LYS A 100 -5.44 -3.43 6.38
CA LYS A 100 -4.44 -2.61 7.13
C LYS A 100 -3.25 -3.48 7.52
N LEU A 101 -2.06 -3.04 7.23
CA LEU A 101 -0.84 -3.84 7.58
C LEU A 101 0.17 -2.95 8.29
N ASN A 102 0.60 -3.33 9.47
CA ASN A 102 1.59 -2.50 10.20
C ASN A 102 3.03 -2.92 9.87
N TRP A 103 3.89 -1.98 9.57
CA TRP A 103 5.30 -2.34 9.25
C TRP A 103 6.24 -1.81 10.33
N PHE A 104 6.99 -2.68 10.96
CA PHE A 104 7.94 -2.22 12.02
C PHE A 104 9.38 -2.52 11.61
N LYS A 105 10.30 -1.66 11.99
CA LYS A 105 11.73 -1.88 11.62
C LYS A 105 12.56 -0.63 11.91
N LYS A 106 13.51 -0.73 12.80
CA LYS A 106 14.35 0.46 13.13
C LYS A 106 15.72 0.34 12.45
N GLY A 107 16.11 -0.86 12.09
CA GLY A 107 17.43 -1.04 11.43
C GLY A 107 18.54 -0.57 12.36
N SER A 108 18.55 -1.04 13.57
CA SER A 108 19.60 -0.61 14.54
C SER A 108 20.97 -1.14 14.09
N SER A 109 21.21 -2.40 14.25
CA SER A 109 22.53 -2.98 13.83
C SER A 109 22.39 -4.48 13.56
N LEU A 110 22.37 -4.87 12.32
CA LEU A 110 22.23 -6.32 11.99
C LEU A 110 23.59 -7.02 12.17
N GLU A 111 24.46 -6.90 11.21
CA GLU A 111 25.79 -7.57 11.32
C GLU A 111 25.63 -9.00 11.87
N HIS A 112 25.07 -9.88 11.09
CA HIS A 112 24.89 -11.27 11.55
C HIS A 112 25.05 -12.25 10.38
N HIS A 113 24.19 -12.16 9.40
CA HIS A 113 24.30 -13.08 8.23
C HIS A 113 25.14 -12.44 7.13
N HIS A 114 26.44 -12.43 7.29
CA HIS A 114 27.31 -11.82 6.25
C HIS A 114 28.53 -12.71 5.99
N HIS A 115 28.44 -13.57 5.01
CA HIS A 115 29.59 -14.47 4.70
C HIS A 115 30.80 -13.65 4.26
N HIS A 116 31.98 -14.16 4.42
CA HIS A 116 33.19 -13.40 4.00
C HIS A 116 34.19 -14.34 3.30
N HIS A 117 35.26 -13.79 2.78
CA HIS A 117 36.26 -14.65 2.09
C HIS A 117 35.64 -15.30 0.84
N MET A 1 12.46 14.47 -13.42
CA MET A 1 12.33 14.47 -11.93
C MET A 1 10.89 14.84 -11.53
N ASP A 2 9.91 14.22 -12.13
CA ASP A 2 8.50 14.53 -11.79
C ASP A 2 7.57 13.43 -12.32
N LYS A 3 6.88 12.75 -11.45
CA LYS A 3 5.96 11.67 -11.92
C LYS A 3 4.71 11.62 -11.02
N LEU A 4 4.40 12.71 -10.38
CA LEU A 4 3.18 12.72 -9.49
C LEU A 4 1.92 12.90 -10.33
N GLN A 5 1.41 11.85 -10.90
CA GLN A 5 0.17 11.96 -11.73
C GLN A 5 -0.23 10.58 -12.26
N LEU A 6 -0.14 9.56 -11.46
CA LEU A 6 -0.52 8.20 -11.92
C LEU A 6 0.18 7.89 -13.25
N LYS A 7 0.02 6.70 -13.75
CA LYS A 7 0.67 6.33 -15.04
C LYS A 7 -0.13 6.88 -16.22
N GLY A 8 -1.30 7.40 -15.97
CA GLY A 8 -2.13 7.95 -17.07
C GLY A 8 -3.34 8.69 -16.49
N MET A 9 -4.15 8.00 -15.73
CA MET A 9 -5.35 8.66 -15.14
C MET A 9 -6.17 7.64 -14.34
N SER A 10 -7.06 8.11 -13.50
CA SER A 10 -7.89 7.16 -12.70
C SER A 10 -8.68 6.23 -13.63
N TYR A 11 -8.53 4.95 -13.47
CA TYR A 11 -9.26 3.99 -14.34
C TYR A 11 -10.64 3.68 -13.74
N SER A 12 -10.67 2.90 -12.70
CA SER A 12 -11.98 2.54 -12.07
C SER A 12 -11.90 2.70 -10.54
N MET A 13 -10.74 2.55 -9.98
CA MET A 13 -10.60 2.67 -8.50
C MET A 13 -11.52 1.66 -7.83
N CYS A 14 -11.00 0.52 -7.47
CA CYS A 14 -11.88 -0.51 -6.83
C CYS A 14 -12.23 -0.07 -5.41
N THR A 15 -13.50 -0.04 -5.10
CA THR A 15 -13.92 0.40 -3.73
C THR A 15 -14.41 -0.78 -2.89
N GLY A 16 -14.45 -1.96 -3.44
CA GLY A 16 -14.93 -3.12 -2.64
C GLY A 16 -14.01 -3.32 -1.43
N LYS A 17 -13.47 -4.49 -1.28
CA LYS A 17 -12.56 -4.74 -0.12
C LYS A 17 -11.29 -5.45 -0.60
N PHE A 18 -10.37 -5.71 0.29
CA PHE A 18 -9.10 -6.37 -0.14
C PHE A 18 -8.70 -7.49 0.83
N LYS A 19 -8.34 -8.62 0.30
CA LYS A 19 -7.91 -9.76 1.15
C LYS A 19 -6.39 -9.89 1.09
N VAL A 20 -5.72 -9.77 2.19
CA VAL A 20 -4.24 -9.92 2.13
C VAL A 20 -3.92 -11.32 1.60
N VAL A 21 -3.05 -11.39 0.63
CA VAL A 21 -2.67 -12.70 0.05
C VAL A 21 -1.28 -13.04 0.59
N LYS A 22 -0.55 -12.02 0.91
CA LYS A 22 0.81 -12.20 1.49
C LYS A 22 1.17 -10.94 2.28
N GLU A 23 1.66 -11.12 3.47
CA GLU A 23 2.02 -9.95 4.34
C GLU A 23 2.92 -8.97 3.60
N ILE A 24 2.96 -7.76 4.06
CA ILE A 24 3.82 -6.75 3.39
C ILE A 24 5.26 -7.26 3.31
N ALA A 25 5.86 -7.15 2.17
CA ALA A 25 7.26 -7.59 2.02
C ALA A 25 8.15 -6.36 1.90
N GLU A 26 9.44 -6.49 1.96
CA GLU A 26 10.30 -5.29 1.86
C GLU A 26 11.16 -5.36 0.59
N THR A 27 11.22 -4.29 -0.14
CA THR A 27 12.03 -4.30 -1.39
C THR A 27 13.44 -3.77 -1.11
N GLN A 28 14.33 -3.86 -2.07
CA GLN A 28 15.72 -3.37 -1.84
C GLN A 28 15.81 -1.88 -2.18
N HIS A 29 14.75 -1.15 -2.01
CA HIS A 29 14.79 0.31 -2.33
C HIS A 29 14.19 1.11 -1.18
N GLY A 30 13.87 0.46 -0.09
CA GLY A 30 13.27 1.19 1.07
C GLY A 30 11.75 1.10 0.99
N THR A 31 11.24 0.31 0.08
CA THR A 31 9.77 0.17 -0.06
C THR A 31 9.30 -1.14 0.57
N ILE A 32 8.04 -1.43 0.43
CA ILE A 32 7.50 -2.70 0.98
C ILE A 32 6.48 -3.23 -0.02
N VAL A 33 6.21 -4.51 -0.01
CA VAL A 33 5.26 -5.05 -1.01
C VAL A 33 4.06 -5.74 -0.35
N ILE A 34 2.87 -5.37 -0.74
CA ILE A 34 1.68 -6.01 -0.17
C ILE A 34 0.96 -6.81 -1.24
N ARG A 35 0.86 -8.09 -1.05
CA ARG A 35 0.16 -8.93 -2.05
C ARG A 35 -1.20 -9.31 -1.50
N VAL A 36 -2.24 -8.81 -2.10
CA VAL A 36 -3.60 -9.11 -1.59
C VAL A 36 -4.47 -9.52 -2.74
N GLN A 37 -5.72 -9.59 -2.50
CA GLN A 37 -6.66 -9.99 -3.56
C GLN A 37 -7.88 -9.08 -3.47
N TYR A 38 -8.25 -8.46 -4.54
CA TYR A 38 -9.42 -7.54 -4.45
C TYR A 38 -10.67 -8.30 -4.01
N GLU A 39 -11.34 -7.81 -3.00
CA GLU A 39 -12.57 -8.49 -2.51
C GLU A 39 -13.78 -7.57 -2.70
N GLY A 40 -14.33 -7.55 -3.88
CA GLY A 40 -15.50 -6.67 -4.13
C GLY A 40 -15.85 -6.66 -5.62
N ASP A 41 -16.28 -5.55 -6.11
CA ASP A 41 -16.64 -5.47 -7.56
C ASP A 41 -15.93 -4.29 -8.22
N GLY A 42 -15.48 -4.46 -9.43
CA GLY A 42 -14.79 -3.32 -10.13
C GLY A 42 -14.05 -3.83 -11.37
N SER A 43 -13.75 -5.09 -11.46
CA SER A 43 -13.03 -5.59 -12.65
C SER A 43 -11.73 -4.80 -12.81
N PRO A 44 -11.17 -4.75 -13.99
CA PRO A 44 -9.92 -3.98 -14.19
C PRO A 44 -10.06 -2.64 -13.48
N CYS A 45 -9.58 -2.56 -12.27
CA CYS A 45 -9.71 -1.30 -11.48
C CYS A 45 -8.43 -1.06 -10.68
N LYS A 46 -8.26 0.12 -10.17
CA LYS A 46 -7.04 0.42 -9.36
C LYS A 46 -7.22 -0.07 -7.92
N ILE A 47 -6.21 0.07 -7.10
CA ILE A 47 -6.32 -0.42 -5.70
C ILE A 47 -6.11 0.71 -4.67
N PRO A 48 -7.05 0.83 -3.77
CA PRO A 48 -6.96 1.86 -2.70
C PRO A 48 -5.75 1.61 -1.81
N PHE A 49 -5.12 2.66 -1.35
CA PHE A 49 -3.92 2.49 -0.48
C PHE A 49 -3.73 3.74 0.38
N GLU A 50 -3.52 3.58 1.66
CA GLU A 50 -3.33 4.76 2.54
C GLU A 50 -2.31 4.46 3.63
N ILE A 51 -1.08 4.86 3.43
CA ILE A 51 -0.03 4.60 4.45
C ILE A 51 -0.02 5.71 5.50
N MET A 52 -1.11 5.88 6.21
CA MET A 52 -1.16 6.96 7.24
C MET A 52 -1.96 6.48 8.46
N ASP A 53 -3.24 6.23 8.29
CA ASP A 53 -4.07 5.76 9.44
C ASP A 53 -4.01 6.80 10.57
N LEU A 54 -5.08 7.52 10.77
CA LEU A 54 -5.10 8.55 11.85
C LEU A 54 -4.24 9.76 11.48
N GLU A 55 -3.62 9.72 10.33
CA GLU A 55 -2.77 10.85 9.89
C GLU A 55 -2.90 11.07 8.38
N LYS A 56 -4.11 11.20 7.90
CA LYS A 56 -4.32 11.42 6.44
C LYS A 56 -4.53 12.90 6.15
N ARG A 57 -3.52 13.57 5.66
CA ARG A 57 -3.66 15.02 5.34
C ARG A 57 -2.51 15.50 4.46
N HIS A 58 -1.29 15.32 4.90
CA HIS A 58 -0.12 15.76 4.09
C HIS A 58 0.39 14.60 3.24
N VAL A 59 1.63 14.65 2.84
CA VAL A 59 2.20 13.54 2.01
C VAL A 59 3.05 12.61 2.87
N LEU A 60 2.50 11.50 3.27
CA LEU A 60 3.28 10.54 4.13
C LEU A 60 3.44 9.20 3.40
N GLY A 61 4.63 8.67 3.36
CA GLY A 61 4.85 7.37 2.67
C GLY A 61 4.65 7.55 1.16
N ARG A 62 5.16 6.64 0.38
CA ARG A 62 5.01 6.75 -1.09
C ARG A 62 4.50 5.43 -1.66
N LEU A 63 4.07 5.44 -2.89
CA LEU A 63 3.57 4.19 -3.51
C LEU A 63 4.26 3.95 -4.85
N ILE A 64 5.09 2.95 -4.93
CA ILE A 64 5.78 2.68 -6.23
C ILE A 64 4.76 2.13 -7.20
N THR A 65 3.74 1.53 -6.68
CA THR A 65 2.66 0.97 -7.54
C THR A 65 1.39 1.81 -7.34
N VAL A 66 1.59 3.08 -7.07
CA VAL A 66 0.46 4.04 -6.84
C VAL A 66 -0.88 3.46 -7.28
N ASN A 67 -1.75 3.22 -6.35
CA ASN A 67 -3.08 2.67 -6.70
C ASN A 67 -2.94 1.56 -7.74
N PRO A 68 -2.37 0.46 -7.32
CA PRO A 68 -2.18 -0.69 -8.23
C PRO A 68 -3.50 -1.03 -8.90
N ILE A 69 -3.57 -2.08 -9.68
CA ILE A 69 -4.87 -2.40 -10.36
C ILE A 69 -5.14 -3.91 -10.41
N VAL A 70 -6.39 -4.29 -10.30
CA VAL A 70 -6.75 -5.73 -10.41
C VAL A 70 -7.26 -5.97 -11.83
N THR A 71 -7.40 -7.20 -12.25
CA THR A 71 -7.88 -7.43 -13.64
C THR A 71 -9.14 -8.31 -13.65
N GLU A 72 -9.39 -9.03 -12.58
CA GLU A 72 -10.59 -9.90 -12.55
C GLU A 72 -11.29 -9.82 -11.20
N LYS A 73 -10.95 -8.82 -10.42
CA LYS A 73 -11.58 -8.65 -9.07
C LYS A 73 -11.03 -9.66 -8.07
N ASP A 74 -10.33 -10.66 -8.53
CA ASP A 74 -9.77 -11.66 -7.58
C ASP A 74 -8.30 -11.93 -7.90
N SER A 75 -7.77 -11.26 -8.88
CA SER A 75 -6.33 -11.46 -9.23
C SER A 75 -5.48 -10.81 -8.13
N PRO A 76 -4.86 -11.63 -7.33
CA PRO A 76 -4.04 -11.11 -6.22
C PRO A 76 -3.11 -9.98 -6.73
N VAL A 77 -3.08 -8.88 -6.04
CA VAL A 77 -2.21 -7.75 -6.49
C VAL A 77 -1.15 -7.41 -5.45
N ASN A 78 0.03 -7.03 -5.89
CA ASN A 78 1.12 -6.67 -4.94
C ASN A 78 1.29 -5.15 -4.92
N ILE A 79 1.43 -4.52 -3.77
CA ILE A 79 1.61 -3.04 -3.82
C ILE A 79 2.95 -2.63 -3.21
N GLU A 80 3.77 -2.01 -4.01
CA GLU A 80 5.10 -1.55 -3.54
C GLU A 80 5.00 -0.09 -3.06
N ALA A 81 5.19 0.14 -1.79
CA ALA A 81 5.09 1.55 -1.30
C ALA A 81 6.30 1.90 -0.43
N GLU A 82 6.67 3.16 -0.40
CA GLU A 82 7.84 3.57 0.41
C GLU A 82 7.36 4.22 1.73
N PRO A 83 7.40 3.45 2.77
CA PRO A 83 6.96 3.93 4.11
C PRO A 83 7.95 4.97 4.64
N PRO A 84 7.41 5.95 5.33
CA PRO A 84 8.24 7.02 5.91
C PRO A 84 9.20 6.44 6.96
N PHE A 85 9.76 7.28 7.79
CA PHE A 85 10.70 6.76 8.83
C PHE A 85 9.94 6.44 10.12
N GLY A 86 10.08 5.25 10.62
CA GLY A 86 9.37 4.88 11.88
C GLY A 86 8.22 3.91 11.55
N ASP A 87 7.41 3.59 12.52
CA ASP A 87 6.27 2.66 12.28
C ASP A 87 5.37 3.21 11.16
N SER A 88 4.48 2.41 10.65
CA SER A 88 3.58 2.89 9.56
C SER A 88 2.51 1.84 9.25
N TYR A 89 1.27 2.22 9.22
CA TYR A 89 0.20 1.23 8.92
C TYR A 89 -0.23 1.36 7.46
N ILE A 90 0.20 0.46 6.61
CA ILE A 90 -0.20 0.53 5.18
C ILE A 90 -1.66 0.09 5.04
N ILE A 91 -2.52 0.98 4.67
CA ILE A 91 -3.95 0.61 4.53
C ILE A 91 -4.26 0.21 3.08
N ILE A 92 -5.12 -0.74 2.89
CA ILE A 92 -5.47 -1.18 1.51
C ILE A 92 -6.99 -1.20 1.34
N GLY A 93 -7.48 -0.78 0.20
CA GLY A 93 -8.95 -0.79 0.02
C GLY A 93 -9.53 0.47 0.64
N VAL A 94 -10.79 0.48 0.94
CA VAL A 94 -11.41 1.68 1.54
C VAL A 94 -12.06 1.32 2.87
N GLU A 95 -12.07 2.26 3.80
CA GLU A 95 -12.67 2.02 5.16
C GLU A 95 -13.58 0.79 5.17
N PRO A 96 -14.58 0.82 4.32
CA PRO A 96 -15.54 -0.31 4.21
C PRO A 96 -14.82 -1.66 4.02
N GLY A 97 -14.22 -2.17 5.05
CA GLY A 97 -13.53 -3.50 4.94
C GLY A 97 -12.08 -3.32 4.47
N GLN A 98 -11.65 -2.12 4.25
CA GLN A 98 -10.24 -1.90 3.80
C GLN A 98 -9.26 -2.71 4.65
N LEU A 99 -8.07 -2.95 4.17
CA LEU A 99 -7.08 -3.73 4.97
C LEU A 99 -6.13 -2.79 5.71
N LYS A 100 -5.23 -3.33 6.49
CA LYS A 100 -4.28 -2.46 7.24
C LYS A 100 -3.04 -3.27 7.64
N LEU A 101 -1.86 -2.71 7.48
CA LEU A 101 -0.62 -3.45 7.84
C LEU A 101 0.39 -2.51 8.49
N ASN A 102 0.81 -2.79 9.69
CA ASN A 102 1.80 -1.91 10.38
C ASN A 102 3.23 -2.34 10.02
N TRP A 103 4.05 -1.42 9.60
CA TRP A 103 5.45 -1.77 9.24
C TRP A 103 6.44 -0.88 10.02
N PHE A 104 7.62 -1.37 10.25
CA PHE A 104 8.62 -0.56 11.01
C PHE A 104 9.75 -0.12 10.07
N LYS A 105 9.92 1.16 9.89
CA LYS A 105 11.01 1.66 8.99
C LYS A 105 12.02 2.46 9.79
N LYS A 106 12.61 1.88 10.80
CA LYS A 106 13.62 2.62 11.61
C LYS A 106 14.96 2.67 10.88
N GLY A 107 15.98 3.18 11.52
CA GLY A 107 17.31 3.25 10.85
C GLY A 107 17.98 4.57 11.22
N SER A 108 19.25 4.70 10.94
CA SER A 108 19.97 5.96 11.27
C SER A 108 20.76 6.45 10.05
N SER A 109 21.90 7.07 10.28
CA SER A 109 22.71 7.56 9.13
C SER A 109 22.87 6.47 8.08
N LEU A 110 23.00 5.23 8.50
CA LEU A 110 23.16 4.13 7.51
C LEU A 110 24.30 4.44 6.54
N GLU A 111 24.02 5.12 5.47
CA GLU A 111 25.09 5.44 4.49
C GLU A 111 24.59 6.49 3.49
N HIS A 112 23.85 7.46 3.96
CA HIS A 112 23.34 8.51 3.03
C HIS A 112 22.81 9.71 3.82
N HIS A 113 23.52 10.81 3.79
CA HIS A 113 23.07 12.01 4.55
C HIS A 113 23.85 13.25 4.08
N HIS A 114 23.57 14.39 4.66
CA HIS A 114 24.29 15.63 4.25
C HIS A 114 24.05 16.73 5.28
N HIS A 115 24.89 16.82 6.28
CA HIS A 115 24.73 17.89 7.30
C HIS A 115 25.84 17.81 8.34
N HIS A 116 25.64 18.40 9.49
CA HIS A 116 26.70 18.35 10.54
C HIS A 116 26.11 18.75 11.90
N HIS A 117 26.84 18.54 12.96
CA HIS A 117 26.32 18.91 14.30
C HIS A 117 24.98 18.24 14.56
N MET A 1 -10.74 18.27 -11.91
CA MET A 1 -10.60 18.72 -13.32
C MET A 1 -9.27 18.23 -13.91
N ASP A 2 -9.18 16.97 -14.22
CA ASP A 2 -7.92 16.43 -14.79
C ASP A 2 -6.77 16.57 -13.78
N LYS A 3 -6.85 15.89 -12.67
CA LYS A 3 -5.76 15.99 -11.65
C LYS A 3 -4.63 15.02 -11.98
N LEU A 4 -3.48 15.22 -11.40
CA LEU A 4 -2.34 14.31 -11.68
C LEU A 4 -1.37 14.30 -10.49
N GLN A 5 -1.28 13.19 -9.80
CA GLN A 5 -0.37 13.11 -8.63
C GLN A 5 0.82 12.20 -8.95
N LEU A 6 0.93 11.75 -10.16
CA LEU A 6 2.06 10.86 -10.54
C LEU A 6 2.33 10.93 -12.04
N LYS A 7 3.01 9.96 -12.58
CA LYS A 7 3.30 9.97 -14.05
C LYS A 7 1.98 9.99 -14.84
N GLY A 8 1.28 8.89 -14.88
CA GLY A 8 0.00 8.85 -15.64
C GLY A 8 -0.78 7.60 -15.27
N MET A 9 -1.09 6.77 -16.24
CA MET A 9 -1.85 5.52 -15.95
C MET A 9 -3.24 5.87 -15.42
N SER A 10 -4.24 5.15 -15.84
CA SER A 10 -5.63 5.44 -15.37
C SER A 10 -6.60 4.40 -15.92
N TYR A 11 -7.49 3.89 -15.10
CA TYR A 11 -8.46 2.88 -15.58
C TYR A 11 -9.77 3.00 -14.78
N SER A 12 -9.77 2.54 -13.56
CA SER A 12 -11.01 2.62 -12.74
C SER A 12 -10.60 2.78 -11.26
N MET A 13 -11.09 1.94 -10.38
CA MET A 13 -10.71 2.07 -8.95
C MET A 13 -11.36 0.96 -8.12
N CYS A 14 -10.64 -0.09 -7.83
CA CYS A 14 -11.22 -1.18 -7.00
C CYS A 14 -11.58 -0.60 -5.63
N THR A 15 -12.84 -0.39 -5.36
CA THR A 15 -13.22 0.20 -4.04
C THR A 15 -14.04 -0.76 -3.18
N GLY A 16 -14.27 -1.96 -3.65
CA GLY A 16 -15.06 -2.91 -2.83
C GLY A 16 -14.30 -3.25 -1.54
N LYS A 17 -13.63 -4.38 -1.50
CA LYS A 17 -12.88 -4.76 -0.27
C LYS A 17 -11.56 -5.42 -0.67
N PHE A 18 -10.60 -5.50 0.23
CA PHE A 18 -9.31 -6.15 -0.15
C PHE A 18 -8.93 -7.27 0.83
N LYS A 19 -8.50 -8.38 0.30
CA LYS A 19 -8.08 -9.52 1.18
C LYS A 19 -6.57 -9.69 1.11
N VAL A 20 -5.89 -9.58 2.22
CA VAL A 20 -4.41 -9.76 2.18
C VAL A 20 -4.10 -11.16 1.66
N VAL A 21 -3.21 -11.27 0.73
CA VAL A 21 -2.83 -12.59 0.17
C VAL A 21 -1.45 -12.93 0.73
N LYS A 22 -0.70 -11.91 1.04
CA LYS A 22 0.64 -12.10 1.63
C LYS A 22 1.00 -10.84 2.41
N GLU A 23 1.49 -11.01 3.61
CA GLU A 23 1.86 -9.85 4.47
C GLU A 23 2.78 -8.88 3.73
N ILE A 24 2.80 -7.65 4.14
CA ILE A 24 3.67 -6.65 3.47
C ILE A 24 5.11 -7.18 3.43
N ALA A 25 5.74 -7.08 2.29
CA ALA A 25 7.14 -7.54 2.17
C ALA A 25 8.03 -6.31 2.00
N GLU A 26 9.32 -6.46 2.05
CA GLU A 26 10.19 -5.27 1.89
C GLU A 26 11.04 -5.38 0.63
N THR A 27 11.11 -4.33 -0.15
CA THR A 27 11.91 -4.39 -1.40
C THR A 27 13.33 -3.87 -1.15
N GLN A 28 14.20 -4.00 -2.12
CA GLN A 28 15.60 -3.52 -1.93
C GLN A 28 15.71 -2.05 -2.34
N HIS A 29 14.65 -1.30 -2.19
CA HIS A 29 14.70 0.14 -2.58
C HIS A 29 14.15 1.00 -1.44
N GLY A 30 13.83 0.40 -0.32
CA GLY A 30 13.27 1.19 0.81
C GLY A 30 11.75 1.13 0.76
N THR A 31 11.21 0.25 -0.02
CA THR A 31 9.73 0.14 -0.13
C THR A 31 9.24 -1.16 0.50
N ILE A 32 7.96 -1.39 0.45
CA ILE A 32 7.41 -2.65 1.01
C ILE A 32 6.37 -3.17 0.04
N VAL A 33 6.15 -4.45 0.01
CA VAL A 33 5.18 -4.99 -0.98
C VAL A 33 3.99 -5.67 -0.30
N ILE A 34 2.80 -5.33 -0.72
CA ILE A 34 1.60 -5.98 -0.14
C ILE A 34 0.90 -6.80 -1.21
N ARG A 35 0.77 -8.07 -0.98
CA ARG A 35 0.08 -8.91 -2.00
C ARG A 35 -1.31 -9.26 -1.45
N VAL A 36 -2.33 -8.80 -2.10
CA VAL A 36 -3.69 -9.08 -1.62
C VAL A 36 -4.55 -9.51 -2.76
N GLN A 37 -5.80 -9.61 -2.53
CA GLN A 37 -6.71 -10.04 -3.59
C GLN A 37 -7.89 -9.08 -3.61
N TYR A 38 -8.21 -8.53 -4.73
CA TYR A 38 -9.33 -7.56 -4.77
C TYR A 38 -10.63 -8.25 -4.33
N GLU A 39 -11.26 -7.74 -3.31
CA GLU A 39 -12.53 -8.36 -2.82
C GLU A 39 -13.68 -7.40 -3.09
N GLY A 40 -13.65 -6.74 -4.22
CA GLY A 40 -14.74 -5.78 -4.55
C GLY A 40 -15.35 -6.12 -5.90
N ASP A 41 -16.01 -5.20 -6.50
CA ASP A 41 -16.64 -5.46 -7.83
C ASP A 41 -16.37 -4.30 -8.79
N GLY A 42 -15.25 -4.31 -9.45
CA GLY A 42 -14.94 -3.20 -10.40
C GLY A 42 -14.10 -3.73 -11.58
N SER A 43 -13.96 -5.01 -11.71
CA SER A 43 -13.16 -5.54 -12.85
C SER A 43 -11.85 -4.75 -12.95
N PRO A 44 -11.22 -4.75 -14.09
CA PRO A 44 -9.95 -4.01 -14.25
C PRO A 44 -10.06 -2.62 -13.58
N CYS A 45 -9.61 -2.51 -12.36
CA CYS A 45 -9.66 -1.21 -11.65
C CYS A 45 -8.40 -1.00 -10.81
N LYS A 46 -8.24 0.18 -10.27
CA LYS A 46 -7.02 0.47 -9.45
C LYS A 46 -7.19 0.03 -8.00
N ILE A 47 -6.13 0.04 -7.25
CA ILE A 47 -6.21 -0.43 -5.85
C ILE A 47 -6.02 0.72 -4.84
N PRO A 48 -6.99 0.85 -3.97
CA PRO A 48 -6.94 1.90 -2.91
C PRO A 48 -5.75 1.66 -1.97
N PHE A 49 -5.13 2.71 -1.51
CA PHE A 49 -3.98 2.57 -0.59
C PHE A 49 -3.83 3.82 0.28
N GLU A 50 -3.16 3.72 1.40
CA GLU A 50 -2.98 4.92 2.27
C GLU A 50 -2.03 4.62 3.43
N ILE A 51 -0.83 5.14 3.37
CA ILE A 51 0.14 4.88 4.47
C ILE A 51 0.18 6.07 5.44
N MET A 52 -0.59 5.99 6.50
CA MET A 52 -0.60 7.12 7.48
C MET A 52 -0.92 6.60 8.89
N ASP A 53 -2.11 6.11 9.09
CA ASP A 53 -2.47 5.59 10.43
C ASP A 53 -3.89 5.02 10.42
N LEU A 54 -4.62 5.17 11.49
CA LEU A 54 -6.01 4.64 11.53
C LEU A 54 -6.85 5.27 10.41
N GLU A 55 -6.99 6.57 10.43
CA GLU A 55 -7.79 7.24 9.37
C GLU A 55 -6.87 7.92 8.35
N LYS A 56 -6.31 9.04 8.69
CA LYS A 56 -5.40 9.74 7.74
C LYS A 56 -4.95 11.08 8.33
N ARG A 57 -3.87 11.63 7.83
CA ARG A 57 -3.38 12.93 8.36
C ARG A 57 -2.04 13.29 7.72
N HIS A 58 -1.98 14.40 7.04
CA HIS A 58 -0.69 14.80 6.40
C HIS A 58 -0.29 13.78 5.33
N VAL A 59 0.44 14.21 4.33
CA VAL A 59 0.85 13.25 3.26
C VAL A 59 2.21 12.63 3.60
N LEU A 60 2.26 11.33 3.70
CA LEU A 60 3.54 10.65 4.04
C LEU A 60 3.63 9.29 3.36
N GLY A 61 4.82 8.80 3.15
CA GLY A 61 4.97 7.47 2.48
C GLY A 61 4.80 7.62 0.97
N ARG A 62 5.24 6.65 0.22
CA ARG A 62 5.11 6.74 -1.27
C ARG A 62 4.61 5.41 -1.83
N LEU A 63 4.09 5.42 -3.02
CA LEU A 63 3.61 4.16 -3.63
C LEU A 63 4.31 3.93 -4.97
N ILE A 64 5.14 2.92 -5.04
CA ILE A 64 5.83 2.64 -6.33
C ILE A 64 4.81 2.10 -7.31
N THR A 65 3.81 1.45 -6.78
CA THR A 65 2.74 0.88 -7.63
C THR A 65 1.48 1.74 -7.46
N VAL A 66 1.69 3.01 -7.21
CA VAL A 66 0.57 3.98 -7.01
C VAL A 66 -0.77 3.43 -7.45
N ASN A 67 -1.65 3.19 -6.51
CA ASN A 67 -2.97 2.66 -6.86
C ASN A 67 -2.85 1.54 -7.90
N PRO A 68 -2.30 0.44 -7.47
CA PRO A 68 -2.12 -0.72 -8.39
C PRO A 68 -3.44 -1.04 -9.06
N ILE A 69 -3.52 -2.09 -9.84
CA ILE A 69 -4.81 -2.41 -10.51
C ILE A 69 -5.06 -3.92 -10.58
N VAL A 70 -6.29 -4.31 -10.42
CA VAL A 70 -6.63 -5.76 -10.54
C VAL A 70 -7.20 -5.99 -11.93
N THR A 71 -7.23 -7.20 -12.41
CA THR A 71 -7.77 -7.42 -13.79
C THR A 71 -9.04 -8.28 -13.77
N GLU A 72 -9.31 -8.97 -12.70
CA GLU A 72 -10.53 -9.81 -12.69
C GLU A 72 -11.24 -9.78 -11.33
N LYS A 73 -10.96 -8.79 -10.53
CA LYS A 73 -11.62 -8.72 -9.19
C LYS A 73 -11.08 -9.78 -8.23
N ASP A 74 -10.25 -10.67 -8.72
CA ASP A 74 -9.70 -11.72 -7.82
C ASP A 74 -8.21 -11.93 -8.10
N SER A 75 -7.66 -11.21 -9.04
CA SER A 75 -6.21 -11.37 -9.33
C SER A 75 -5.41 -10.75 -8.19
N PRO A 76 -4.72 -11.59 -7.46
CA PRO A 76 -3.93 -11.11 -6.31
C PRO A 76 -3.04 -9.93 -6.74
N VAL A 77 -3.11 -8.83 -6.05
CA VAL A 77 -2.27 -7.65 -6.46
C VAL A 77 -1.20 -7.34 -5.41
N ASN A 78 -0.02 -7.00 -5.86
CA ASN A 78 1.09 -6.67 -4.92
C ASN A 78 1.30 -5.15 -4.90
N ILE A 79 1.44 -4.52 -3.75
CA ILE A 79 1.64 -3.03 -3.80
C ILE A 79 2.98 -2.64 -3.19
N GLU A 80 3.80 -2.01 -3.98
CA GLU A 80 5.14 -1.56 -3.51
C GLU A 80 5.04 -0.11 -3.03
N ALA A 81 5.15 0.13 -1.75
CA ALA A 81 5.06 1.53 -1.25
C ALA A 81 6.27 1.90 -0.41
N GLU A 82 6.68 3.14 -0.46
CA GLU A 82 7.85 3.59 0.34
C GLU A 82 7.39 4.27 1.63
N PRO A 83 7.47 3.54 2.71
CA PRO A 83 7.05 4.07 4.03
C PRO A 83 7.89 5.29 4.40
N PRO A 84 7.25 6.23 5.04
CA PRO A 84 7.94 7.46 5.48
C PRO A 84 9.03 7.14 6.50
N PHE A 85 8.63 6.77 7.70
CA PHE A 85 9.64 6.44 8.75
C PHE A 85 8.94 5.99 10.04
N GLY A 86 9.58 5.15 10.81
CA GLY A 86 8.95 4.68 12.07
C GLY A 86 7.79 3.73 11.76
N ASP A 87 6.90 3.53 12.69
CA ASP A 87 5.75 2.61 12.44
C ASP A 87 4.90 3.14 11.28
N SER A 88 4.56 2.30 10.35
CA SER A 88 3.74 2.75 9.19
C SER A 88 2.62 1.74 8.91
N TYR A 89 1.39 2.18 8.93
CA TYR A 89 0.26 1.25 8.66
C TYR A 89 -0.15 1.32 7.19
N ILE A 90 0.20 0.34 6.41
CA ILE A 90 -0.18 0.36 4.97
C ILE A 90 -1.67 0.04 4.82
N ILE A 91 -2.45 1.01 4.43
CA ILE A 91 -3.92 0.76 4.27
C ILE A 91 -4.23 0.32 2.84
N ILE A 92 -5.13 -0.59 2.67
CA ILE A 92 -5.48 -1.06 1.30
C ILE A 92 -7.01 -1.09 1.13
N GLY A 93 -7.50 -0.71 -0.02
CA GLY A 93 -8.98 -0.74 -0.22
C GLY A 93 -9.59 0.51 0.41
N VAL A 94 -10.84 0.46 0.75
CA VAL A 94 -11.49 1.66 1.35
C VAL A 94 -12.24 1.27 2.61
N GLU A 95 -12.45 2.21 3.50
CA GLU A 95 -13.18 1.93 4.78
C GLU A 95 -14.19 0.79 4.59
N PRO A 96 -15.06 0.98 3.65
CA PRO A 96 -16.09 -0.03 3.35
C PRO A 96 -15.49 -1.45 3.40
N GLY A 97 -14.26 -1.59 2.97
CA GLY A 97 -13.61 -2.93 2.99
C GLY A 97 -12.10 -2.74 2.79
N GLN A 98 -11.51 -1.86 3.54
CA GLN A 98 -10.05 -1.60 3.37
C GLN A 98 -9.24 -2.45 4.36
N LEU A 99 -8.02 -2.77 4.00
CA LEU A 99 -7.15 -3.57 4.89
C LEU A 99 -6.15 -2.67 5.62
N LYS A 100 -5.33 -3.23 6.46
CA LYS A 100 -4.34 -2.40 7.20
C LYS A 100 -3.10 -3.24 7.55
N LEU A 101 -1.93 -2.70 7.36
CA LEU A 101 -0.69 -3.47 7.69
C LEU A 101 0.35 -2.55 8.33
N ASN A 102 0.71 -2.81 9.56
CA ASN A 102 1.72 -1.95 10.23
C ASN A 102 3.13 -2.46 9.94
N TRP A 103 3.96 -1.65 9.35
CA TRP A 103 5.35 -2.09 9.04
C TRP A 103 6.36 -1.21 9.78
N PHE A 104 7.22 -1.82 10.56
CA PHE A 104 8.23 -1.02 11.32
C PHE A 104 9.30 -0.48 10.36
N LYS A 105 9.49 0.81 10.33
CA LYS A 105 10.51 1.40 9.42
C LYS A 105 11.40 2.39 10.19
N LYS A 106 11.87 2.00 11.34
CA LYS A 106 12.73 2.91 12.15
C LYS A 106 14.18 2.83 11.65
N GLY A 107 14.77 1.67 11.73
CA GLY A 107 16.19 1.53 11.26
C GLY A 107 16.88 0.43 12.07
N SER A 108 17.36 0.76 13.24
CA SER A 108 18.04 -0.26 14.08
C SER A 108 17.83 0.03 15.56
N SER A 109 16.61 -0.06 16.02
CA SER A 109 16.33 0.22 17.47
C SER A 109 15.22 -0.71 17.98
N LEU A 110 14.57 -0.33 19.04
CA LEU A 110 13.48 -1.19 19.59
C LEU A 110 14.01 -2.61 19.84
N GLU A 111 15.01 -2.75 20.65
CA GLU A 111 15.57 -4.10 20.93
C GLU A 111 14.99 -4.64 22.24
N HIS A 112 13.70 -4.73 22.34
CA HIS A 112 13.07 -5.26 23.58
C HIS A 112 13.23 -6.78 23.65
N HIS A 113 13.73 -7.38 22.61
CA HIS A 113 13.91 -8.86 22.62
C HIS A 113 14.85 -9.27 23.74
N HIS A 114 16.09 -8.85 23.67
CA HIS A 114 17.07 -9.22 24.74
C HIS A 114 17.27 -10.73 24.77
N HIS A 115 16.99 -11.41 23.69
CA HIS A 115 17.16 -12.89 23.66
C HIS A 115 18.55 -13.24 23.13
N HIS A 116 19.28 -14.05 23.86
CA HIS A 116 20.65 -14.44 23.40
C HIS A 116 20.57 -15.60 22.41
N HIS A 117 21.67 -16.00 21.85
CA HIS A 117 21.65 -17.13 20.87
C HIS A 117 20.62 -16.87 19.77
N MET A 1 -9.47 21.64 -4.06
CA MET A 1 -10.13 21.41 -5.38
C MET A 1 -10.36 19.91 -5.59
N ASP A 2 -9.34 19.12 -5.41
CA ASP A 2 -9.50 17.65 -5.61
C ASP A 2 -10.24 17.36 -6.93
N LYS A 3 -9.67 17.77 -8.03
CA LYS A 3 -10.33 17.53 -9.34
C LYS A 3 -9.29 17.15 -10.40
N LEU A 4 -9.30 15.92 -10.84
CA LEU A 4 -8.31 15.49 -11.88
C LEU A 4 -6.89 15.88 -11.44
N GLN A 5 -6.14 14.94 -10.94
CA GLN A 5 -4.75 15.24 -10.50
C GLN A 5 -3.81 14.11 -10.90
N LEU A 6 -4.21 12.88 -10.68
CA LEU A 6 -3.33 11.73 -11.05
C LEU A 6 -3.28 11.58 -12.57
N LYS A 7 -2.10 11.52 -13.13
CA LYS A 7 -1.98 11.37 -14.61
C LYS A 7 -1.02 10.22 -14.95
N GLY A 8 -1.55 9.06 -15.23
CA GLY A 8 -0.67 7.91 -15.57
C GLY A 8 -1.53 6.67 -15.85
N MET A 9 -1.85 6.43 -17.10
CA MET A 9 -2.69 5.24 -17.45
C MET A 9 -4.02 5.30 -16.69
N SER A 10 -4.04 4.88 -15.46
CA SER A 10 -5.31 4.91 -14.67
C SER A 10 -6.36 4.04 -15.36
N TYR A 11 -7.35 3.60 -14.62
CA TYR A 11 -8.41 2.75 -15.22
C TYR A 11 -9.74 2.97 -14.48
N SER A 12 -9.88 2.44 -13.30
CA SER A 12 -11.13 2.63 -12.53
C SER A 12 -10.78 2.80 -11.04
N MET A 13 -11.25 1.93 -10.18
CA MET A 13 -10.91 2.09 -8.74
C MET A 13 -11.55 0.96 -7.92
N CYS A 14 -10.81 -0.08 -7.65
CA CYS A 14 -11.38 -1.19 -6.83
C CYS A 14 -11.76 -0.63 -5.45
N THR A 15 -12.99 -0.23 -5.27
CA THR A 15 -13.40 0.36 -3.95
C THR A 15 -14.11 -0.65 -3.06
N GLY A 16 -14.31 -1.86 -3.50
CA GLY A 16 -15.01 -2.84 -2.62
C GLY A 16 -14.13 -3.15 -1.41
N LYS A 17 -13.56 -4.32 -1.35
CA LYS A 17 -12.69 -4.67 -0.19
C LYS A 17 -11.42 -5.38 -0.66
N PHE A 18 -10.53 -5.72 0.24
CA PHE A 18 -9.28 -6.42 -0.19
C PHE A 18 -8.90 -7.56 0.75
N LYS A 19 -8.36 -8.62 0.20
CA LYS A 19 -7.95 -9.77 1.04
C LYS A 19 -6.43 -9.92 0.98
N VAL A 20 -5.75 -9.79 2.09
CA VAL A 20 -4.28 -9.94 2.06
C VAL A 20 -3.93 -11.33 1.54
N VAL A 21 -3.02 -11.41 0.61
CA VAL A 21 -2.61 -12.72 0.05
C VAL A 21 -1.22 -13.03 0.60
N LYS A 22 -0.51 -12.00 0.93
CA LYS A 22 0.85 -12.16 1.52
C LYS A 22 1.19 -10.89 2.31
N GLU A 23 1.67 -11.07 3.51
CA GLU A 23 2.01 -9.90 4.38
C GLU A 23 2.91 -8.92 3.65
N ILE A 24 2.91 -7.69 4.08
CA ILE A 24 3.76 -6.67 3.43
C ILE A 24 5.21 -7.15 3.37
N ALA A 25 5.83 -7.03 2.24
CA ALA A 25 7.25 -7.45 2.11
C ALA A 25 8.11 -6.21 1.96
N GLU A 26 9.41 -6.34 2.01
CA GLU A 26 10.26 -5.13 1.86
C GLU A 26 11.11 -5.23 0.60
N THR A 27 11.18 -4.17 -0.16
CA THR A 27 11.98 -4.21 -1.41
C THR A 27 13.40 -3.70 -1.15
N GLN A 28 14.25 -3.75 -2.13
CA GLN A 28 15.65 -3.29 -1.94
C GLN A 28 15.76 -1.80 -2.24
N HIS A 29 14.70 -1.06 -2.08
CA HIS A 29 14.75 0.40 -2.37
C HIS A 29 14.16 1.19 -1.20
N GLY A 30 13.83 0.53 -0.13
CA GLY A 30 13.23 1.24 1.04
C GLY A 30 11.71 1.13 0.96
N THR A 31 11.20 0.42 -0.01
CA THR A 31 9.72 0.29 -0.14
C THR A 31 9.25 -1.02 0.50
N ILE A 32 7.99 -1.29 0.41
CA ILE A 32 7.44 -2.55 0.98
C ILE A 32 6.43 -3.10 -0.01
N VAL A 33 6.21 -4.37 -0.02
CA VAL A 33 5.25 -4.93 -1.01
C VAL A 33 4.08 -5.65 -0.35
N ILE A 34 2.89 -5.33 -0.77
CA ILE A 34 1.70 -5.99 -0.19
C ILE A 34 1.00 -6.83 -1.28
N ARG A 35 0.89 -8.10 -1.06
CA ARG A 35 0.23 -8.94 -2.08
C ARG A 35 -1.14 -9.33 -1.54
N VAL A 36 -2.17 -8.85 -2.17
CA VAL A 36 -3.52 -9.16 -1.68
C VAL A 36 -4.37 -9.61 -2.84
N GLN A 37 -5.62 -9.71 -2.61
CA GLN A 37 -6.53 -10.16 -3.67
C GLN A 37 -7.75 -9.24 -3.66
N TYR A 38 -8.09 -8.69 -4.77
CA TYR A 38 -9.26 -7.77 -4.78
C TYR A 38 -10.52 -8.51 -4.34
N GLU A 39 -11.17 -8.03 -3.33
CA GLU A 39 -12.41 -8.70 -2.84
C GLU A 39 -13.62 -7.91 -3.32
N GLY A 40 -13.43 -6.66 -3.61
CA GLY A 40 -14.56 -5.81 -4.08
C GLY A 40 -15.07 -6.32 -5.42
N ASP A 41 -15.78 -5.49 -6.13
CA ASP A 41 -16.31 -5.90 -7.45
C ASP A 41 -16.27 -4.73 -8.44
N GLY A 42 -15.22 -4.62 -9.21
CA GLY A 42 -15.12 -3.49 -10.17
C GLY A 42 -14.28 -3.91 -11.39
N SER A 43 -14.06 -5.18 -11.57
CA SER A 43 -13.26 -5.63 -12.74
C SER A 43 -11.98 -4.78 -12.84
N PRO A 44 -11.38 -4.74 -13.99
CA PRO A 44 -10.14 -3.95 -14.16
C PRO A 44 -10.26 -2.59 -13.47
N CYS A 45 -9.79 -2.50 -12.25
CA CYS A 45 -9.87 -1.22 -11.51
C CYS A 45 -8.59 -0.99 -10.69
N LYS A 46 -8.44 0.18 -10.13
CA LYS A 46 -7.20 0.49 -9.34
C LYS A 46 -7.35 0.06 -7.88
N ILE A 47 -6.27 0.00 -7.16
CA ILE A 47 -6.33 -0.47 -5.75
C ILE A 47 -6.10 0.67 -4.74
N PRO A 48 -7.06 0.81 -3.85
CA PRO A 48 -6.97 1.85 -2.79
C PRO A 48 -5.77 1.57 -1.87
N PHE A 49 -5.15 2.60 -1.37
CA PHE A 49 -3.97 2.41 -0.48
C PHE A 49 -3.79 3.61 0.44
N GLU A 50 -3.08 3.44 1.52
CA GLU A 50 -2.86 4.59 2.46
C GLU A 50 -1.95 4.15 3.62
N ILE A 51 -0.79 4.73 3.72
CA ILE A 51 0.14 4.34 4.83
C ILE A 51 0.19 5.45 5.88
N MET A 52 -0.91 5.72 6.54
CA MET A 52 -0.92 6.78 7.58
C MET A 52 -2.04 6.51 8.60
N ASP A 53 -3.27 6.60 8.18
CA ASP A 53 -4.40 6.36 9.12
C ASP A 53 -4.38 7.36 10.28
N LEU A 54 -3.46 7.19 11.19
CA LEU A 54 -3.39 8.14 12.35
C LEU A 54 -2.95 9.53 11.88
N GLU A 55 -2.59 9.67 10.63
CA GLU A 55 -2.16 11.00 10.12
C GLU A 55 -2.48 11.12 8.63
N LYS A 56 -3.72 10.93 8.26
CA LYS A 56 -4.09 11.03 6.82
C LYS A 56 -4.70 12.41 6.53
N ARG A 57 -3.88 13.41 6.41
CA ARG A 57 -4.42 14.78 6.12
C ARG A 57 -4.05 15.20 4.70
N HIS A 58 -2.95 14.71 4.19
CA HIS A 58 -2.53 15.09 2.81
C HIS A 58 -1.25 14.37 2.42
N VAL A 59 -0.19 14.59 3.14
CA VAL A 59 1.10 13.91 2.80
C VAL A 59 1.17 12.53 3.49
N LEU A 60 2.01 11.66 2.99
CA LEU A 60 2.12 10.30 3.59
C LEU A 60 3.19 9.48 2.86
N GLY A 61 3.31 8.23 3.19
CA GLY A 61 4.34 7.38 2.51
C GLY A 61 4.17 7.50 1.00
N ARG A 62 4.95 6.77 0.24
CA ARG A 62 4.83 6.84 -1.23
C ARG A 62 4.35 5.51 -1.79
N LEU A 63 3.96 5.48 -3.03
CA LEU A 63 3.49 4.21 -3.64
C LEU A 63 4.18 3.99 -4.97
N ILE A 64 5.03 3.01 -5.05
CA ILE A 64 5.73 2.73 -6.33
C ILE A 64 4.72 2.15 -7.30
N THR A 65 3.70 1.56 -6.79
CA THR A 65 2.64 0.96 -7.63
C THR A 65 1.35 1.80 -7.46
N VAL A 66 1.54 3.06 -7.19
CA VAL A 66 0.41 4.02 -6.98
C VAL A 66 -0.94 3.43 -7.40
N ASN A 67 -1.79 3.19 -6.46
CA ASN A 67 -3.12 2.64 -6.77
C ASN A 67 -3.00 1.54 -7.84
N PRO A 68 -2.42 0.44 -7.45
CA PRO A 68 -2.25 -0.70 -8.38
C PRO A 68 -3.58 -1.03 -9.03
N ILE A 69 -3.64 -2.08 -9.81
CA ILE A 69 -4.94 -2.42 -10.47
C ILE A 69 -5.17 -3.92 -10.54
N VAL A 70 -6.40 -4.34 -10.39
CA VAL A 70 -6.72 -5.78 -10.52
C VAL A 70 -7.34 -5.99 -11.89
N THR A 71 -7.34 -7.20 -12.40
CA THR A 71 -7.93 -7.41 -13.76
C THR A 71 -9.14 -8.33 -13.72
N GLU A 72 -9.36 -9.04 -12.64
CA GLU A 72 -10.54 -9.95 -12.62
C GLU A 72 -11.20 -9.97 -11.24
N LYS A 73 -11.01 -8.94 -10.46
CA LYS A 73 -11.64 -8.91 -9.10
C LYS A 73 -11.05 -9.99 -8.19
N ASP A 74 -10.15 -10.79 -8.68
CA ASP A 74 -9.55 -11.85 -7.84
C ASP A 74 -8.06 -12.02 -8.15
N SER A 75 -7.54 -11.25 -9.07
CA SER A 75 -6.10 -11.38 -9.40
C SER A 75 -5.27 -10.78 -8.26
N PRO A 76 -4.62 -11.63 -7.53
CA PRO A 76 -3.79 -11.17 -6.39
C PRO A 76 -2.92 -10.00 -6.84
N VAL A 77 -2.96 -8.89 -6.13
CA VAL A 77 -2.12 -7.73 -6.54
C VAL A 77 -1.06 -7.40 -5.50
N ASN A 78 0.11 -6.99 -5.94
CA ASN A 78 1.21 -6.63 -5.00
C ASN A 78 1.37 -5.11 -4.96
N ILE A 79 1.49 -4.50 -3.80
CA ILE A 79 1.66 -3.02 -3.81
C ILE A 79 3.00 -2.60 -3.23
N GLU A 80 3.80 -1.94 -4.02
CA GLU A 80 5.13 -1.47 -3.56
C GLU A 80 5.03 -0.03 -3.09
N ALA A 81 5.16 0.22 -1.81
CA ALA A 81 5.04 1.62 -1.30
C ALA A 81 6.27 2.01 -0.48
N GLU A 82 6.62 3.26 -0.48
CA GLU A 82 7.80 3.70 0.31
C GLU A 82 7.35 4.37 1.62
N PRO A 83 7.43 3.62 2.68
CA PRO A 83 7.02 4.14 4.01
C PRO A 83 7.96 5.27 4.46
N PRO A 84 7.38 6.23 5.13
CA PRO A 84 8.18 7.38 5.63
C PRO A 84 9.24 6.91 6.64
N PHE A 85 8.82 6.56 7.83
CA PHE A 85 9.81 6.10 8.84
C PHE A 85 9.10 5.82 10.18
N GLY A 86 9.65 4.96 10.98
CA GLY A 86 9.01 4.64 12.30
C GLY A 86 7.84 3.69 12.08
N ASP A 87 6.94 3.60 13.03
CA ASP A 87 5.78 2.68 12.88
C ASP A 87 4.89 3.16 11.73
N SER A 88 4.37 2.24 10.95
CA SER A 88 3.49 2.64 9.82
C SER A 88 2.44 1.56 9.55
N TYR A 89 1.37 1.91 8.90
CA TYR A 89 0.31 0.90 8.62
C TYR A 89 -0.11 0.98 7.14
N ILE A 90 0.26 0.01 6.36
CA ILE A 90 -0.12 0.04 4.91
C ILE A 90 -1.60 -0.31 4.78
N ILE A 91 -2.41 0.66 4.45
CA ILE A 91 -3.87 0.38 4.31
C ILE A 91 -4.21 0.02 2.86
N ILE A 92 -5.11 -0.92 2.69
CA ILE A 92 -5.49 -1.33 1.31
C ILE A 92 -7.03 -1.31 1.17
N GLY A 93 -7.54 -0.82 0.08
CA GLY A 93 -9.01 -0.80 -0.08
C GLY A 93 -9.55 0.47 0.55
N VAL A 94 -10.82 0.51 0.83
CA VAL A 94 -11.40 1.73 1.44
C VAL A 94 -12.06 1.40 2.77
N GLU A 95 -12.04 2.34 3.69
CA GLU A 95 -12.64 2.13 5.05
C GLU A 95 -13.62 0.95 5.06
N PRO A 96 -14.61 1.03 4.21
CA PRO A 96 -15.64 -0.05 4.10
C PRO A 96 -15.00 -1.43 3.88
N GLY A 97 -14.36 -1.98 4.88
CA GLY A 97 -13.74 -3.33 4.73
C GLY A 97 -12.30 -3.23 4.25
N GLN A 98 -11.79 -2.04 4.11
CA GLN A 98 -10.37 -1.89 3.64
C GLN A 98 -9.43 -2.74 4.51
N LEU A 99 -8.27 -3.06 4.01
CA LEU A 99 -7.30 -3.88 4.80
C LEU A 99 -6.30 -2.98 5.52
N LYS A 100 -5.46 -3.54 6.34
CA LYS A 100 -4.46 -2.72 7.08
C LYS A 100 -3.23 -3.56 7.41
N LEU A 101 -2.05 -2.98 7.35
CA LEU A 101 -0.82 -3.75 7.67
C LEU A 101 0.20 -2.85 8.37
N ASN A 102 0.48 -3.12 9.62
CA ASN A 102 1.46 -2.29 10.37
C ASN A 102 2.90 -2.68 10.00
N TRP A 103 3.73 -1.73 9.68
CA TRP A 103 5.13 -2.05 9.32
C TRP A 103 6.10 -1.22 10.16
N PHE A 104 7.00 -1.86 10.85
CA PHE A 104 7.98 -1.10 11.68
C PHE A 104 9.15 -0.62 10.83
N LYS A 105 9.46 0.64 10.88
CA LYS A 105 10.59 1.17 10.07
C LYS A 105 11.37 2.23 10.86
N LYS A 106 11.69 1.95 12.09
CA LYS A 106 12.44 2.94 12.92
C LYS A 106 13.83 2.39 13.26
N GLY A 107 14.84 3.22 13.19
CA GLY A 107 16.22 2.75 13.53
C GLY A 107 17.15 3.02 12.35
N SER A 108 18.15 2.20 12.17
CA SER A 108 19.10 2.42 11.04
C SER A 108 19.86 1.14 10.74
N SER A 109 20.38 0.48 11.74
CA SER A 109 21.13 -0.78 11.51
C SER A 109 21.45 -1.46 12.84
N LEU A 110 20.62 -1.27 13.83
CA LEU A 110 20.87 -1.91 15.15
C LEU A 110 19.99 -3.15 15.33
N GLU A 111 19.74 -3.86 14.26
CA GLU A 111 18.89 -5.08 14.36
C GLU A 111 19.74 -6.31 14.68
N HIS A 112 19.14 -7.35 15.17
CA HIS A 112 19.92 -8.58 15.49
C HIS A 112 21.17 -8.21 16.29
N HIS A 113 21.05 -8.14 17.59
CA HIS A 113 22.23 -7.79 18.43
C HIS A 113 22.51 -8.90 19.44
N HIS A 114 23.52 -8.73 20.26
CA HIS A 114 23.85 -9.78 21.26
C HIS A 114 24.34 -9.14 22.57
N HIS A 115 25.54 -8.63 22.56
CA HIS A 115 26.07 -7.98 23.79
C HIS A 115 26.17 -9.01 24.93
N HIS A 116 26.03 -8.56 26.15
CA HIS A 116 26.12 -9.51 27.30
C HIS A 116 24.75 -10.14 27.56
N HIS A 117 23.71 -9.56 27.03
CA HIS A 117 22.34 -10.14 27.25
C HIS A 117 22.33 -11.62 26.88
N MET A 1 6.25 20.53 -10.92
CA MET A 1 5.72 20.46 -12.32
C MET A 1 5.52 19.00 -12.73
N ASP A 2 5.07 18.17 -11.83
CA ASP A 2 4.85 16.73 -12.18
C ASP A 2 3.49 16.56 -12.87
N LYS A 3 3.03 15.35 -12.99
CA LYS A 3 1.71 15.11 -13.65
C LYS A 3 0.74 14.44 -12.68
N LEU A 4 0.98 14.58 -11.40
CA LEU A 4 0.06 13.95 -10.40
C LEU A 4 -1.40 14.16 -10.82
N GLN A 5 -2.24 13.22 -10.52
CA GLN A 5 -3.68 13.37 -10.89
C GLN A 5 -4.43 12.06 -10.63
N LEU A 6 -4.39 11.55 -9.43
CA LEU A 6 -5.10 10.29 -9.12
C LEU A 6 -6.57 10.39 -9.52
N LYS A 7 -7.27 11.34 -9.00
CA LYS A 7 -8.72 11.50 -9.35
C LYS A 7 -8.84 12.10 -10.76
N GLY A 8 -7.75 12.49 -11.35
CA GLY A 8 -7.82 13.08 -12.71
C GLY A 8 -8.02 11.96 -13.74
N MET A 9 -7.59 10.76 -13.42
CA MET A 9 -7.76 9.64 -14.38
C MET A 9 -8.15 8.36 -13.63
N SER A 10 -7.19 7.57 -13.24
CA SER A 10 -7.52 6.31 -12.51
C SER A 10 -8.47 5.45 -13.34
N TYR A 11 -8.58 4.19 -13.03
CA TYR A 11 -9.49 3.30 -13.81
C TYR A 11 -10.86 3.25 -13.13
N SER A 12 -10.98 2.58 -12.03
CA SER A 12 -12.30 2.49 -11.35
C SER A 12 -12.16 2.69 -9.83
N MET A 13 -10.95 2.76 -9.33
CA MET A 13 -10.77 2.94 -7.87
C MET A 13 -11.50 1.81 -7.14
N CYS A 14 -10.89 0.66 -7.05
CA CYS A 14 -11.56 -0.49 -6.39
C CYS A 14 -11.96 -0.10 -4.97
N THR A 15 -13.22 0.21 -4.77
CA THR A 15 -13.69 0.63 -3.41
C THR A 15 -14.26 -0.54 -2.62
N GLY A 16 -14.40 -1.70 -3.22
CA GLY A 16 -14.96 -2.84 -2.46
C GLY A 16 -14.05 -3.15 -1.27
N LYS A 17 -13.47 -4.33 -1.23
CA LYS A 17 -12.57 -4.67 -0.09
C LYS A 17 -11.33 -5.42 -0.61
N PHE A 18 -10.37 -5.68 0.23
CA PHE A 18 -9.15 -6.39 -0.24
C PHE A 18 -8.77 -7.54 0.70
N LYS A 19 -8.32 -8.63 0.14
CA LYS A 19 -7.91 -9.79 0.97
C LYS A 19 -6.40 -9.97 0.89
N VAL A 20 -5.71 -9.88 1.99
CA VAL A 20 -4.23 -10.06 1.92
C VAL A 20 -3.90 -11.44 1.37
N VAL A 21 -3.00 -11.51 0.43
CA VAL A 21 -2.61 -12.81 -0.16
C VAL A 21 -1.23 -13.15 0.39
N LYS A 22 -0.50 -12.13 0.73
CA LYS A 22 0.85 -12.31 1.33
C LYS A 22 1.20 -11.05 2.12
N GLU A 23 1.68 -11.24 3.32
CA GLU A 23 2.03 -10.09 4.20
C GLU A 23 2.93 -9.08 3.48
N ILE A 24 2.96 -7.87 3.98
CA ILE A 24 3.80 -6.82 3.34
C ILE A 24 5.27 -7.27 3.30
N ALA A 25 5.90 -7.11 2.18
CA ALA A 25 7.32 -7.48 2.06
C ALA A 25 8.14 -6.20 1.89
N GLU A 26 9.40 -6.21 2.18
CA GLU A 26 10.17 -4.94 2.00
C GLU A 26 11.15 -5.08 0.85
N THR A 27 11.18 -4.10 -0.02
CA THR A 27 12.11 -4.17 -1.19
C THR A 27 13.45 -3.52 -0.83
N GLN A 28 14.40 -3.59 -1.73
CA GLN A 28 15.74 -2.98 -1.44
C GLN A 28 15.70 -1.47 -1.70
N HIS A 29 14.71 -1.00 -2.40
CA HIS A 29 14.63 0.47 -2.68
C HIS A 29 14.03 1.21 -1.47
N GLY A 30 13.73 0.49 -0.42
CA GLY A 30 13.15 1.14 0.78
C GLY A 30 11.63 1.08 0.70
N THR A 31 11.11 0.34 -0.25
CA THR A 31 9.62 0.24 -0.39
C THR A 31 9.12 -1.04 0.28
N ILE A 32 7.83 -1.21 0.31
CA ILE A 32 7.25 -2.44 0.92
C ILE A 32 6.26 -3.02 -0.08
N VAL A 33 6.20 -4.31 -0.17
CA VAL A 33 5.28 -4.95 -1.15
C VAL A 33 4.12 -5.66 -0.47
N ILE A 34 2.92 -5.41 -0.91
CA ILE A 34 1.75 -6.08 -0.32
C ILE A 34 1.04 -6.90 -1.38
N ARG A 35 0.92 -8.17 -1.18
CA ARG A 35 0.23 -9.01 -2.19
C ARG A 35 -1.14 -9.39 -1.65
N VAL A 36 -2.16 -8.87 -2.24
CA VAL A 36 -3.52 -9.16 -1.75
C VAL A 36 -4.39 -9.55 -2.91
N GLN A 37 -5.64 -9.62 -2.69
CA GLN A 37 -6.56 -10.00 -3.77
C GLN A 37 -7.74 -9.05 -3.73
N TYR A 38 -8.09 -8.47 -4.83
CA TYR A 38 -9.22 -7.50 -4.80
C TYR A 38 -10.50 -8.19 -4.33
N GLU A 39 -11.08 -7.70 -3.28
CA GLU A 39 -12.34 -8.31 -2.76
C GLU A 39 -13.49 -7.34 -2.97
N GLY A 40 -13.49 -6.67 -4.08
CA GLY A 40 -14.57 -5.68 -4.37
C GLY A 40 -15.11 -5.90 -5.77
N ASP A 41 -15.76 -4.91 -6.31
CA ASP A 41 -16.32 -5.05 -7.70
C ASP A 41 -15.75 -3.95 -8.60
N GLY A 42 -15.47 -4.28 -9.83
CA GLY A 42 -14.91 -3.24 -10.75
C GLY A 42 -14.09 -3.88 -11.87
N SER A 43 -13.79 -5.15 -11.78
CA SER A 43 -12.98 -5.78 -12.87
C SER A 43 -11.70 -4.96 -13.06
N PRO A 44 -11.11 -4.96 -14.24
CA PRO A 44 -9.88 -4.16 -14.44
C PRO A 44 -10.05 -2.81 -13.75
N CYS A 45 -9.53 -2.69 -12.57
CA CYS A 45 -9.69 -1.42 -11.80
C CYS A 45 -8.43 -1.17 -10.95
N LYS A 46 -8.33 -0.01 -10.36
CA LYS A 46 -7.12 0.32 -9.54
C LYS A 46 -7.28 -0.16 -8.09
N ILE A 47 -6.24 0.00 -7.28
CA ILE A 47 -6.31 -0.48 -5.88
C ILE A 47 -6.04 0.65 -4.86
N PRO A 48 -6.94 0.76 -3.92
CA PRO A 48 -6.81 1.79 -2.84
C PRO A 48 -5.62 1.50 -1.93
N PHE A 49 -4.98 2.52 -1.43
CA PHE A 49 -3.82 2.33 -0.53
C PHE A 49 -3.65 3.57 0.38
N GLU A 50 -3.04 3.42 1.53
CA GLU A 50 -2.88 4.61 2.41
C GLU A 50 -1.83 4.33 3.49
N ILE A 51 -0.83 5.16 3.59
CA ILE A 51 0.22 4.96 4.63
C ILE A 51 0.34 6.21 5.50
N MET A 52 0.17 6.08 6.78
CA MET A 52 0.29 7.27 7.68
C MET A 52 1.25 6.99 8.83
N ASP A 53 0.97 5.98 9.61
CA ASP A 53 1.86 5.66 10.76
C ASP A 53 1.81 6.77 11.80
N LEU A 54 2.32 7.93 11.47
CA LEU A 54 2.29 9.06 12.44
C LEU A 54 0.92 9.15 13.12
N GLU A 55 -0.08 9.53 12.38
CA GLU A 55 -1.45 9.63 12.98
C GLU A 55 -2.50 9.16 11.98
N LYS A 56 -2.89 10.01 11.07
CA LYS A 56 -3.91 9.62 10.05
C LYS A 56 -4.44 10.86 9.33
N ARG A 57 -3.60 11.84 9.10
CA ARG A 57 -4.06 13.07 8.40
C ARG A 57 -2.94 13.65 7.53
N HIS A 58 -2.04 12.82 7.08
CA HIS A 58 -0.92 13.32 6.23
C HIS A 58 -0.21 12.16 5.53
N VAL A 59 -0.43 11.99 4.27
CA VAL A 59 0.23 10.87 3.53
C VAL A 59 1.70 11.24 3.25
N LEU A 60 2.60 10.77 4.07
CA LEU A 60 4.04 11.09 3.85
C LEU A 60 4.77 9.90 3.23
N GLY A 61 4.05 8.95 2.70
CA GLY A 61 4.70 7.76 2.09
C GLY A 61 4.53 7.80 0.57
N ARG A 62 5.16 6.91 -0.14
CA ARG A 62 5.04 6.90 -1.62
C ARG A 62 4.52 5.55 -2.11
N LEU A 63 4.10 5.49 -3.33
CA LEU A 63 3.60 4.20 -3.87
C LEU A 63 4.24 3.93 -5.23
N ILE A 64 5.09 2.96 -5.31
CA ILE A 64 5.74 2.64 -6.62
C ILE A 64 4.69 2.07 -7.56
N THR A 65 3.73 1.42 -7.00
CA THR A 65 2.64 0.83 -7.81
C THR A 65 1.38 1.69 -7.63
N VAL A 66 1.60 2.96 -7.40
CA VAL A 66 0.49 3.96 -7.20
C VAL A 66 -0.86 3.39 -7.60
N ASN A 67 -1.71 3.17 -6.64
CA ASN A 67 -3.06 2.63 -6.96
C ASN A 67 -2.93 1.49 -7.98
N PRO A 68 -2.37 0.40 -7.54
CA PRO A 68 -2.19 -0.78 -8.42
C PRO A 68 -3.52 -1.10 -9.11
N ILE A 69 -3.55 -2.13 -9.92
CA ILE A 69 -4.83 -2.45 -10.62
C ILE A 69 -5.09 -3.95 -10.68
N VAL A 70 -6.32 -4.34 -10.58
CA VAL A 70 -6.67 -5.80 -10.69
C VAL A 70 -7.19 -6.06 -12.11
N THR A 71 -7.37 -7.29 -12.49
CA THR A 71 -7.86 -7.55 -13.88
C THR A 71 -9.10 -8.45 -13.85
N GLU A 72 -9.35 -9.12 -12.76
CA GLU A 72 -10.55 -10.01 -12.73
C GLU A 72 -11.25 -9.92 -11.37
N LYS A 73 -10.94 -8.92 -10.59
CA LYS A 73 -11.58 -8.78 -9.25
C LYS A 73 -11.01 -9.80 -8.26
N ASP A 74 -10.21 -10.72 -8.72
CA ASP A 74 -9.64 -11.73 -7.80
C ASP A 74 -8.16 -11.96 -8.12
N SER A 75 -7.63 -11.25 -9.07
CA SER A 75 -6.19 -11.41 -9.42
C SER A 75 -5.35 -10.79 -8.31
N PRO A 76 -4.71 -11.62 -7.53
CA PRO A 76 -3.88 -11.13 -6.42
C PRO A 76 -2.97 -10.00 -6.90
N VAL A 77 -2.95 -8.89 -6.21
CA VAL A 77 -2.08 -7.75 -6.64
C VAL A 77 -1.01 -7.42 -5.60
N ASN A 78 0.15 -7.02 -6.04
CA ASN A 78 1.24 -6.66 -5.09
C ASN A 78 1.40 -5.14 -5.04
N ILE A 79 1.53 -4.53 -3.88
CA ILE A 79 1.68 -3.05 -3.88
C ILE A 79 3.03 -2.63 -3.29
N GLU A 80 3.82 -1.96 -4.07
CA GLU A 80 5.16 -1.50 -3.60
C GLU A 80 5.05 -0.05 -3.11
N ALA A 81 5.10 0.18 -1.82
CA ALA A 81 4.99 1.57 -1.31
C ALA A 81 6.31 2.02 -0.69
N GLU A 82 6.61 3.29 -0.79
CA GLU A 82 7.89 3.81 -0.22
C GLU A 82 7.62 4.75 0.95
N PRO A 83 6.87 4.27 1.91
CA PRO A 83 6.55 5.10 3.10
C PRO A 83 7.81 5.36 3.92
N PRO A 84 7.74 6.38 4.73
CA PRO A 84 8.88 6.75 5.59
C PRO A 84 9.22 5.59 6.53
N PHE A 85 9.99 4.65 6.07
CA PHE A 85 10.35 3.49 6.93
C PHE A 85 9.09 2.66 7.24
N GLY A 86 9.18 1.74 8.16
CA GLY A 86 7.99 0.91 8.50
C GLY A 86 6.82 1.84 8.86
N ASP A 87 5.83 1.91 8.01
CA ASP A 87 4.65 2.78 8.31
C ASP A 87 3.65 2.04 9.20
N SER A 88 4.14 1.33 10.17
CA SER A 88 3.23 0.58 11.08
C SER A 88 2.06 -0.05 10.31
N TYR A 89 0.84 0.28 10.65
CA TYR A 89 -0.32 -0.33 9.95
C TYR A 89 -0.56 0.29 8.58
N ILE A 90 -0.13 -0.35 7.53
CA ILE A 90 -0.38 0.20 6.16
C ILE A 90 -1.86 -0.02 5.83
N ILE A 91 -2.37 0.58 4.78
CA ILE A 91 -3.82 0.36 4.49
C ILE A 91 -4.06 0.00 3.03
N ILE A 92 -5.00 -0.88 2.79
CA ILE A 92 -5.33 -1.30 1.41
C ILE A 92 -6.85 -1.29 1.22
N GLY A 93 -7.35 -0.81 0.12
CA GLY A 93 -8.81 -0.79 -0.06
C GLY A 93 -9.37 0.50 0.56
N VAL A 94 -10.62 0.51 0.88
CA VAL A 94 -11.20 1.74 1.47
C VAL A 94 -11.86 1.43 2.82
N GLU A 95 -11.85 2.40 3.71
CA GLU A 95 -12.45 2.21 5.08
C GLU A 95 -13.45 1.05 5.10
N PRO A 96 -14.44 1.15 4.25
CA PRO A 96 -15.48 0.09 4.15
C PRO A 96 -14.86 -1.30 3.94
N GLY A 97 -14.21 -1.85 4.93
CA GLY A 97 -13.61 -3.22 4.78
C GLY A 97 -12.16 -3.13 4.28
N GLN A 98 -11.62 -1.95 4.19
CA GLN A 98 -10.21 -1.82 3.71
C GLN A 98 -9.29 -2.74 4.52
N LEU A 99 -8.12 -3.04 4.01
CA LEU A 99 -7.18 -3.93 4.75
C LEU A 99 -6.18 -3.11 5.56
N LYS A 100 -5.43 -3.76 6.41
CA LYS A 100 -4.41 -3.05 7.23
C LYS A 100 -3.26 -4.00 7.59
N LEU A 101 -2.05 -3.52 7.61
CA LEU A 101 -0.90 -4.42 7.95
C LEU A 101 0.10 -3.72 8.87
N ASN A 102 0.29 -4.22 10.06
CA ASN A 102 1.25 -3.59 11.00
C ASN A 102 2.65 -3.58 10.39
N TRP A 103 3.43 -2.57 10.67
CA TRP A 103 4.81 -2.50 10.10
C TRP A 103 5.62 -1.40 10.80
N PHE A 104 5.79 -1.50 12.09
CA PHE A 104 6.56 -0.46 12.81
C PHE A 104 8.02 -0.45 12.34
N LYS A 105 8.42 0.59 11.64
CA LYS A 105 9.83 0.67 11.14
C LYS A 105 10.18 -0.56 10.30
N LYS A 106 10.52 -1.65 10.93
CA LYS A 106 10.87 -2.88 10.16
C LYS A 106 10.98 -4.08 11.09
N GLY A 107 11.95 -4.06 11.98
CA GLY A 107 12.11 -5.20 12.92
C GLY A 107 13.52 -5.20 13.51
N SER A 108 14.43 -5.89 12.88
CA SER A 108 15.83 -5.92 13.40
C SER A 108 16.74 -5.11 12.49
N SER A 109 16.96 -3.87 12.80
CA SER A 109 17.85 -3.02 11.95
C SER A 109 19.32 -3.35 12.23
N LEU A 110 19.98 -4.00 11.31
CA LEU A 110 21.41 -4.35 11.52
C LEU A 110 22.27 -3.75 10.40
N GLU A 111 21.87 -2.64 9.86
CA GLU A 111 22.66 -2.01 8.77
C GLU A 111 22.39 -0.51 8.71
N HIS A 112 21.16 -0.11 8.90
CA HIS A 112 20.83 1.34 8.86
C HIS A 112 20.81 1.92 10.27
N HIS A 113 21.62 2.92 10.52
CA HIS A 113 21.65 3.53 11.89
C HIS A 113 22.60 4.73 11.90
N HIS A 114 23.20 5.01 13.03
CA HIS A 114 24.13 6.17 13.12
C HIS A 114 24.67 6.31 14.54
N HIS A 115 25.42 7.35 14.80
CA HIS A 115 25.97 7.55 16.18
C HIS A 115 26.03 9.03 16.51
N HIS A 116 27.12 9.69 16.20
CA HIS A 116 27.22 11.14 16.51
C HIS A 116 28.63 11.65 16.19
N HIS A 117 28.74 12.77 15.55
CA HIS A 117 30.09 13.31 15.20
C HIS A 117 30.26 14.71 15.80
#